data_6GLK
# 
_entry.id   6GLK 
# 
_audit_conform.dict_name       mmcif_pdbx.dic 
_audit_conform.dict_version    5.383 
_audit_conform.dict_location   http://mmcif.pdb.org/dictionaries/ascii/mmcif_pdbx.dic 
# 
loop_
_database_2.database_id 
_database_2.database_code 
_database_2.pdbx_database_accession 
_database_2.pdbx_DOI 
PDB   6GLK         pdb_00006glk 10.2210/pdb6glk/pdb 
WWPDB D_1200010111 ?            ?                   
# 
loop_
_pdbx_audit_revision_history.ordinal 
_pdbx_audit_revision_history.data_content_type 
_pdbx_audit_revision_history.major_revision 
_pdbx_audit_revision_history.minor_revision 
_pdbx_audit_revision_history.revision_date 
1 'Structure model' 1 0 2019-02-20 
2 'Structure model' 1 1 2024-01-17 
# 
_pdbx_audit_revision_details.ordinal             1 
_pdbx_audit_revision_details.revision_ordinal    1 
_pdbx_audit_revision_details.data_content_type   'Structure model' 
_pdbx_audit_revision_details.provider            repository 
_pdbx_audit_revision_details.type                'Initial release' 
_pdbx_audit_revision_details.description         ? 
_pdbx_audit_revision_details.details             ? 
# 
loop_
_pdbx_audit_revision_group.ordinal 
_pdbx_audit_revision_group.revision_ordinal 
_pdbx_audit_revision_group.data_content_type 
_pdbx_audit_revision_group.group 
1 2 'Structure model' 'Data collection'        
2 2 'Structure model' 'Database references'    
3 2 'Structure model' 'Refinement description' 
# 
loop_
_pdbx_audit_revision_category.ordinal 
_pdbx_audit_revision_category.revision_ordinal 
_pdbx_audit_revision_category.data_content_type 
_pdbx_audit_revision_category.category 
1 2 'Structure model' chem_comp_atom                
2 2 'Structure model' chem_comp_bond                
3 2 'Structure model' database_2                    
4 2 'Structure model' pdbx_initial_refinement_model 
# 
loop_
_pdbx_audit_revision_item.ordinal 
_pdbx_audit_revision_item.revision_ordinal 
_pdbx_audit_revision_item.data_content_type 
_pdbx_audit_revision_item.item 
1 2 'Structure model' '_database_2.pdbx_DOI'                
2 2 'Structure model' '_database_2.pdbx_database_accession' 
# 
_pdbx_database_status.status_code                     REL 
_pdbx_database_status.status_code_sf                  REL 
_pdbx_database_status.status_code_mr                  ? 
_pdbx_database_status.entry_id                        6GLK 
_pdbx_database_status.recvd_initial_deposition_date   2018-05-23 
_pdbx_database_status.SG_entry                        N 
_pdbx_database_status.deposit_site                    PDBE 
_pdbx_database_status.process_site                    PDBE 
_pdbx_database_status.status_code_cs                  ? 
_pdbx_database_status.methods_development_category    ? 
_pdbx_database_status.pdb_format_compatible           Y 
_pdbx_database_status.status_code_nmr_data            ? 
# 
loop_
_audit_author.name 
_audit_author.pdbx_ordinal 
_audit_author.identifier_ORCID 
'Eberle, S.A.' 1 ? 
'Wiedmer, L.'  2 ? 
'Sledz, P.'    3 ? 
'Caflisch, A.' 4 ? 
# 
_citation.abstract                  ? 
_citation.abstract_id_CAS           ? 
_citation.book_id_ISBN              ? 
_citation.book_publisher            ? 
_citation.book_publisher_city       ? 
_citation.book_title                ? 
_citation.coordinate_linkage        ? 
_citation.country                   ? 
_citation.database_id_Medline       ? 
_citation.details                   ? 
_citation.id                        primary 
_citation.journal_abbrev            'To Be Published' 
_citation.journal_id_ASTM           ? 
_citation.journal_id_CSD            0353 
_citation.journal_id_ISSN           ? 
_citation.journal_full              ? 
_citation.journal_issue             ? 
_citation.journal_volume            ? 
_citation.language                  ? 
_citation.page_first                ? 
_citation.page_last                 ? 
_citation.title                     'in progress' 
_citation.year                      ? 
_citation.database_id_CSD           ? 
_citation.pdbx_database_id_DOI      ? 
_citation.pdbx_database_id_PubMed   ? 
_citation.unpublished_flag          ? 
# 
loop_
_citation_author.citation_id 
_citation_author.name 
_citation_author.ordinal 
_citation_author.identifier_ORCID 
primary 'Eberle, S.A.' 1 ? 
primary 'Wiedmer, L.'  2 ? 
primary 'Sledz, P.'    3 ? 
primary 'Caflisch, A.' 4 ? 
# 
loop_
_entity.id 
_entity.type 
_entity.src_method 
_entity.pdbx_description 
_entity.formula_weight 
_entity.pdbx_number_of_molecules 
_entity.pdbx_ec 
_entity.pdbx_mutation 
_entity.pdbx_fragment 
_entity.details 
1 polymer     man '7,8-dihydro-8-oxoguanine triphosphatase' 21061.900 1   3.6.1.55,3.6.1.56 ? ? ? 
2 non-polymer syn 'SULFATE ION'                             96.063    3   ?                 ? ? ? 
3 water       nat water                                     18.015    158 ?                 ? ? ? 
# 
_entity_name_com.entity_id   1 
_entity_name_com.name        
'2-hydroxy-dATP diphosphatase,8-oxo-dGTPase,Nucleoside diphosphate-linked moiety X motif 1,Nudix motif 1' 
# 
_entity_poly.entity_id                      1 
_entity_poly.type                           'polypeptide(L)' 
_entity_poly.nstd_linkage                   no 
_entity_poly.nstd_monomer                   no 
_entity_poly.pdbx_seq_one_letter_code       
;MKHHHHHHPMSDYDIPTTENLYFQGAMGASRLYTLVLVLQPQRVLLGMKKRGFGAGRWAGFGGKVQEGETIEDGARRELQ
EESGLTVDALHKVGQIVFEFVGEPELMDVHVFCTDSIQGTPVESDEMRPCWFQLDQIPFKDMWPDDSYWFPLLLQKKKFH
GYFKFQGQDTILDYTLREVDTV
;
_entity_poly.pdbx_seq_one_letter_code_can   
;MKHHHHHHPMSDYDIPTTENLYFQGAMGASRLYTLVLVLQPQRVLLGMKKRGFGAGRWAGFGGKVQEGETIEDGARRELQ
EESGLTVDALHKVGQIVFEFVGEPELMDVHVFCTDSIQGTPVESDEMRPCWFQLDQIPFKDMWPDDSYWFPLLLQKKKFH
GYFKFQGQDTILDYTLREVDTV
;
_entity_poly.pdbx_strand_id                 A 
_entity_poly.pdbx_target_identifier         ? 
# 
loop_
_pdbx_entity_nonpoly.entity_id 
_pdbx_entity_nonpoly.name 
_pdbx_entity_nonpoly.comp_id 
2 'SULFATE ION' SO4 
3 water         HOH 
# 
loop_
_entity_poly_seq.entity_id 
_entity_poly_seq.num 
_entity_poly_seq.mon_id 
_entity_poly_seq.hetero 
1 1   MET n 
1 2   LYS n 
1 3   HIS n 
1 4   HIS n 
1 5   HIS n 
1 6   HIS n 
1 7   HIS n 
1 8   HIS n 
1 9   PRO n 
1 10  MET n 
1 11  SER n 
1 12  ASP n 
1 13  TYR n 
1 14  ASP n 
1 15  ILE n 
1 16  PRO n 
1 17  THR n 
1 18  THR n 
1 19  GLU n 
1 20  ASN n 
1 21  LEU n 
1 22  TYR n 
1 23  PHE n 
1 24  GLN n 
1 25  GLY n 
1 26  ALA n 
1 27  MET n 
1 28  GLY n 
1 29  ALA n 
1 30  SER n 
1 31  ARG n 
1 32  LEU n 
1 33  TYR n 
1 34  THR n 
1 35  LEU n 
1 36  VAL n 
1 37  LEU n 
1 38  VAL n 
1 39  LEU n 
1 40  GLN n 
1 41  PRO n 
1 42  GLN n 
1 43  ARG n 
1 44  VAL n 
1 45  LEU n 
1 46  LEU n 
1 47  GLY n 
1 48  MET n 
1 49  LYS n 
1 50  LYS n 
1 51  ARG n 
1 52  GLY n 
1 53  PHE n 
1 54  GLY n 
1 55  ALA n 
1 56  GLY n 
1 57  ARG n 
1 58  TRP n 
1 59  ALA n 
1 60  GLY n 
1 61  PHE n 
1 62  GLY n 
1 63  GLY n 
1 64  LYS n 
1 65  VAL n 
1 66  GLN n 
1 67  GLU n 
1 68  GLY n 
1 69  GLU n 
1 70  THR n 
1 71  ILE n 
1 72  GLU n 
1 73  ASP n 
1 74  GLY n 
1 75  ALA n 
1 76  ARG n 
1 77  ARG n 
1 78  GLU n 
1 79  LEU n 
1 80  GLN n 
1 81  GLU n 
1 82  GLU n 
1 83  SER n 
1 84  GLY n 
1 85  LEU n 
1 86  THR n 
1 87  VAL n 
1 88  ASP n 
1 89  ALA n 
1 90  LEU n 
1 91  HIS n 
1 92  LYS n 
1 93  VAL n 
1 94  GLY n 
1 95  GLN n 
1 96  ILE n 
1 97  VAL n 
1 98  PHE n 
1 99  GLU n 
1 100 PHE n 
1 101 VAL n 
1 102 GLY n 
1 103 GLU n 
1 104 PRO n 
1 105 GLU n 
1 106 LEU n 
1 107 MET n 
1 108 ASP n 
1 109 VAL n 
1 110 HIS n 
1 111 VAL n 
1 112 PHE n 
1 113 CYS n 
1 114 THR n 
1 115 ASP n 
1 116 SER n 
1 117 ILE n 
1 118 GLN n 
1 119 GLY n 
1 120 THR n 
1 121 PRO n 
1 122 VAL n 
1 123 GLU n 
1 124 SER n 
1 125 ASP n 
1 126 GLU n 
1 127 MET n 
1 128 ARG n 
1 129 PRO n 
1 130 CYS n 
1 131 TRP n 
1 132 PHE n 
1 133 GLN n 
1 134 LEU n 
1 135 ASP n 
1 136 GLN n 
1 137 ILE n 
1 138 PRO n 
1 139 PHE n 
1 140 LYS n 
1 141 ASP n 
1 142 MET n 
1 143 TRP n 
1 144 PRO n 
1 145 ASP n 
1 146 ASP n 
1 147 SER n 
1 148 TYR n 
1 149 TRP n 
1 150 PHE n 
1 151 PRO n 
1 152 LEU n 
1 153 LEU n 
1 154 LEU n 
1 155 GLN n 
1 156 LYS n 
1 157 LYS n 
1 158 LYS n 
1 159 PHE n 
1 160 HIS n 
1 161 GLY n 
1 162 TYR n 
1 163 PHE n 
1 164 LYS n 
1 165 PHE n 
1 166 GLN n 
1 167 GLY n 
1 168 GLN n 
1 169 ASP n 
1 170 THR n 
1 171 ILE n 
1 172 LEU n 
1 173 ASP n 
1 174 TYR n 
1 175 THR n 
1 176 LEU n 
1 177 ARG n 
1 178 GLU n 
1 179 VAL n 
1 180 ASP n 
1 181 THR n 
1 182 VAL n 
# 
_entity_src_gen.entity_id                          1 
_entity_src_gen.pdbx_src_id                        1 
_entity_src_gen.pdbx_alt_source_flag               sample 
_entity_src_gen.pdbx_seq_type                      'Biological sequence' 
_entity_src_gen.pdbx_beg_seq_num                   1 
_entity_src_gen.pdbx_end_seq_num                   182 
_entity_src_gen.gene_src_common_name               Human 
_entity_src_gen.gene_src_genus                     ? 
_entity_src_gen.pdbx_gene_src_gene                 'NUDT1, MTH1' 
_entity_src_gen.gene_src_species                   ? 
_entity_src_gen.gene_src_strain                    ? 
_entity_src_gen.gene_src_tissue                    ? 
_entity_src_gen.gene_src_tissue_fraction           ? 
_entity_src_gen.gene_src_details                   ? 
_entity_src_gen.pdbx_gene_src_fragment             ? 
_entity_src_gen.pdbx_gene_src_scientific_name      'Homo sapiens' 
_entity_src_gen.pdbx_gene_src_ncbi_taxonomy_id     9606 
_entity_src_gen.pdbx_gene_src_variant              ? 
_entity_src_gen.pdbx_gene_src_cell_line            ? 
_entity_src_gen.pdbx_gene_src_atcc                 ? 
_entity_src_gen.pdbx_gene_src_organ                ? 
_entity_src_gen.pdbx_gene_src_organelle            ? 
_entity_src_gen.pdbx_gene_src_cell                 ? 
_entity_src_gen.pdbx_gene_src_cellular_location    ? 
_entity_src_gen.host_org_common_name               ? 
_entity_src_gen.pdbx_host_org_scientific_name      'Escherichia coli BL21(DE3)' 
_entity_src_gen.pdbx_host_org_ncbi_taxonomy_id     469008 
_entity_src_gen.host_org_genus                     ? 
_entity_src_gen.pdbx_host_org_gene                 ? 
_entity_src_gen.pdbx_host_org_organ                ? 
_entity_src_gen.host_org_species                   ? 
_entity_src_gen.pdbx_host_org_tissue               ? 
_entity_src_gen.pdbx_host_org_tissue_fraction      ? 
_entity_src_gen.pdbx_host_org_strain               ? 
_entity_src_gen.pdbx_host_org_variant              ? 
_entity_src_gen.pdbx_host_org_cell_line            ? 
_entity_src_gen.pdbx_host_org_atcc                 ? 
_entity_src_gen.pdbx_host_org_culture_collection   ? 
_entity_src_gen.pdbx_host_org_cell                 ? 
_entity_src_gen.pdbx_host_org_organelle            ? 
_entity_src_gen.pdbx_host_org_cellular_location    ? 
_entity_src_gen.pdbx_host_org_vector_type          ? 
_entity_src_gen.pdbx_host_org_vector               ? 
_entity_src_gen.host_org_details                   ? 
_entity_src_gen.expression_system_id               ? 
_entity_src_gen.plasmid_name                       ? 
_entity_src_gen.plasmid_details                    ? 
_entity_src_gen.pdbx_description                   ? 
# 
loop_
_chem_comp.id 
_chem_comp.type 
_chem_comp.mon_nstd_flag 
_chem_comp.name 
_chem_comp.pdbx_synonyms 
_chem_comp.formula 
_chem_comp.formula_weight 
ALA 'L-peptide linking' y ALANINE         ? 'C3 H7 N O2'     89.093  
ARG 'L-peptide linking' y ARGININE        ? 'C6 H15 N4 O2 1' 175.209 
ASN 'L-peptide linking' y ASPARAGINE      ? 'C4 H8 N2 O3'    132.118 
ASP 'L-peptide linking' y 'ASPARTIC ACID' ? 'C4 H7 N O4'     133.103 
CYS 'L-peptide linking' y CYSTEINE        ? 'C3 H7 N O2 S'   121.158 
GLN 'L-peptide linking' y GLUTAMINE       ? 'C5 H10 N2 O3'   146.144 
GLU 'L-peptide linking' y 'GLUTAMIC ACID' ? 'C5 H9 N O4'     147.129 
GLY 'peptide linking'   y GLYCINE         ? 'C2 H5 N O2'     75.067  
HIS 'L-peptide linking' y HISTIDINE       ? 'C6 H10 N3 O2 1' 156.162 
HOH non-polymer         . WATER           ? 'H2 O'           18.015  
ILE 'L-peptide linking' y ISOLEUCINE      ? 'C6 H13 N O2'    131.173 
LEU 'L-peptide linking' y LEUCINE         ? 'C6 H13 N O2'    131.173 
LYS 'L-peptide linking' y LYSINE          ? 'C6 H15 N2 O2 1' 147.195 
MET 'L-peptide linking' y METHIONINE      ? 'C5 H11 N O2 S'  149.211 
PHE 'L-peptide linking' y PHENYLALANINE   ? 'C9 H11 N O2'    165.189 
PRO 'L-peptide linking' y PROLINE         ? 'C5 H9 N O2'     115.130 
SER 'L-peptide linking' y SERINE          ? 'C3 H7 N O3'     105.093 
SO4 non-polymer         . 'SULFATE ION'   ? 'O4 S -2'        96.063  
THR 'L-peptide linking' y THREONINE       ? 'C4 H9 N O3'     119.119 
TRP 'L-peptide linking' y TRYPTOPHAN      ? 'C11 H12 N2 O2'  204.225 
TYR 'L-peptide linking' y TYROSINE        ? 'C9 H11 N O3'    181.189 
VAL 'L-peptide linking' y VALINE          ? 'C5 H11 N O2'    117.146 
# 
loop_
_pdbx_poly_seq_scheme.asym_id 
_pdbx_poly_seq_scheme.entity_id 
_pdbx_poly_seq_scheme.seq_id 
_pdbx_poly_seq_scheme.mon_id 
_pdbx_poly_seq_scheme.ndb_seq_num 
_pdbx_poly_seq_scheme.pdb_seq_num 
_pdbx_poly_seq_scheme.auth_seq_num 
_pdbx_poly_seq_scheme.pdb_mon_id 
_pdbx_poly_seq_scheme.auth_mon_id 
_pdbx_poly_seq_scheme.pdb_strand_id 
_pdbx_poly_seq_scheme.pdb_ins_code 
_pdbx_poly_seq_scheme.hetero 
A 1 1   MET 1   -25 ?   ?   ?   A . n 
A 1 2   LYS 2   -24 ?   ?   ?   A . n 
A 1 3   HIS 3   -23 ?   ?   ?   A . n 
A 1 4   HIS 4   -22 ?   ?   ?   A . n 
A 1 5   HIS 5   -21 ?   ?   ?   A . n 
A 1 6   HIS 6   -20 ?   ?   ?   A . n 
A 1 7   HIS 7   -19 ?   ?   ?   A . n 
A 1 8   HIS 8   -18 ?   ?   ?   A . n 
A 1 9   PRO 9   -17 ?   ?   ?   A . n 
A 1 10  MET 10  -16 ?   ?   ?   A . n 
A 1 11  SER 11  -15 ?   ?   ?   A . n 
A 1 12  ASP 12  -14 ?   ?   ?   A . n 
A 1 13  TYR 13  -13 ?   ?   ?   A . n 
A 1 14  ASP 14  -12 ?   ?   ?   A . n 
A 1 15  ILE 15  -11 ?   ?   ?   A . n 
A 1 16  PRO 16  -10 ?   ?   ?   A . n 
A 1 17  THR 17  -9  ?   ?   ?   A . n 
A 1 18  THR 18  -8  ?   ?   ?   A . n 
A 1 19  GLU 19  -7  ?   ?   ?   A . n 
A 1 20  ASN 20  -6  ?   ?   ?   A . n 
A 1 21  LEU 21  -5  ?   ?   ?   A . n 
A 1 22  TYR 22  -4  ?   ?   ?   A . n 
A 1 23  PHE 23  -3  ?   ?   ?   A . n 
A 1 24  GLN 24  -2  ?   ?   ?   A . n 
A 1 25  GLY 25  -1  ?   ?   ?   A . n 
A 1 26  ALA 26  0   ?   ?   ?   A . n 
A 1 27  MET 27  1   ?   ?   ?   A . n 
A 1 28  GLY 28  2   ?   ?   ?   A . n 
A 1 29  ALA 29  3   3   ALA ALA A . n 
A 1 30  SER 30  4   4   SER SER A . n 
A 1 31  ARG 31  5   5   ARG ARG A . n 
A 1 32  LEU 32  6   6   LEU LEU A . n 
A 1 33  TYR 33  7   7   TYR TYR A . n 
A 1 34  THR 34  8   8   THR THR A . n 
A 1 35  LEU 35  9   9   LEU LEU A . n 
A 1 36  VAL 36  10  10  VAL VAL A . n 
A 1 37  LEU 37  11  11  LEU LEU A . n 
A 1 38  VAL 38  12  12  VAL VAL A . n 
A 1 39  LEU 39  13  13  LEU LEU A . n 
A 1 40  GLN 40  14  14  GLN GLN A . n 
A 1 41  PRO 41  15  15  PRO PRO A . n 
A 1 42  GLN 42  16  16  GLN GLN A . n 
A 1 43  ARG 43  17  17  ARG ARG A . n 
A 1 44  VAL 44  18  18  VAL VAL A . n 
A 1 45  LEU 45  19  19  LEU LEU A . n 
A 1 46  LEU 46  20  20  LEU LEU A . n 
A 1 47  GLY 47  21  21  GLY GLY A . n 
A 1 48  MET 48  22  22  MET MET A . n 
A 1 49  LYS 49  23  23  LYS LYS A . n 
A 1 50  LYS 50  24  24  LYS LYS A . n 
A 1 51  ARG 51  25  25  ARG ARG A . n 
A 1 52  GLY 52  26  26  GLY GLY A . n 
A 1 53  PHE 53  27  27  PHE PHE A . n 
A 1 54  GLY 54  28  28  GLY GLY A . n 
A 1 55  ALA 55  29  29  ALA ALA A . n 
A 1 56  GLY 56  30  30  GLY GLY A . n 
A 1 57  ARG 57  31  31  ARG ARG A . n 
A 1 58  TRP 58  32  32  TRP TRP A . n 
A 1 59  ALA 59  33  33  ALA ALA A . n 
A 1 60  GLY 60  34  34  GLY GLY A . n 
A 1 61  PHE 61  35  35  PHE PHE A . n 
A 1 62  GLY 62  36  36  GLY GLY A . n 
A 1 63  GLY 63  37  37  GLY GLY A . n 
A 1 64  LYS 64  38  38  LYS LYS A . n 
A 1 65  VAL 65  39  39  VAL VAL A . n 
A 1 66  GLN 66  40  40  GLN GLN A . n 
A 1 67  GLU 67  41  41  GLU GLU A . n 
A 1 68  GLY 68  42  42  GLY GLY A . n 
A 1 69  GLU 69  43  43  GLU GLU A . n 
A 1 70  THR 70  44  44  THR THR A . n 
A 1 71  ILE 71  45  45  ILE ILE A . n 
A 1 72  GLU 72  46  46  GLU GLU A . n 
A 1 73  ASP 73  47  47  ASP ASP A . n 
A 1 74  GLY 74  48  48  GLY GLY A . n 
A 1 75  ALA 75  49  49  ALA ALA A . n 
A 1 76  ARG 76  50  50  ARG ARG A . n 
A 1 77  ARG 77  51  51  ARG ARG A . n 
A 1 78  GLU 78  52  52  GLU GLU A . n 
A 1 79  LEU 79  53  53  LEU LEU A . n 
A 1 80  GLN 80  54  54  GLN GLN A . n 
A 1 81  GLU 81  55  55  GLU GLU A . n 
A 1 82  GLU 82  56  56  GLU GLU A . n 
A 1 83  SER 83  57  57  SER SER A . n 
A 1 84  GLY 84  58  58  GLY GLY A . n 
A 1 85  LEU 85  59  59  LEU LEU A . n 
A 1 86  THR 86  60  60  THR THR A . n 
A 1 87  VAL 87  61  61  VAL VAL A . n 
A 1 88  ASP 88  62  62  ASP ASP A . n 
A 1 89  ALA 89  63  63  ALA ALA A . n 
A 1 90  LEU 90  64  64  LEU LEU A . n 
A 1 91  HIS 91  65  65  HIS HIS A . n 
A 1 92  LYS 92  66  66  LYS LYS A . n 
A 1 93  VAL 93  67  67  VAL VAL A . n 
A 1 94  GLY 94  68  68  GLY GLY A . n 
A 1 95  GLN 95  69  69  GLN GLN A . n 
A 1 96  ILE 96  70  70  ILE ILE A . n 
A 1 97  VAL 97  71  71  VAL VAL A . n 
A 1 98  PHE 98  72  72  PHE PHE A . n 
A 1 99  GLU 99  73  73  GLU GLU A . n 
A 1 100 PHE 100 74  74  PHE PHE A . n 
A 1 101 VAL 101 75  75  VAL VAL A . n 
A 1 102 GLY 102 76  76  GLY GLY A . n 
A 1 103 GLU 103 77  77  GLU GLU A . n 
A 1 104 PRO 104 78  78  PRO PRO A . n 
A 1 105 GLU 105 79  79  GLU GLU A . n 
A 1 106 LEU 106 80  80  LEU LEU A . n 
A 1 107 MET 107 81  81  MET MET A . n 
A 1 108 ASP 108 82  82  ASP ASP A . n 
A 1 109 VAL 109 83  83  VAL VAL A . n 
A 1 110 HIS 110 84  84  HIS HIS A . n 
A 1 111 VAL 111 85  85  VAL VAL A . n 
A 1 112 PHE 112 86  86  PHE PHE A . n 
A 1 113 CYS 113 87  87  CYS CYS A . n 
A 1 114 THR 114 88  88  THR THR A . n 
A 1 115 ASP 115 89  89  ASP ASP A . n 
A 1 116 SER 116 90  90  SER SER A . n 
A 1 117 ILE 117 91  91  ILE ILE A . n 
A 1 118 GLN 118 92  92  GLN GLN A . n 
A 1 119 GLY 119 93  93  GLY GLY A . n 
A 1 120 THR 120 94  94  THR THR A . n 
A 1 121 PRO 121 95  95  PRO PRO A . n 
A 1 122 VAL 122 96  96  VAL VAL A . n 
A 1 123 GLU 123 97  97  GLU GLU A . n 
A 1 124 SER 124 98  98  SER SER A . n 
A 1 125 ASP 125 99  99  ASP ASP A . n 
A 1 126 GLU 126 100 100 GLU GLU A . n 
A 1 127 MET 127 101 101 MET MET A . n 
A 1 128 ARG 128 102 102 ARG ARG A . n 
A 1 129 PRO 129 103 103 PRO PRO A . n 
A 1 130 CYS 130 104 104 CYS CYS A . n 
A 1 131 TRP 131 105 105 TRP TRP A . n 
A 1 132 PHE 132 106 106 PHE PHE A . n 
A 1 133 GLN 133 107 107 GLN GLN A . n 
A 1 134 LEU 134 108 108 LEU LEU A . n 
A 1 135 ASP 135 109 109 ASP ASP A . n 
A 1 136 GLN 136 110 110 GLN GLN A . n 
A 1 137 ILE 137 111 111 ILE ILE A . n 
A 1 138 PRO 138 112 112 PRO PRO A . n 
A 1 139 PHE 139 113 113 PHE PHE A . n 
A 1 140 LYS 140 114 114 LYS LYS A . n 
A 1 141 ASP 141 115 115 ASP ASP A . n 
A 1 142 MET 142 116 116 MET MET A . n 
A 1 143 TRP 143 117 117 TRP TRP A . n 
A 1 144 PRO 144 118 118 PRO PRO A . n 
A 1 145 ASP 145 119 119 ASP ASP A . n 
A 1 146 ASP 146 120 120 ASP ASP A . n 
A 1 147 SER 147 121 121 SER SER A . n 
A 1 148 TYR 148 122 122 TYR TYR A . n 
A 1 149 TRP 149 123 123 TRP TRP A . n 
A 1 150 PHE 150 124 124 PHE PHE A . n 
A 1 151 PRO 151 125 125 PRO PRO A . n 
A 1 152 LEU 152 126 126 LEU LEU A . n 
A 1 153 LEU 153 127 127 LEU LEU A . n 
A 1 154 LEU 154 128 128 LEU LEU A . n 
A 1 155 GLN 155 129 129 GLN GLN A . n 
A 1 156 LYS 156 130 130 LYS LYS A . n 
A 1 157 LYS 157 131 131 LYS LYS A . n 
A 1 158 LYS 158 132 132 LYS LYS A . n 
A 1 159 PHE 159 133 133 PHE PHE A . n 
A 1 160 HIS 160 134 134 HIS HIS A . n 
A 1 161 GLY 161 135 135 GLY GLY A . n 
A 1 162 TYR 162 136 136 TYR TYR A . n 
A 1 163 PHE 163 137 137 PHE PHE A . n 
A 1 164 LYS 164 138 138 LYS LYS A . n 
A 1 165 PHE 165 139 139 PHE PHE A . n 
A 1 166 GLN 166 140 140 GLN GLN A . n 
A 1 167 GLY 167 141 141 GLY GLY A . n 
A 1 168 GLN 168 142 142 GLN GLN A . n 
A 1 169 ASP 169 143 143 ASP ASP A . n 
A 1 170 THR 170 144 144 THR THR A . n 
A 1 171 ILE 171 145 145 ILE ILE A . n 
A 1 172 LEU 172 146 146 LEU LEU A . n 
A 1 173 ASP 173 147 147 ASP ASP A . n 
A 1 174 TYR 174 148 148 TYR TYR A . n 
A 1 175 THR 175 149 149 THR THR A . n 
A 1 176 LEU 176 150 150 LEU LEU A . n 
A 1 177 ARG 177 151 151 ARG ARG A . n 
A 1 178 GLU 178 152 152 GLU GLU A . n 
A 1 179 VAL 179 153 153 VAL VAL A . n 
A 1 180 ASP 180 154 154 ASP ASP A . n 
A 1 181 THR 181 155 155 THR THR A . n 
A 1 182 VAL 182 156 156 VAL VAL A . n 
# 
loop_
_pdbx_nonpoly_scheme.asym_id 
_pdbx_nonpoly_scheme.entity_id 
_pdbx_nonpoly_scheme.mon_id 
_pdbx_nonpoly_scheme.ndb_seq_num 
_pdbx_nonpoly_scheme.pdb_seq_num 
_pdbx_nonpoly_scheme.auth_seq_num 
_pdbx_nonpoly_scheme.pdb_mon_id 
_pdbx_nonpoly_scheme.auth_mon_id 
_pdbx_nonpoly_scheme.pdb_strand_id 
_pdbx_nonpoly_scheme.pdb_ins_code 
B 2 SO4 1   201 1   SO4 SO4 A . 
C 2 SO4 1   202 2   SO4 SO4 A . 
D 2 SO4 1   203 3   SO4 SO4 A . 
E 3 HOH 1   301 192 HOH HOH A . 
E 3 HOH 2   302 53  HOH HOH A . 
E 3 HOH 3   303 198 HOH HOH A . 
E 3 HOH 4   304 77  HOH HOH A . 
E 3 HOH 5   305 140 HOH HOH A . 
E 3 HOH 6   306 136 HOH HOH A . 
E 3 HOH 7   307 149 HOH HOH A . 
E 3 HOH 8   308 29  HOH HOH A . 
E 3 HOH 9   309 146 HOH HOH A . 
E 3 HOH 10  310 158 HOH HOH A . 
E 3 HOH 11  311 1   HOH HOH A . 
E 3 HOH 12  312 64  HOH HOH A . 
E 3 HOH 13  313 44  HOH HOH A . 
E 3 HOH 14  314 134 HOH HOH A . 
E 3 HOH 15  315 24  HOH HOH A . 
E 3 HOH 16  316 32  HOH HOH A . 
E 3 HOH 17  317 57  HOH HOH A . 
E 3 HOH 18  318 66  HOH HOH A . 
E 3 HOH 19  319 141 HOH HOH A . 
E 3 HOH 20  320 74  HOH HOH A . 
E 3 HOH 21  321 9   HOH HOH A . 
E 3 HOH 22  322 179 HOH HOH A . 
E 3 HOH 23  323 65  HOH HOH A . 
E 3 HOH 24  324 10  HOH HOH A . 
E 3 HOH 25  325 67  HOH HOH A . 
E 3 HOH 26  326 6   HOH HOH A . 
E 3 HOH 27  327 151 HOH HOH A . 
E 3 HOH 28  328 72  HOH HOH A . 
E 3 HOH 29  329 172 HOH HOH A . 
E 3 HOH 30  330 52  HOH HOH A . 
E 3 HOH 31  331 70  HOH HOH A . 
E 3 HOH 32  332 48  HOH HOH A . 
E 3 HOH 33  333 175 HOH HOH A . 
E 3 HOH 34  334 169 HOH HOH A . 
E 3 HOH 35  335 20  HOH HOH A . 
E 3 HOH 36  336 8   HOH HOH A . 
E 3 HOH 37  337 5   HOH HOH A . 
E 3 HOH 38  338 94  HOH HOH A . 
E 3 HOH 39  339 91  HOH HOH A . 
E 3 HOH 40  340 35  HOH HOH A . 
E 3 HOH 41  341 31  HOH HOH A . 
E 3 HOH 42  342 49  HOH HOH A . 
E 3 HOH 43  343 93  HOH HOH A . 
E 3 HOH 44  344 163 HOH HOH A . 
E 3 HOH 45  345 60  HOH HOH A . 
E 3 HOH 46  346 45  HOH HOH A . 
E 3 HOH 47  347 18  HOH HOH A . 
E 3 HOH 48  348 135 HOH HOH A . 
E 3 HOH 49  349 22  HOH HOH A . 
E 3 HOH 50  350 168 HOH HOH A . 
E 3 HOH 51  351 12  HOH HOH A . 
E 3 HOH 52  352 47  HOH HOH A . 
E 3 HOH 53  353 73  HOH HOH A . 
E 3 HOH 54  354 159 HOH HOH A . 
E 3 HOH 55  355 54  HOH HOH A . 
E 3 HOH 56  356 160 HOH HOH A . 
E 3 HOH 57  357 153 HOH HOH A . 
E 3 HOH 58  358 15  HOH HOH A . 
E 3 HOH 59  359 17  HOH HOH A . 
E 3 HOH 60  360 202 HOH HOH A . 
E 3 HOH 61  361 97  HOH HOH A . 
E 3 HOH 62  362 127 HOH HOH A . 
E 3 HOH 63  363 86  HOH HOH A . 
E 3 HOH 64  364 39  HOH HOH A . 
E 3 HOH 65  365 11  HOH HOH A . 
E 3 HOH 66  366 40  HOH HOH A . 
E 3 HOH 67  367 28  HOH HOH A . 
E 3 HOH 68  368 59  HOH HOH A . 
E 3 HOH 69  369 78  HOH HOH A . 
E 3 HOH 70  370 36  HOH HOH A . 
E 3 HOH 71  371 142 HOH HOH A . 
E 3 HOH 72  372 33  HOH HOH A . 
E 3 HOH 73  373 130 HOH HOH A . 
E 3 HOH 74  374 184 HOH HOH A . 
E 3 HOH 75  375 55  HOH HOH A . 
E 3 HOH 76  376 16  HOH HOH A . 
E 3 HOH 77  377 27  HOH HOH A . 
E 3 HOH 78  378 37  HOH HOH A . 
E 3 HOH 79  379 7   HOH HOH A . 
E 3 HOH 80  380 19  HOH HOH A . 
E 3 HOH 81  381 174 HOH HOH A . 
E 3 HOH 82  382 131 HOH HOH A . 
E 3 HOH 83  383 150 HOH HOH A . 
E 3 HOH 84  384 14  HOH HOH A . 
E 3 HOH 85  385 4   HOH HOH A . 
E 3 HOH 86  386 156 HOH HOH A . 
E 3 HOH 87  387 171 HOH HOH A . 
E 3 HOH 88  388 178 HOH HOH A . 
E 3 HOH 89  389 145 HOH HOH A . 
E 3 HOH 90  390 161 HOH HOH A . 
E 3 HOH 91  391 80  HOH HOH A . 
E 3 HOH 92  392 2   HOH HOH A . 
E 3 HOH 93  393 203 HOH HOH A . 
E 3 HOH 94  394 56  HOH HOH A . 
E 3 HOH 95  395 3   HOH HOH A . 
E 3 HOH 96  396 50  HOH HOH A . 
E 3 HOH 97  397 75  HOH HOH A . 
E 3 HOH 98  398 81  HOH HOH A . 
E 3 HOH 99  399 21  HOH HOH A . 
E 3 HOH 100 400 41  HOH HOH A . 
E 3 HOH 101 401 46  HOH HOH A . 
E 3 HOH 102 402 61  HOH HOH A . 
E 3 HOH 103 403 133 HOH HOH A . 
E 3 HOH 104 404 43  HOH HOH A . 
E 3 HOH 105 405 30  HOH HOH A . 
E 3 HOH 106 406 176 HOH HOH A . 
E 3 HOH 107 407 143 HOH HOH A . 
E 3 HOH 108 408 42  HOH HOH A . 
E 3 HOH 109 409 58  HOH HOH A . 
E 3 HOH 110 410 34  HOH HOH A . 
E 3 HOH 111 411 187 HOH HOH A . 
E 3 HOH 112 412 152 HOH HOH A . 
E 3 HOH 113 413 69  HOH HOH A . 
E 3 HOH 114 414 144 HOH HOH A . 
E 3 HOH 115 415 166 HOH HOH A . 
E 3 HOH 116 416 129 HOH HOH A . 
E 3 HOH 117 417 193 HOH HOH A . 
E 3 HOH 118 418 194 HOH HOH A . 
E 3 HOH 119 419 182 HOH HOH A . 
E 3 HOH 120 420 201 HOH HOH A . 
E 3 HOH 121 421 162 HOH HOH A . 
E 3 HOH 122 422 190 HOH HOH A . 
E 3 HOH 123 423 92  HOH HOH A . 
E 3 HOH 124 424 199 HOH HOH A . 
E 3 HOH 125 425 195 HOH HOH A . 
E 3 HOH 126 426 98  HOH HOH A . 
E 3 HOH 127 427 25  HOH HOH A . 
E 3 HOH 128 428 196 HOH HOH A . 
E 3 HOH 129 429 173 HOH HOH A . 
E 3 HOH 130 430 123 HOH HOH A . 
E 3 HOH 131 431 154 HOH HOH A . 
E 3 HOH 132 432 197 HOH HOH A . 
E 3 HOH 133 433 87  HOH HOH A . 
E 3 HOH 134 434 128 HOH HOH A . 
E 3 HOH 135 435 180 HOH HOH A . 
E 3 HOH 136 436 177 HOH HOH A . 
E 3 HOH 137 437 76  HOH HOH A . 
E 3 HOH 138 438 126 HOH HOH A . 
E 3 HOH 139 439 186 HOH HOH A . 
E 3 HOH 140 440 63  HOH HOH A . 
E 3 HOH 141 441 181 HOH HOH A . 
E 3 HOH 142 442 23  HOH HOH A . 
E 3 HOH 143 443 51  HOH HOH A . 
E 3 HOH 144 444 185 HOH HOH A . 
E 3 HOH 145 445 137 HOH HOH A . 
E 3 HOH 146 446 62  HOH HOH A . 
E 3 HOH 147 447 68  HOH HOH A . 
E 3 HOH 148 448 188 HOH HOH A . 
E 3 HOH 149 449 139 HOH HOH A . 
E 3 HOH 150 450 189 HOH HOH A . 
E 3 HOH 151 451 157 HOH HOH A . 
E 3 HOH 152 452 170 HOH HOH A . 
E 3 HOH 153 453 191 HOH HOH A . 
E 3 HOH 154 454 167 HOH HOH A . 
E 3 HOH 155 455 200 HOH HOH A . 
E 3 HOH 156 456 89  HOH HOH A . 
E 3 HOH 157 457 165 HOH HOH A . 
E 3 HOH 158 458 132 HOH HOH A . 
# 
loop_
_pdbx_unobs_or_zero_occ_atoms.id 
_pdbx_unobs_or_zero_occ_atoms.PDB_model_num 
_pdbx_unobs_or_zero_occ_atoms.polymer_flag 
_pdbx_unobs_or_zero_occ_atoms.occupancy_flag 
_pdbx_unobs_or_zero_occ_atoms.auth_asym_id 
_pdbx_unobs_or_zero_occ_atoms.auth_comp_id 
_pdbx_unobs_or_zero_occ_atoms.auth_seq_id 
_pdbx_unobs_or_zero_occ_atoms.PDB_ins_code 
_pdbx_unobs_or_zero_occ_atoms.auth_atom_id 
_pdbx_unobs_or_zero_occ_atoms.label_alt_id 
_pdbx_unobs_or_zero_occ_atoms.label_asym_id 
_pdbx_unobs_or_zero_occ_atoms.label_comp_id 
_pdbx_unobs_or_zero_occ_atoms.label_seq_id 
_pdbx_unobs_or_zero_occ_atoms.label_atom_id 
1  1 Y 1 A ALA 3   ? CB  ? A ALA 29  CB  
2  1 Y 1 A GLN 16  ? CG  ? A GLN 42  CG  
3  1 Y 1 A GLN 16  ? CD  ? A GLN 42  CD  
4  1 Y 1 A GLN 16  ? OE1 ? A GLN 42  OE1 
5  1 Y 1 A GLN 16  ? NE2 ? A GLN 42  NE2 
6  1 Y 1 A LYS 23  ? CE  ? A LYS 49  CE  
7  1 Y 1 A LYS 23  ? NZ  ? A LYS 49  NZ  
8  1 Y 1 A ARG 25  ? CB  ? A ARG 51  CB  
9  1 Y 1 A ARG 25  ? CG  ? A ARG 51  CG  
10 1 Y 1 A ARG 25  ? CD  ? A ARG 51  CD  
11 1 Y 1 A ARG 25  ? NE  ? A ARG 51  NE  
12 1 Y 1 A ARG 25  ? CZ  ? A ARG 51  CZ  
13 1 Y 1 A ARG 25  ? NH1 ? A ARG 51  NH1 
14 1 Y 1 A ARG 25  ? NH2 ? A ARG 51  NH2 
15 1 Y 1 A PHE 27  ? CB  ? A PHE 53  CB  
16 1 Y 1 A PHE 27  ? CG  ? A PHE 53  CG  
17 1 Y 1 A PHE 27  ? CD1 ? A PHE 53  CD1 
18 1 Y 1 A PHE 27  ? CD2 ? A PHE 53  CD2 
19 1 Y 1 A PHE 27  ? CE1 ? A PHE 53  CE1 
20 1 Y 1 A PHE 27  ? CE2 ? A PHE 53  CE2 
21 1 Y 1 A PHE 27  ? CZ  ? A PHE 53  CZ  
22 1 Y 1 A ASP 62  ? CG  ? A ASP 88  CG  
23 1 Y 1 A ASP 62  ? OD1 ? A ASP 88  OD1 
24 1 Y 1 A ASP 62  ? OD2 ? A ASP 88  OD2 
25 1 Y 1 A ALA 63  ? CB  ? A ALA 89  CB  
26 1 Y 1 A LYS 66  ? CE  ? A LYS 92  CE  
27 1 Y 1 A LYS 66  ? NZ  ? A LYS 92  NZ  
28 1 Y 1 A SER 90  ? CB  ? A SER 116 CB  
29 1 Y 1 A SER 90  ? OG  ? A SER 116 OG  
30 1 Y 1 A GLU 100 ? CG  ? A GLU 126 CG  
31 1 Y 1 A GLU 100 ? CD  ? A GLU 126 CD  
32 1 Y 1 A GLU 100 ? OE1 ? A GLU 126 OE1 
33 1 Y 1 A GLU 100 ? OE2 ? A GLU 126 OE2 
34 1 Y 1 A LYS 114 ? CG  ? A LYS 140 CG  
35 1 Y 1 A LYS 114 ? CD  ? A LYS 140 CD  
36 1 Y 1 A LYS 114 ? CE  ? A LYS 140 CE  
37 1 Y 1 A LYS 114 ? NZ  ? A LYS 140 NZ  
38 1 Y 1 A LYS 130 ? CD  ? A LYS 156 CD  
39 1 Y 1 A LYS 130 ? CE  ? A LYS 156 CE  
40 1 Y 1 A LYS 130 ? NZ  ? A LYS 156 NZ  
41 1 Y 1 A LYS 132 ? NZ  ? A LYS 158 NZ  
42 1 Y 1 A LYS 138 ? NZ  ? A LYS 164 NZ  
43 1 Y 1 A ARG 151 ? NH1 ? A ARG 177 NH1 
44 1 Y 1 A ARG 151 ? NH2 ? A ARG 177 NH2 
# 
loop_
_software.citation_id 
_software.classification 
_software.compiler_name 
_software.compiler_version 
_software.contact_author 
_software.contact_author_email 
_software.date 
_software.description 
_software.dependencies 
_software.hardware 
_software.language 
_software.location 
_software.mods 
_software.name 
_software.os 
_software.os_version 
_software.type 
_software.version 
_software.pdbx_ordinal 
? refinement       ? ? ? ? ? ? ? ? ? ? ? PHENIX ? ? ? 1.12-2829 1 
? 'data reduction' ? ? ? ? ? ? ? ? ? ? ? XDS    ? ? ? .         2 
? phasing          ? ? ? ? ? ? ? ? ? ? ? PHASER ? ? ? .         3 
# 
_cell.angle_alpha                  90.00 
_cell.angle_alpha_esd              ? 
_cell.angle_beta                   90.00 
_cell.angle_beta_esd               ? 
_cell.angle_gamma                  90.00 
_cell.angle_gamma_esd              ? 
_cell.entry_id                     6GLK 
_cell.details                      ? 
_cell.formula_units_Z              ? 
_cell.length_a                     36.150 
_cell.length_a_esd                 ? 
_cell.length_b                     60.242 
_cell.length_b_esd                 ? 
_cell.length_c                     65.944 
_cell.length_c_esd                 ? 
_cell.volume                       ? 
_cell.volume_esd                   ? 
_cell.Z_PDB                        4 
_cell.reciprocal_angle_alpha       ? 
_cell.reciprocal_angle_beta        ? 
_cell.reciprocal_angle_gamma       ? 
_cell.reciprocal_angle_alpha_esd   ? 
_cell.reciprocal_angle_beta_esd    ? 
_cell.reciprocal_angle_gamma_esd   ? 
_cell.reciprocal_length_a          ? 
_cell.reciprocal_length_b          ? 
_cell.reciprocal_length_c          ? 
_cell.reciprocal_length_a_esd      ? 
_cell.reciprocal_length_b_esd      ? 
_cell.reciprocal_length_c_esd      ? 
_cell.pdbx_unique_axis             ? 
# 
_symmetry.entry_id                         6GLK 
_symmetry.cell_setting                     ? 
_symmetry.Int_Tables_number                18 
_symmetry.space_group_name_Hall            ? 
_symmetry.space_group_name_H-M             'P 2 21 21' 
_symmetry.pdbx_full_space_group_name_H-M   ? 
# 
_exptl.absorpt_coefficient_mu     ? 
_exptl.absorpt_correction_T_max   ? 
_exptl.absorpt_correction_T_min   ? 
_exptl.absorpt_correction_type    ? 
_exptl.absorpt_process_details    ? 
_exptl.entry_id                   6GLK 
_exptl.crystals_number            1 
_exptl.details                    ? 
_exptl.method                     'X-RAY DIFFRACTION' 
_exptl.method_details             ? 
# 
_exptl_crystal.colour                      ? 
_exptl_crystal.density_diffrn              ? 
_exptl_crystal.density_Matthews            1.70 
_exptl_crystal.density_method              ? 
_exptl_crystal.density_percent_sol         27.84 
_exptl_crystal.description                 ? 
_exptl_crystal.F_000                       ? 
_exptl_crystal.id                          1 
_exptl_crystal.preparation                 ? 
_exptl_crystal.size_max                    ? 
_exptl_crystal.size_mid                    ? 
_exptl_crystal.size_min                    ? 
_exptl_crystal.size_rad                    ? 
_exptl_crystal.colour_lustre               ? 
_exptl_crystal.colour_modifier             ? 
_exptl_crystal.colour_primary              ? 
_exptl_crystal.density_meas                ? 
_exptl_crystal.density_meas_esd            ? 
_exptl_crystal.density_meas_gt             ? 
_exptl_crystal.density_meas_lt             ? 
_exptl_crystal.density_meas_temp           ? 
_exptl_crystal.density_meas_temp_esd       ? 
_exptl_crystal.density_meas_temp_gt        ? 
_exptl_crystal.density_meas_temp_lt        ? 
_exptl_crystal.pdbx_crystal_image_url      ? 
_exptl_crystal.pdbx_crystal_image_format   ? 
_exptl_crystal.pdbx_mosaicity              ? 
_exptl_crystal.pdbx_mosaicity_esd          ? 
# 
_exptl_crystal_grow.apparatus       ? 
_exptl_crystal_grow.atmosphere      ? 
_exptl_crystal_grow.crystal_id      1 
_exptl_crystal_grow.details         ? 
_exptl_crystal_grow.method          'VAPOR DIFFUSION, HANGING DROP' 
_exptl_crystal_grow.method_ref      ? 
_exptl_crystal_grow.pH              4.5 
_exptl_crystal_grow.pressure        ? 
_exptl_crystal_grow.pressure_esd    ? 
_exptl_crystal_grow.seeding         ? 
_exptl_crystal_grow.seeding_ref     ? 
_exptl_crystal_grow.temp            293 
_exptl_crystal_grow.temp_details    ? 
_exptl_crystal_grow.temp_esd        ? 
_exptl_crystal_grow.time            ? 
_exptl_crystal_grow.pdbx_details    '23-27% PEG3350, 0.2 M LiSO4, 0.1 M sodium acetate pH 4.5' 
_exptl_crystal_grow.pdbx_pH_range   ? 
# 
_diffrn.ambient_environment    ? 
_diffrn.ambient_temp           100 
_diffrn.ambient_temp_details   ? 
_diffrn.ambient_temp_esd       ? 
_diffrn.crystal_id             1 
_diffrn.crystal_support        ? 
_diffrn.crystal_treatment      ? 
_diffrn.details                ? 
_diffrn.id                     1 
_diffrn.ambient_pressure       ? 
_diffrn.ambient_pressure_esd   ? 
_diffrn.ambient_pressure_gt    ? 
_diffrn.ambient_pressure_lt    ? 
_diffrn.ambient_temp_gt        ? 
_diffrn.ambient_temp_lt        ? 
# 
_diffrn_detector.details                      ? 
_diffrn_detector.detector                     PIXEL 
_diffrn_detector.diffrn_id                    1 
_diffrn_detector.type                         'DECTRIS PILATUS 2M-F' 
_diffrn_detector.area_resol_mean              ? 
_diffrn_detector.dtime                        ? 
_diffrn_detector.pdbx_frames_total            ? 
_diffrn_detector.pdbx_collection_time_total   ? 
_diffrn_detector.pdbx_collection_date         2017-10-27 
# 
_diffrn_radiation.collimation                      ? 
_diffrn_radiation.diffrn_id                        1 
_diffrn_radiation.filter_edge                      ? 
_diffrn_radiation.inhomogeneity                    ? 
_diffrn_radiation.monochromator                    ? 
_diffrn_radiation.polarisn_norm                    ? 
_diffrn_radiation.polarisn_ratio                   ? 
_diffrn_radiation.probe                            ? 
_diffrn_radiation.type                             ? 
_diffrn_radiation.xray_symbol                      ? 
_diffrn_radiation.wavelength_id                    1 
_diffrn_radiation.pdbx_monochromatic_or_laue_m_l   M 
_diffrn_radiation.pdbx_wavelength_list             ? 
_diffrn_radiation.pdbx_wavelength                  ? 
_diffrn_radiation.pdbx_diffrn_protocol             'SINGLE WAVELENGTH' 
_diffrn_radiation.pdbx_analyzer                    ? 
_diffrn_radiation.pdbx_scattering_type             x-ray 
# 
_diffrn_radiation_wavelength.id           1 
_diffrn_radiation_wavelength.wavelength   1 
_diffrn_radiation_wavelength.wt           1.0 
# 
_diffrn_source.current                     ? 
_diffrn_source.details                     ? 
_diffrn_source.diffrn_id                   1 
_diffrn_source.power                       ? 
_diffrn_source.size                        ? 
_diffrn_source.source                      SYNCHROTRON 
_diffrn_source.target                      ? 
_diffrn_source.type                        'SLS BEAMLINE X06DA' 
_diffrn_source.voltage                     ? 
_diffrn_source.take-off_angle              ? 
_diffrn_source.pdbx_wavelength_list        1 
_diffrn_source.pdbx_wavelength             ? 
_diffrn_source.pdbx_synchrotron_beamline   X06DA 
_diffrn_source.pdbx_synchrotron_site       SLS 
# 
_reflns.B_iso_Wilson_estimate            ? 
_reflns.entry_id                         6GLK 
_reflns.data_reduction_details           ? 
_reflns.data_reduction_method            ? 
_reflns.d_resolution_high                1.500 
_reflns.d_resolution_low                 50.000 
_reflns.details                          ? 
_reflns.limit_h_max                      ? 
_reflns.limit_h_min                      ? 
_reflns.limit_k_max                      ? 
_reflns.limit_k_min                      ? 
_reflns.limit_l_max                      ? 
_reflns.limit_l_min                      ? 
_reflns.number_all                       ? 
_reflns.number_obs                       42667 
_reflns.observed_criterion               ? 
_reflns.observed_criterion_F_max         ? 
_reflns.observed_criterion_F_min         ? 
_reflns.observed_criterion_I_max         ? 
_reflns.observed_criterion_I_min         ? 
_reflns.observed_criterion_sigma_F       ? 
_reflns.observed_criterion_sigma_I       ? 
_reflns.percent_possible_obs             95.7 
_reflns.R_free_details                   ? 
_reflns.Rmerge_F_all                     ? 
_reflns.Rmerge_F_obs                     ? 
_reflns.Friedel_coverage                 ? 
_reflns.number_gt                        ? 
_reflns.threshold_expression             ? 
_reflns.pdbx_redundancy                  1.96 
_reflns.pdbx_Rmerge_I_obs                ? 
_reflns.pdbx_Rmerge_I_all                ? 
_reflns.pdbx_Rsym_value                  ? 
_reflns.pdbx_netI_over_av_sigmaI         ? 
_reflns.pdbx_netI_over_sigmaI            27.30 
_reflns.pdbx_res_netI_over_av_sigmaI_2   ? 
_reflns.pdbx_res_netI_over_sigmaI_2      ? 
_reflns.pdbx_chi_squared                 ? 
_reflns.pdbx_scaling_rejects             ? 
_reflns.pdbx_d_res_high_opt              ? 
_reflns.pdbx_d_res_low_opt               ? 
_reflns.pdbx_d_res_opt_method            ? 
_reflns.phase_calculation_details        ? 
_reflns.pdbx_Rrim_I_all                  0.021 
_reflns.pdbx_Rpim_I_all                  ? 
_reflns.pdbx_d_opt                       ? 
_reflns.pdbx_number_measured_all         ? 
_reflns.pdbx_diffrn_id                   1 
_reflns.pdbx_ordinal                     1 
_reflns.pdbx_CC_half                     1 
_reflns.pdbx_R_split                     ? 
# 
_reflns_shell.d_res_high                  1.50 
_reflns_shell.d_res_low                   1.59 
_reflns_shell.meanI_over_sigI_all         ? 
_reflns_shell.meanI_over_sigI_obs         5.11 
_reflns_shell.number_measured_all         ? 
_reflns_shell.number_measured_obs         ? 
_reflns_shell.number_possible             ? 
_reflns_shell.number_unique_all           ? 
_reflns_shell.number_unique_obs           6943 
_reflns_shell.percent_possible_all        96.7 
_reflns_shell.percent_possible_obs        ? 
_reflns_shell.Rmerge_F_all                ? 
_reflns_shell.Rmerge_F_obs                ? 
_reflns_shell.Rmerge_I_all                ? 
_reflns_shell.Rmerge_I_obs                ? 
_reflns_shell.meanI_over_sigI_gt          ? 
_reflns_shell.meanI_over_uI_all           ? 
_reflns_shell.meanI_over_uI_gt            ? 
_reflns_shell.number_measured_gt          ? 
_reflns_shell.number_unique_gt            ? 
_reflns_shell.percent_possible_gt         ? 
_reflns_shell.Rmerge_F_gt                 ? 
_reflns_shell.Rmerge_I_gt                 ? 
_reflns_shell.pdbx_redundancy             1.92 
_reflns_shell.pdbx_Rsym_value             ? 
_reflns_shell.pdbx_chi_squared            ? 
_reflns_shell.pdbx_netI_over_sigmaI_all   ? 
_reflns_shell.pdbx_netI_over_sigmaI_obs   ? 
_reflns_shell.pdbx_Rrim_I_all             0.193 
_reflns_shell.pdbx_Rpim_I_all             ? 
_reflns_shell.pdbx_rejects                ? 
_reflns_shell.pdbx_ordinal                1 
_reflns_shell.pdbx_diffrn_id              1 
_reflns_shell.pdbx_CC_half                0.950 
_reflns_shell.pdbx_R_split                ? 
# 
_refine.aniso_B[1][1]                            ? 
_refine.aniso_B[1][2]                            ? 
_refine.aniso_B[1][3]                            ? 
_refine.aniso_B[2][2]                            ? 
_refine.aniso_B[2][3]                            ? 
_refine.aniso_B[3][3]                            ? 
_refine.B_iso_max                                ? 
_refine.B_iso_mean                               ? 
_refine.B_iso_min                                ? 
_refine.correlation_coeff_Fo_to_Fc               ? 
_refine.correlation_coeff_Fo_to_Fc_free          ? 
_refine.details                                  ? 
_refine.diff_density_max                         ? 
_refine.diff_density_max_esd                     ? 
_refine.diff_density_min                         ? 
_refine.diff_density_min_esd                     ? 
_refine.diff_density_rms                         ? 
_refine.diff_density_rms_esd                     ? 
_refine.entry_id                                 6GLK 
_refine.pdbx_refine_id                           'X-RAY DIFFRACTION' 
_refine.ls_abs_structure_details                 ? 
_refine.ls_abs_structure_Flack                   ? 
_refine.ls_abs_structure_Flack_esd               ? 
_refine.ls_abs_structure_Rogers                  ? 
_refine.ls_abs_structure_Rogers_esd              ? 
_refine.ls_d_res_high                            1.500 
_refine.ls_d_res_low                             44.477 
_refine.ls_extinction_coef                       ? 
_refine.ls_extinction_coef_esd                   ? 
_refine.ls_extinction_expression                 ? 
_refine.ls_extinction_method                     ? 
_refine.ls_goodness_of_fit_all                   ? 
_refine.ls_goodness_of_fit_all_esd               ? 
_refine.ls_goodness_of_fit_obs                   ? 
_refine.ls_goodness_of_fit_obs_esd               ? 
_refine.ls_hydrogen_treatment                    ? 
_refine.ls_matrix_type                           ? 
_refine.ls_number_constraints                    ? 
_refine.ls_number_parameters                     ? 
_refine.ls_number_reflns_all                     ? 
_refine.ls_number_reflns_obs                     23628 
_refine.ls_number_reflns_R_free                  2000 
_refine.ls_number_reflns_R_work                  ? 
_refine.ls_number_restraints                     ? 
_refine.ls_percent_reflns_obs                    99.54 
_refine.ls_percent_reflns_R_free                 8.46 
_refine.ls_R_factor_all                          ? 
_refine.ls_R_factor_obs                          0.1882 
_refine.ls_R_factor_R_free                       0.2237 
_refine.ls_R_factor_R_free_error                 ? 
_refine.ls_R_factor_R_free_error_details         ? 
_refine.ls_R_factor_R_work                       0.1851 
_refine.ls_R_Fsqd_factor_obs                     ? 
_refine.ls_R_I_factor_obs                        ? 
_refine.ls_redundancy_reflns_all                 ? 
_refine.ls_redundancy_reflns_obs                 ? 
_refine.ls_restrained_S_all                      ? 
_refine.ls_restrained_S_obs                      ? 
_refine.ls_shift_over_esd_max                    ? 
_refine.ls_shift_over_esd_mean                   ? 
_refine.ls_structure_factor_coef                 ? 
_refine.ls_weighting_details                     ? 
_refine.ls_weighting_scheme                      ? 
_refine.ls_wR_factor_all                         ? 
_refine.ls_wR_factor_obs                         ? 
_refine.ls_wR_factor_R_free                      ? 
_refine.ls_wR_factor_R_work                      ? 
_refine.occupancy_max                            ? 
_refine.occupancy_min                            ? 
_refine.solvent_model_details                    ? 
_refine.solvent_model_param_bsol                 ? 
_refine.solvent_model_param_ksol                 ? 
_refine.ls_R_factor_gt                           ? 
_refine.ls_goodness_of_fit_gt                    ? 
_refine.ls_goodness_of_fit_ref                   ? 
_refine.ls_shift_over_su_max                     ? 
_refine.ls_shift_over_su_max_lt                  ? 
_refine.ls_shift_over_su_mean                    ? 
_refine.ls_shift_over_su_mean_lt                 ? 
_refine.pdbx_ls_sigma_I                          ? 
_refine.pdbx_ls_sigma_F                          1.36 
_refine.pdbx_ls_sigma_Fsqd                       ? 
_refine.pdbx_data_cutoff_high_absF               ? 
_refine.pdbx_data_cutoff_high_rms_absF           ? 
_refine.pdbx_data_cutoff_low_absF                ? 
_refine.pdbx_isotropic_thermal_model             ? 
_refine.pdbx_ls_cross_valid_method               'FREE R-VALUE' 
_refine.pdbx_method_to_determine_struct          'MOLECULAR REPLACEMENT' 
_refine.pdbx_starting_model                      4C9X 
_refine.pdbx_stereochemistry_target_values       ? 
_refine.pdbx_R_Free_selection_details            ? 
_refine.pdbx_stereochem_target_val_spec_case     ? 
_refine.pdbx_overall_ESU_R                       ? 
_refine.pdbx_overall_ESU_R_Free                  ? 
_refine.pdbx_solvent_vdw_probe_radii             1.11 
_refine.pdbx_solvent_ion_probe_radii             ? 
_refine.pdbx_solvent_shrinkage_radii             0.90 
_refine.pdbx_real_space_R                        ? 
_refine.pdbx_density_correlation                 ? 
_refine.pdbx_pd_number_of_powder_patterns        ? 
_refine.pdbx_pd_number_of_points                 ? 
_refine.pdbx_pd_meas_number_of_points            ? 
_refine.pdbx_pd_proc_ls_prof_R_factor            ? 
_refine.pdbx_pd_proc_ls_prof_wR_factor           ? 
_refine.pdbx_pd_Marquardt_correlation_coeff      ? 
_refine.pdbx_pd_Fsqrd_R_factor                   ? 
_refine.pdbx_pd_ls_matrix_band_width             ? 
_refine.pdbx_overall_phase_error                 20.52 
_refine.pdbx_overall_SU_R_free_Cruickshank_DPI   ? 
_refine.pdbx_overall_SU_R_free_Blow_DPI          ? 
_refine.pdbx_overall_SU_R_Blow_DPI               ? 
_refine.pdbx_TLS_residual_ADP_flag               ? 
_refine.pdbx_diffrn_id                           1 
_refine.overall_SU_B                             ? 
_refine.overall_SU_ML                            0.17 
_refine.overall_SU_R_Cruickshank_DPI             ? 
_refine.overall_SU_R_free                        ? 
_refine.overall_FOM_free_R_set                   ? 
_refine.overall_FOM_work_R_set                   ? 
_refine.pdbx_average_fsc_overall                 ? 
_refine.pdbx_average_fsc_work                    ? 
_refine.pdbx_average_fsc_free                    ? 
# 
_refine_hist.pdbx_refine_id                   'X-RAY DIFFRACTION' 
_refine_hist.cycle_id                         LAST 
_refine_hist.pdbx_number_atoms_protein        1207 
_refine_hist.pdbx_number_atoms_nucleic_acid   0 
_refine_hist.pdbx_number_atoms_ligand         15 
_refine_hist.number_atoms_solvent             158 
_refine_hist.number_atoms_total               1380 
_refine_hist.d_res_high                       1.500 
_refine_hist.d_res_low                        44.477 
# 
loop_
_refine_ls_restr.pdbx_refine_id 
_refine_ls_restr.criterion 
_refine_ls_restr.dev_ideal 
_refine_ls_restr.dev_ideal_target 
_refine_ls_restr.number 
_refine_ls_restr.rejects 
_refine_ls_restr.type 
_refine_ls_restr.weight 
_refine_ls_restr.pdbx_restraint_function 
'X-RAY DIFFRACTION' ? 0.006 ? 1276 ? f_bond_d           ? ? 
'X-RAY DIFFRACTION' ? 0.792 ? 1737 ? f_angle_d          ? ? 
'X-RAY DIFFRACTION' ? 2.741 ? 1005 ? f_dihedral_angle_d ? ? 
'X-RAY DIFFRACTION' ? 0.056 ? 180  ? f_chiral_restr     ? ? 
'X-RAY DIFFRACTION' ? 0.006 ? 227  ? f_plane_restr      ? ? 
# 
loop_
_refine_ls_shell.pdbx_refine_id 
_refine_ls_shell.d_res_high 
_refine_ls_shell.d_res_low 
_refine_ls_shell.number_reflns_all 
_refine_ls_shell.number_reflns_obs 
_refine_ls_shell.number_reflns_R_free 
_refine_ls_shell.number_reflns_R_work 
_refine_ls_shell.percent_reflns_obs 
_refine_ls_shell.percent_reflns_R_free 
_refine_ls_shell.R_factor_all 
_refine_ls_shell.R_factor_obs 
_refine_ls_shell.R_factor_R_free 
_refine_ls_shell.R_factor_R_free_error 
_refine_ls_shell.R_factor_R_work 
_refine_ls_shell.redundancy_reflns_all 
_refine_ls_shell.redundancy_reflns_obs 
_refine_ls_shell.wR_factor_all 
_refine_ls_shell.wR_factor_obs 
_refine_ls_shell.wR_factor_R_free 
_refine_ls_shell.wR_factor_R_work 
_refine_ls_shell.pdbx_total_number_of_bins_used 
_refine_ls_shell.pdbx_phase_error 
_refine_ls_shell.pdbx_fsc_work 
_refine_ls_shell.pdbx_fsc_free 
'X-RAY DIFFRACTION' 1.5001 1.5377  . . 137 1479 99.00  . . . 0.2708 . 0.2095 . . . . . . . . . . 
'X-RAY DIFFRACTION' 1.5377 1.5792  . . 142 1536 100.00 . . . 0.2587 . 0.2095 . . . . . . . . . . 
'X-RAY DIFFRACTION' 1.5792 1.6257  . . 140 1524 100.00 . . . 0.2702 . 0.1943 . . . . . . . . . . 
'X-RAY DIFFRACTION' 1.6257 1.6782  . . 141 1519 100.00 . . . 0.2491 . 0.1970 . . . . . . . . . . 
'X-RAY DIFFRACTION' 1.6782 1.7382  . . 142 1528 99.00  . . . 0.2352 . 0.1954 . . . . . . . . . . 
'X-RAY DIFFRACTION' 1.7382 1.8078  . . 141 1525 100.00 . . . 0.2441 . 0.2005 . . . . . . . . . . 
'X-RAY DIFFRACTION' 1.8078 1.8900  . . 141 1526 99.00  . . . 0.2416 . 0.1987 . . . . . . . . . . 
'X-RAY DIFFRACTION' 1.8900 1.9897  . . 140 1513 99.00  . . . 0.2166 . 0.1898 . . . . . . . . . . 
'X-RAY DIFFRACTION' 1.9897 2.1143  . . 141 1531 99.00  . . . 0.2107 . 0.1809 . . . . . . . . . . 
'X-RAY DIFFRACTION' 2.1143 2.2776  . . 144 1558 100.00 . . . 0.2254 . 0.1852 . . . . . . . . . . 
'X-RAY DIFFRACTION' 2.2776 2.5068  . . 144 1546 100.00 . . . 0.2107 . 0.1854 . . . . . . . . . . 
'X-RAY DIFFRACTION' 2.5068 2.8694  . . 145 1581 100.00 . . . 0.2553 . 0.1992 . . . . . . . . . . 
'X-RAY DIFFRACTION' 2.8694 3.6149  . . 148 1586 100.00 . . . 0.2233 . 0.1713 . . . . . . . . . . 
'X-RAY DIFFRACTION' 3.6149 44.4965 . . 154 1676 100.00 . . . 0.1977 . 0.1753 . . . . . . . . . . 
# 
_struct.entry_id                     6GLK 
_struct.title                        'Crystal structure of hMTH1 N33A in the presence of acetate' 
_struct.pdbx_model_details           ? 
_struct.pdbx_formula_weight          ? 
_struct.pdbx_formula_weight_method   ? 
_struct.pdbx_model_type_details      ? 
_struct.pdbx_CASP_flag               N 
# 
_struct_keywords.entry_id        6GLK 
_struct_keywords.text            'Hydrolase, DNA repair' 
_struct_keywords.pdbx_keywords   HYDROLASE 
# 
loop_
_struct_asym.id 
_struct_asym.pdbx_blank_PDB_chainid_flag 
_struct_asym.pdbx_modified 
_struct_asym.entity_id 
_struct_asym.details 
A N N 1 ? 
B N N 2 ? 
C N N 2 ? 
D N N 2 ? 
E N N 3 ? 
# 
_struct_ref.id                         1 
_struct_ref.db_name                    UNP 
_struct_ref.db_code                    8ODP_HUMAN 
_struct_ref.pdbx_db_accession          P36639 
_struct_ref.pdbx_db_isoform            ? 
_struct_ref.entity_id                  1 
_struct_ref.pdbx_seq_one_letter_code   
;MGASRLYTLVLVLQPQRVLLGMKKRGFGAGRWNGFGGKVQEGETIEDGARRELQEESGLTVDALHKVGQIVFEFVGEPEL
MDVHVFCTDSIQGTPVESDEMRPCWFQLDQIPFKDMWPDDSYWFPLLLQKKKFHGYFKFQGQDTILDYTLREVDTV
;
_struct_ref.pdbx_align_begin           42 
# 
_struct_ref_seq.align_id                      1 
_struct_ref_seq.ref_id                        1 
_struct_ref_seq.pdbx_PDB_id_code              6GLK 
_struct_ref_seq.pdbx_strand_id                A 
_struct_ref_seq.seq_align_beg                 27 
_struct_ref_seq.pdbx_seq_align_beg_ins_code   ? 
_struct_ref_seq.seq_align_end                 182 
_struct_ref_seq.pdbx_seq_align_end_ins_code   ? 
_struct_ref_seq.pdbx_db_accession             P36639 
_struct_ref_seq.db_align_beg                  42 
_struct_ref_seq.pdbx_db_align_beg_ins_code    ? 
_struct_ref_seq.db_align_end                  197 
_struct_ref_seq.pdbx_db_align_end_ins_code    ? 
_struct_ref_seq.pdbx_auth_seq_align_beg       1 
_struct_ref_seq.pdbx_auth_seq_align_end       156 
# 
loop_
_struct_ref_seq_dif.align_id 
_struct_ref_seq_dif.pdbx_pdb_id_code 
_struct_ref_seq_dif.mon_id 
_struct_ref_seq_dif.pdbx_pdb_strand_id 
_struct_ref_seq_dif.seq_num 
_struct_ref_seq_dif.pdbx_pdb_ins_code 
_struct_ref_seq_dif.pdbx_seq_db_name 
_struct_ref_seq_dif.pdbx_seq_db_accession_code 
_struct_ref_seq_dif.db_mon_id 
_struct_ref_seq_dif.pdbx_seq_db_seq_num 
_struct_ref_seq_dif.details 
_struct_ref_seq_dif.pdbx_auth_seq_num 
_struct_ref_seq_dif.pdbx_ordinal 
1 6GLK MET A 1  ? UNP P36639 ?   ?  'initiating methionine' -25 1  
1 6GLK LYS A 2  ? UNP P36639 ?   ?  'expression tag'        -24 2  
1 6GLK HIS A 3  ? UNP P36639 ?   ?  'expression tag'        -23 3  
1 6GLK HIS A 4  ? UNP P36639 ?   ?  'expression tag'        -22 4  
1 6GLK HIS A 5  ? UNP P36639 ?   ?  'expression tag'        -21 5  
1 6GLK HIS A 6  ? UNP P36639 ?   ?  'expression tag'        -20 6  
1 6GLK HIS A 7  ? UNP P36639 ?   ?  'expression tag'        -19 7  
1 6GLK HIS A 8  ? UNP P36639 ?   ?  'expression tag'        -18 8  
1 6GLK PRO A 9  ? UNP P36639 ?   ?  'expression tag'        -17 9  
1 6GLK MET A 10 ? UNP P36639 ?   ?  'expression tag'        -16 10 
1 6GLK SER A 11 ? UNP P36639 ?   ?  'expression tag'        -15 11 
1 6GLK ASP A 12 ? UNP P36639 ?   ?  'expression tag'        -14 12 
1 6GLK TYR A 13 ? UNP P36639 ?   ?  'expression tag'        -13 13 
1 6GLK ASP A 14 ? UNP P36639 ?   ?  'expression tag'        -12 14 
1 6GLK ILE A 15 ? UNP P36639 ?   ?  'expression tag'        -11 15 
1 6GLK PRO A 16 ? UNP P36639 ?   ?  'expression tag'        -10 16 
1 6GLK THR A 17 ? UNP P36639 ?   ?  'expression tag'        -9  17 
1 6GLK THR A 18 ? UNP P36639 ?   ?  'expression tag'        -8  18 
1 6GLK GLU A 19 ? UNP P36639 ?   ?  'expression tag'        -7  19 
1 6GLK ASN A 20 ? UNP P36639 ?   ?  'expression tag'        -6  20 
1 6GLK LEU A 21 ? UNP P36639 ?   ?  'expression tag'        -5  21 
1 6GLK TYR A 22 ? UNP P36639 ?   ?  'expression tag'        -4  22 
1 6GLK PHE A 23 ? UNP P36639 ?   ?  'expression tag'        -3  23 
1 6GLK GLN A 24 ? UNP P36639 ?   ?  'expression tag'        -2  24 
1 6GLK GLY A 25 ? UNP P36639 ?   ?  'expression tag'        -1  25 
1 6GLK ALA A 26 ? UNP P36639 ?   ?  'expression tag'        0   26 
1 6GLK ALA A 59 ? UNP P36639 ASN 74 'engineered mutation'   33  27 
# 
_pdbx_struct_assembly.id                   1 
_pdbx_struct_assembly.details              author_and_software_defined_assembly 
_pdbx_struct_assembly.method_details       PISA 
_pdbx_struct_assembly.oligomeric_details   monomeric 
_pdbx_struct_assembly.oligomeric_count     1 
# 
loop_
_pdbx_struct_assembly_prop.biol_id 
_pdbx_struct_assembly_prop.type 
_pdbx_struct_assembly_prop.value 
_pdbx_struct_assembly_prop.details 
1 'ABSA (A^2)' 440  ? 
1 MORE         -30  ? 
1 'SSA (A^2)'  8030 ? 
# 
_pdbx_struct_assembly_gen.assembly_id       1 
_pdbx_struct_assembly_gen.oper_expression   1 
_pdbx_struct_assembly_gen.asym_id_list      A,B,C,D,E 
# 
_pdbx_struct_assembly_auth_evidence.id                     1 
_pdbx_struct_assembly_auth_evidence.assembly_id            1 
_pdbx_struct_assembly_auth_evidence.experimental_support   'gel filtration' 
_pdbx_struct_assembly_auth_evidence.details                ? 
# 
_pdbx_struct_oper_list.id                   1 
_pdbx_struct_oper_list.type                 'identity operation' 
_pdbx_struct_oper_list.name                 1_555 
_pdbx_struct_oper_list.symmetry_operation   x,y,z 
_pdbx_struct_oper_list.matrix[1][1]         1.0000000000 
_pdbx_struct_oper_list.matrix[1][2]         0.0000000000 
_pdbx_struct_oper_list.matrix[1][3]         0.0000000000 
_pdbx_struct_oper_list.vector[1]            0.0000000000 
_pdbx_struct_oper_list.matrix[2][1]         0.0000000000 
_pdbx_struct_oper_list.matrix[2][2]         1.0000000000 
_pdbx_struct_oper_list.matrix[2][3]         0.0000000000 
_pdbx_struct_oper_list.vector[2]            0.0000000000 
_pdbx_struct_oper_list.matrix[3][1]         0.0000000000 
_pdbx_struct_oper_list.matrix[3][2]         0.0000000000 
_pdbx_struct_oper_list.matrix[3][3]         1.0000000000 
_pdbx_struct_oper_list.vector[3]            0.0000000000 
# 
loop_
_struct_conf.conf_type_id 
_struct_conf.id 
_struct_conf.pdbx_PDB_helix_id 
_struct_conf.beg_label_comp_id 
_struct_conf.beg_label_asym_id 
_struct_conf.beg_label_seq_id 
_struct_conf.pdbx_beg_PDB_ins_code 
_struct_conf.end_label_comp_id 
_struct_conf.end_label_asym_id 
_struct_conf.end_label_seq_id 
_struct_conf.pdbx_end_PDB_ins_code 
_struct_conf.beg_auth_comp_id 
_struct_conf.beg_auth_asym_id 
_struct_conf.beg_auth_seq_id 
_struct_conf.end_auth_comp_id 
_struct_conf.end_auth_asym_id 
_struct_conf.end_auth_seq_id 
_struct_conf.pdbx_PDB_helix_class 
_struct_conf.details 
_struct_conf.pdbx_PDB_helix_length 
HELX_P HELX_P1 AA1 THR A 70  ? GLY A 84  ? THR A 44  GLY A 58  1 ? 15 
HELX_P HELX_P2 AA2 ASP A 135 ? ILE A 137 ? ASP A 109 ILE A 111 5 ? 3  
HELX_P HELX_P3 AA3 PRO A 138 ? MET A 142 ? PRO A 112 MET A 116 5 ? 5  
HELX_P HELX_P4 AA4 TRP A 143 ? PRO A 144 ? TRP A 117 PRO A 118 5 ? 2  
HELX_P HELX_P5 AA5 ASP A 145 ? GLN A 155 ? ASP A 119 GLN A 129 1 ? 11 
# 
_struct_conf_type.id          HELX_P 
_struct_conf_type.criteria    ? 
_struct_conf_type.reference   ? 
# 
loop_
_struct_sheet.id 
_struct_sheet.type 
_struct_sheet.number_strands 
_struct_sheet.details 
AA1 ? 3 ? 
AA2 ? 7 ? 
AA3 ? 2 ? 
# 
loop_
_struct_sheet_order.sheet_id 
_struct_sheet_order.range_id_1 
_struct_sheet_order.range_id_2 
_struct_sheet_order.offset 
_struct_sheet_order.sense 
AA1 1 2 ? anti-parallel 
AA1 2 3 ? anti-parallel 
AA2 1 2 ? anti-parallel 
AA2 2 3 ? anti-parallel 
AA2 3 4 ? parallel      
AA2 4 5 ? anti-parallel 
AA2 5 6 ? parallel      
AA2 6 7 ? anti-parallel 
AA3 1 2 ? anti-parallel 
# 
loop_
_struct_sheet_range.sheet_id 
_struct_sheet_range.id 
_struct_sheet_range.beg_label_comp_id 
_struct_sheet_range.beg_label_asym_id 
_struct_sheet_range.beg_label_seq_id 
_struct_sheet_range.pdbx_beg_PDB_ins_code 
_struct_sheet_range.end_label_comp_id 
_struct_sheet_range.end_label_asym_id 
_struct_sheet_range.end_label_seq_id 
_struct_sheet_range.pdbx_end_PDB_ins_code 
_struct_sheet_range.beg_auth_comp_id 
_struct_sheet_range.beg_auth_asym_id 
_struct_sheet_range.beg_auth_seq_id 
_struct_sheet_range.end_auth_comp_id 
_struct_sheet_range.end_auth_asym_id 
_struct_sheet_range.end_auth_seq_id 
AA1 1 TRP A 58  ? ALA A 59  ? TRP A 32  ALA A 33  
AA1 2 ARG A 43  ? LYS A 49  ? ARG A 17  LYS A 23  
AA1 3 MET A 127 ? GLN A 133 ? MET A 101 GLN A 107 
AA2 1 TRP A 58  ? ALA A 59  ? TRP A 32  ALA A 33  
AA2 2 ARG A 43  ? LYS A 49  ? ARG A 17  LYS A 23  
AA2 3 SER A 30  ? GLN A 40  ? SER A 4   GLN A 14  
AA2 4 LEU A 106 ? THR A 114 ? LEU A 80  THR A 88  
AA2 5 HIS A 91  ? PHE A 100 ? HIS A 65  PHE A 74  
AA2 6 LYS A 158 ? GLN A 166 ? LYS A 132 GLN A 140 
AA2 7 THR A 170 ? VAL A 179 ? THR A 144 VAL A 153 
AA3 1 THR A 86  ? VAL A 87  ? THR A 60  VAL A 61  
AA3 2 ILE A 117 ? GLN A 118 ? ILE A 91  GLN A 92  
# 
loop_
_pdbx_struct_sheet_hbond.sheet_id 
_pdbx_struct_sheet_hbond.range_id_1 
_pdbx_struct_sheet_hbond.range_id_2 
_pdbx_struct_sheet_hbond.range_1_label_atom_id 
_pdbx_struct_sheet_hbond.range_1_label_comp_id 
_pdbx_struct_sheet_hbond.range_1_label_asym_id 
_pdbx_struct_sheet_hbond.range_1_label_seq_id 
_pdbx_struct_sheet_hbond.range_1_PDB_ins_code 
_pdbx_struct_sheet_hbond.range_1_auth_atom_id 
_pdbx_struct_sheet_hbond.range_1_auth_comp_id 
_pdbx_struct_sheet_hbond.range_1_auth_asym_id 
_pdbx_struct_sheet_hbond.range_1_auth_seq_id 
_pdbx_struct_sheet_hbond.range_2_label_atom_id 
_pdbx_struct_sheet_hbond.range_2_label_comp_id 
_pdbx_struct_sheet_hbond.range_2_label_asym_id 
_pdbx_struct_sheet_hbond.range_2_label_seq_id 
_pdbx_struct_sheet_hbond.range_2_PDB_ins_code 
_pdbx_struct_sheet_hbond.range_2_auth_atom_id 
_pdbx_struct_sheet_hbond.range_2_auth_comp_id 
_pdbx_struct_sheet_hbond.range_2_auth_asym_id 
_pdbx_struct_sheet_hbond.range_2_auth_seq_id 
AA1 1 2 O ALA A 59  ? O ALA A 33  N GLY A 47  ? N GLY A 21  
AA1 2 3 N LEU A 46  ? N LEU A 20  O CYS A 130 ? O CYS A 104 
AA2 1 2 O ALA A 59  ? O ALA A 33  N GLY A 47  ? N GLY A 21  
AA2 2 3 O ARG A 43  ? O ARG A 17  N GLN A 40  ? N GLN A 14  
AA2 3 4 N ARG A 31  ? N ARG A 5   O ASP A 108 ? O ASP A 82  
AA2 4 5 O VAL A 109 ? O VAL A 83  N ILE A 96  ? N ILE A 70  
AA2 5 6 N GLU A 99  ? N GLU A 73  O PHE A 165 ? O PHE A 139 
AA2 6 7 N LYS A 164 ? N LYS A 138 O ASP A 173 ? O ASP A 147 
AA3 1 2 N THR A 86  ? N THR A 60  O GLN A 118 ? O GLN A 92  
# 
loop_
_struct_site.id 
_struct_site.pdbx_evidence_code 
_struct_site.pdbx_auth_asym_id 
_struct_site.pdbx_auth_comp_id 
_struct_site.pdbx_auth_seq_id 
_struct_site.pdbx_auth_ins_code 
_struct_site.pdbx_num_residues 
_struct_site.details 
AC1 Software A SO4 201 ? 3 'binding site for residue SO4 A 201' 
AC2 Software A SO4 202 ? 8 'binding site for residue SO4 A 202' 
AC3 Software A SO4 203 ? 4 'binding site for residue SO4 A 203' 
# 
loop_
_struct_site_gen.id 
_struct_site_gen.site_id 
_struct_site_gen.pdbx_num_res 
_struct_site_gen.label_comp_id 
_struct_site_gen.label_asym_id 
_struct_site_gen.label_seq_id 
_struct_site_gen.pdbx_auth_ins_code 
_struct_site_gen.auth_comp_id 
_struct_site_gen.auth_asym_id 
_struct_site_gen.auth_seq_id 
_struct_site_gen.label_atom_id 
_struct_site_gen.label_alt_id 
_struct_site_gen.symmetry 
_struct_site_gen.details 
1  AC1 3 HIS A 160 ? HIS A 134 . ? 1_555 ? 
2  AC1 3 ARG A 177 ? ARG A 151 . ? 1_555 ? 
3  AC1 3 HOH E .   ? HOH A 391 . ? 1_555 ? 
4  AC2 8 PRO A 121 ? PRO A 95  . ? 1_555 ? 
5  AC2 8 TRP A 131 ? TRP A 105 . ? 1_555 ? 
6  AC2 8 VAL A 179 ? VAL A 153 . ? 4_545 ? 
7  AC2 8 ASP A 180 ? ASP A 154 . ? 4_545 ? 
8  AC2 8 THR A 181 ? THR A 155 . ? 4_545 ? 
9  AC2 8 HOH E .   ? HOH A 301 . ? 1_555 ? 
10 AC2 8 HOH E .   ? HOH A 349 . ? 1_555 ? 
11 AC2 8 HOH E .   ? HOH A 390 . ? 1_555 ? 
12 AC3 4 HIS A 91  ? HIS A 65  . ? 1_555 ? 
13 AC3 4 LYS A 92  ? LYS A 66  . ? 1_555 ? 
14 AC3 4 HOH E .   ? HOH A 302 . ? 1_555 ? 
15 AC3 4 HOH E .   ? HOH A 304 . ? 1_555 ? 
# 
loop_
_pdbx_validate_close_contact.id 
_pdbx_validate_close_contact.PDB_model_num 
_pdbx_validate_close_contact.auth_atom_id_1 
_pdbx_validate_close_contact.auth_asym_id_1 
_pdbx_validate_close_contact.auth_comp_id_1 
_pdbx_validate_close_contact.auth_seq_id_1 
_pdbx_validate_close_contact.PDB_ins_code_1 
_pdbx_validate_close_contact.label_alt_id_1 
_pdbx_validate_close_contact.auth_atom_id_2 
_pdbx_validate_close_contact.auth_asym_id_2 
_pdbx_validate_close_contact.auth_comp_id_2 
_pdbx_validate_close_contact.auth_seq_id_2 
_pdbx_validate_close_contact.PDB_ins_code_2 
_pdbx_validate_close_contact.label_alt_id_2 
_pdbx_validate_close_contact.dist 
1 1 O1 A SO4 202 ? ? O A HOH 301 ? ? 2.13 
2 1 O2 A SO4 203 ? ? O A HOH 302 ? ? 2.17 
# 
_pdbx_validate_symm_contact.id                1 
_pdbx_validate_symm_contact.PDB_model_num     1 
_pdbx_validate_symm_contact.auth_atom_id_1    OD2 
_pdbx_validate_symm_contact.auth_asym_id_1    A 
_pdbx_validate_symm_contact.auth_comp_id_1    ASP 
_pdbx_validate_symm_contact.auth_seq_id_1     99 
_pdbx_validate_symm_contact.PDB_ins_code_1    ? 
_pdbx_validate_symm_contact.label_alt_id_1    ? 
_pdbx_validate_symm_contact.site_symmetry_1   1_555 
_pdbx_validate_symm_contact.auth_atom_id_2    OH 
_pdbx_validate_symm_contact.auth_asym_id_2    A 
_pdbx_validate_symm_contact.auth_comp_id_2    TYR 
_pdbx_validate_symm_contact.auth_seq_id_2     122 
_pdbx_validate_symm_contact.PDB_ins_code_2    ? 
_pdbx_validate_symm_contact.label_alt_id_2    ? 
_pdbx_validate_symm_contact.site_symmetry_2   3_455 
_pdbx_validate_symm_contact.dist              2.12 
# 
_pdbx_validate_torsion.id              1 
_pdbx_validate_torsion.PDB_model_num   1 
_pdbx_validate_torsion.auth_comp_id    ASP 
_pdbx_validate_torsion.auth_asym_id    A 
_pdbx_validate_torsion.auth_seq_id     62 
_pdbx_validate_torsion.PDB_ins_code    ? 
_pdbx_validate_torsion.label_alt_id    ? 
_pdbx_validate_torsion.phi             -89.04 
_pdbx_validate_torsion.psi             -105.84 
# 
loop_
_pdbx_struct_special_symmetry.id 
_pdbx_struct_special_symmetry.PDB_model_num 
_pdbx_struct_special_symmetry.auth_asym_id 
_pdbx_struct_special_symmetry.auth_comp_id 
_pdbx_struct_special_symmetry.auth_seq_id 
_pdbx_struct_special_symmetry.PDB_ins_code 
_pdbx_struct_special_symmetry.label_asym_id 
_pdbx_struct_special_symmetry.label_comp_id 
_pdbx_struct_special_symmetry.label_seq_id 
1 1 A HOH 425 ? E HOH . 
2 1 A HOH 453 ? E HOH . 
# 
_pdbx_distant_solvent_atoms.id                                1 
_pdbx_distant_solvent_atoms.PDB_model_num                     1 
_pdbx_distant_solvent_atoms.auth_atom_id                      O 
_pdbx_distant_solvent_atoms.label_alt_id                      ? 
_pdbx_distant_solvent_atoms.auth_asym_id                      A 
_pdbx_distant_solvent_atoms.auth_comp_id                      HOH 
_pdbx_distant_solvent_atoms.auth_seq_id                       458 
_pdbx_distant_solvent_atoms.PDB_ins_code                      ? 
_pdbx_distant_solvent_atoms.neighbor_macromolecule_distance   5.83 
_pdbx_distant_solvent_atoms.neighbor_ligand_distance          . 
# 
loop_
_pdbx_unobs_or_zero_occ_residues.id 
_pdbx_unobs_or_zero_occ_residues.PDB_model_num 
_pdbx_unobs_or_zero_occ_residues.polymer_flag 
_pdbx_unobs_or_zero_occ_residues.occupancy_flag 
_pdbx_unobs_or_zero_occ_residues.auth_asym_id 
_pdbx_unobs_or_zero_occ_residues.auth_comp_id 
_pdbx_unobs_or_zero_occ_residues.auth_seq_id 
_pdbx_unobs_or_zero_occ_residues.PDB_ins_code 
_pdbx_unobs_or_zero_occ_residues.label_asym_id 
_pdbx_unobs_or_zero_occ_residues.label_comp_id 
_pdbx_unobs_or_zero_occ_residues.label_seq_id 
1  1 Y 1 A MET -25 ? A MET 1  
2  1 Y 1 A LYS -24 ? A LYS 2  
3  1 Y 1 A HIS -23 ? A HIS 3  
4  1 Y 1 A HIS -22 ? A HIS 4  
5  1 Y 1 A HIS -21 ? A HIS 5  
6  1 Y 1 A HIS -20 ? A HIS 6  
7  1 Y 1 A HIS -19 ? A HIS 7  
8  1 Y 1 A HIS -18 ? A HIS 8  
9  1 Y 1 A PRO -17 ? A PRO 9  
10 1 Y 1 A MET -16 ? A MET 10 
11 1 Y 1 A SER -15 ? A SER 11 
12 1 Y 1 A ASP -14 ? A ASP 12 
13 1 Y 1 A TYR -13 ? A TYR 13 
14 1 Y 1 A ASP -12 ? A ASP 14 
15 1 Y 1 A ILE -11 ? A ILE 15 
16 1 Y 1 A PRO -10 ? A PRO 16 
17 1 Y 1 A THR -9  ? A THR 17 
18 1 Y 1 A THR -8  ? A THR 18 
19 1 Y 1 A GLU -7  ? A GLU 19 
20 1 Y 1 A ASN -6  ? A ASN 20 
21 1 Y 1 A LEU -5  ? A LEU 21 
22 1 Y 1 A TYR -4  ? A TYR 22 
23 1 Y 1 A PHE -3  ? A PHE 23 
24 1 Y 1 A GLN -2  ? A GLN 24 
25 1 Y 1 A GLY -1  ? A GLY 25 
26 1 Y 1 A ALA 0   ? A ALA 26 
27 1 Y 1 A MET 1   ? A MET 27 
28 1 Y 1 A GLY 2   ? A GLY 28 
# 
loop_
_chem_comp_atom.comp_id 
_chem_comp_atom.atom_id 
_chem_comp_atom.type_symbol 
_chem_comp_atom.pdbx_aromatic_flag 
_chem_comp_atom.pdbx_stereo_config 
_chem_comp_atom.pdbx_ordinal 
ALA N    N N N 1   
ALA CA   C N S 2   
ALA C    C N N 3   
ALA O    O N N 4   
ALA CB   C N N 5   
ALA OXT  O N N 6   
ALA H    H N N 7   
ALA H2   H N N 8   
ALA HA   H N N 9   
ALA HB1  H N N 10  
ALA HB2  H N N 11  
ALA HB3  H N N 12  
ALA HXT  H N N 13  
ARG N    N N N 14  
ARG CA   C N S 15  
ARG C    C N N 16  
ARG O    O N N 17  
ARG CB   C N N 18  
ARG CG   C N N 19  
ARG CD   C N N 20  
ARG NE   N N N 21  
ARG CZ   C N N 22  
ARG NH1  N N N 23  
ARG NH2  N N N 24  
ARG OXT  O N N 25  
ARG H    H N N 26  
ARG H2   H N N 27  
ARG HA   H N N 28  
ARG HB2  H N N 29  
ARG HB3  H N N 30  
ARG HG2  H N N 31  
ARG HG3  H N N 32  
ARG HD2  H N N 33  
ARG HD3  H N N 34  
ARG HE   H N N 35  
ARG HH11 H N N 36  
ARG HH12 H N N 37  
ARG HH21 H N N 38  
ARG HH22 H N N 39  
ARG HXT  H N N 40  
ASN N    N N N 41  
ASN CA   C N S 42  
ASN C    C N N 43  
ASN O    O N N 44  
ASN CB   C N N 45  
ASN CG   C N N 46  
ASN OD1  O N N 47  
ASN ND2  N N N 48  
ASN OXT  O N N 49  
ASN H    H N N 50  
ASN H2   H N N 51  
ASN HA   H N N 52  
ASN HB2  H N N 53  
ASN HB3  H N N 54  
ASN HD21 H N N 55  
ASN HD22 H N N 56  
ASN HXT  H N N 57  
ASP N    N N N 58  
ASP CA   C N S 59  
ASP C    C N N 60  
ASP O    O N N 61  
ASP CB   C N N 62  
ASP CG   C N N 63  
ASP OD1  O N N 64  
ASP OD2  O N N 65  
ASP OXT  O N N 66  
ASP H    H N N 67  
ASP H2   H N N 68  
ASP HA   H N N 69  
ASP HB2  H N N 70  
ASP HB3  H N N 71  
ASP HD2  H N N 72  
ASP HXT  H N N 73  
CYS N    N N N 74  
CYS CA   C N R 75  
CYS C    C N N 76  
CYS O    O N N 77  
CYS CB   C N N 78  
CYS SG   S N N 79  
CYS OXT  O N N 80  
CYS H    H N N 81  
CYS H2   H N N 82  
CYS HA   H N N 83  
CYS HB2  H N N 84  
CYS HB3  H N N 85  
CYS HG   H N N 86  
CYS HXT  H N N 87  
GLN N    N N N 88  
GLN CA   C N S 89  
GLN C    C N N 90  
GLN O    O N N 91  
GLN CB   C N N 92  
GLN CG   C N N 93  
GLN CD   C N N 94  
GLN OE1  O N N 95  
GLN NE2  N N N 96  
GLN OXT  O N N 97  
GLN H    H N N 98  
GLN H2   H N N 99  
GLN HA   H N N 100 
GLN HB2  H N N 101 
GLN HB3  H N N 102 
GLN HG2  H N N 103 
GLN HG3  H N N 104 
GLN HE21 H N N 105 
GLN HE22 H N N 106 
GLN HXT  H N N 107 
GLU N    N N N 108 
GLU CA   C N S 109 
GLU C    C N N 110 
GLU O    O N N 111 
GLU CB   C N N 112 
GLU CG   C N N 113 
GLU CD   C N N 114 
GLU OE1  O N N 115 
GLU OE2  O N N 116 
GLU OXT  O N N 117 
GLU H    H N N 118 
GLU H2   H N N 119 
GLU HA   H N N 120 
GLU HB2  H N N 121 
GLU HB3  H N N 122 
GLU HG2  H N N 123 
GLU HG3  H N N 124 
GLU HE2  H N N 125 
GLU HXT  H N N 126 
GLY N    N N N 127 
GLY CA   C N N 128 
GLY C    C N N 129 
GLY O    O N N 130 
GLY OXT  O N N 131 
GLY H    H N N 132 
GLY H2   H N N 133 
GLY HA2  H N N 134 
GLY HA3  H N N 135 
GLY HXT  H N N 136 
HIS N    N N N 137 
HIS CA   C N S 138 
HIS C    C N N 139 
HIS O    O N N 140 
HIS CB   C N N 141 
HIS CG   C Y N 142 
HIS ND1  N Y N 143 
HIS CD2  C Y N 144 
HIS CE1  C Y N 145 
HIS NE2  N Y N 146 
HIS OXT  O N N 147 
HIS H    H N N 148 
HIS H2   H N N 149 
HIS HA   H N N 150 
HIS HB2  H N N 151 
HIS HB3  H N N 152 
HIS HD1  H N N 153 
HIS HD2  H N N 154 
HIS HE1  H N N 155 
HIS HE2  H N N 156 
HIS HXT  H N N 157 
HOH O    O N N 158 
HOH H1   H N N 159 
HOH H2   H N N 160 
ILE N    N N N 161 
ILE CA   C N S 162 
ILE C    C N N 163 
ILE O    O N N 164 
ILE CB   C N S 165 
ILE CG1  C N N 166 
ILE CG2  C N N 167 
ILE CD1  C N N 168 
ILE OXT  O N N 169 
ILE H    H N N 170 
ILE H2   H N N 171 
ILE HA   H N N 172 
ILE HB   H N N 173 
ILE HG12 H N N 174 
ILE HG13 H N N 175 
ILE HG21 H N N 176 
ILE HG22 H N N 177 
ILE HG23 H N N 178 
ILE HD11 H N N 179 
ILE HD12 H N N 180 
ILE HD13 H N N 181 
ILE HXT  H N N 182 
LEU N    N N N 183 
LEU CA   C N S 184 
LEU C    C N N 185 
LEU O    O N N 186 
LEU CB   C N N 187 
LEU CG   C N N 188 
LEU CD1  C N N 189 
LEU CD2  C N N 190 
LEU OXT  O N N 191 
LEU H    H N N 192 
LEU H2   H N N 193 
LEU HA   H N N 194 
LEU HB2  H N N 195 
LEU HB3  H N N 196 
LEU HG   H N N 197 
LEU HD11 H N N 198 
LEU HD12 H N N 199 
LEU HD13 H N N 200 
LEU HD21 H N N 201 
LEU HD22 H N N 202 
LEU HD23 H N N 203 
LEU HXT  H N N 204 
LYS N    N N N 205 
LYS CA   C N S 206 
LYS C    C N N 207 
LYS O    O N N 208 
LYS CB   C N N 209 
LYS CG   C N N 210 
LYS CD   C N N 211 
LYS CE   C N N 212 
LYS NZ   N N N 213 
LYS OXT  O N N 214 
LYS H    H N N 215 
LYS H2   H N N 216 
LYS HA   H N N 217 
LYS HB2  H N N 218 
LYS HB3  H N N 219 
LYS HG2  H N N 220 
LYS HG3  H N N 221 
LYS HD2  H N N 222 
LYS HD3  H N N 223 
LYS HE2  H N N 224 
LYS HE3  H N N 225 
LYS HZ1  H N N 226 
LYS HZ2  H N N 227 
LYS HZ3  H N N 228 
LYS HXT  H N N 229 
MET N    N N N 230 
MET CA   C N S 231 
MET C    C N N 232 
MET O    O N N 233 
MET CB   C N N 234 
MET CG   C N N 235 
MET SD   S N N 236 
MET CE   C N N 237 
MET OXT  O N N 238 
MET H    H N N 239 
MET H2   H N N 240 
MET HA   H N N 241 
MET HB2  H N N 242 
MET HB3  H N N 243 
MET HG2  H N N 244 
MET HG3  H N N 245 
MET HE1  H N N 246 
MET HE2  H N N 247 
MET HE3  H N N 248 
MET HXT  H N N 249 
PHE N    N N N 250 
PHE CA   C N S 251 
PHE C    C N N 252 
PHE O    O N N 253 
PHE CB   C N N 254 
PHE CG   C Y N 255 
PHE CD1  C Y N 256 
PHE CD2  C Y N 257 
PHE CE1  C Y N 258 
PHE CE2  C Y N 259 
PHE CZ   C Y N 260 
PHE OXT  O N N 261 
PHE H    H N N 262 
PHE H2   H N N 263 
PHE HA   H N N 264 
PHE HB2  H N N 265 
PHE HB3  H N N 266 
PHE HD1  H N N 267 
PHE HD2  H N N 268 
PHE HE1  H N N 269 
PHE HE2  H N N 270 
PHE HZ   H N N 271 
PHE HXT  H N N 272 
PRO N    N N N 273 
PRO CA   C N S 274 
PRO C    C N N 275 
PRO O    O N N 276 
PRO CB   C N N 277 
PRO CG   C N N 278 
PRO CD   C N N 279 
PRO OXT  O N N 280 
PRO H    H N N 281 
PRO HA   H N N 282 
PRO HB2  H N N 283 
PRO HB3  H N N 284 
PRO HG2  H N N 285 
PRO HG3  H N N 286 
PRO HD2  H N N 287 
PRO HD3  H N N 288 
PRO HXT  H N N 289 
SER N    N N N 290 
SER CA   C N S 291 
SER C    C N N 292 
SER O    O N N 293 
SER CB   C N N 294 
SER OG   O N N 295 
SER OXT  O N N 296 
SER H    H N N 297 
SER H2   H N N 298 
SER HA   H N N 299 
SER HB2  H N N 300 
SER HB3  H N N 301 
SER HG   H N N 302 
SER HXT  H N N 303 
SO4 S    S N N 304 
SO4 O1   O N N 305 
SO4 O2   O N N 306 
SO4 O3   O N N 307 
SO4 O4   O N N 308 
THR N    N N N 309 
THR CA   C N S 310 
THR C    C N N 311 
THR O    O N N 312 
THR CB   C N R 313 
THR OG1  O N N 314 
THR CG2  C N N 315 
THR OXT  O N N 316 
THR H    H N N 317 
THR H2   H N N 318 
THR HA   H N N 319 
THR HB   H N N 320 
THR HG1  H N N 321 
THR HG21 H N N 322 
THR HG22 H N N 323 
THR HG23 H N N 324 
THR HXT  H N N 325 
TRP N    N N N 326 
TRP CA   C N S 327 
TRP C    C N N 328 
TRP O    O N N 329 
TRP CB   C N N 330 
TRP CG   C Y N 331 
TRP CD1  C Y N 332 
TRP CD2  C Y N 333 
TRP NE1  N Y N 334 
TRP CE2  C Y N 335 
TRP CE3  C Y N 336 
TRP CZ2  C Y N 337 
TRP CZ3  C Y N 338 
TRP CH2  C Y N 339 
TRP OXT  O N N 340 
TRP H    H N N 341 
TRP H2   H N N 342 
TRP HA   H N N 343 
TRP HB2  H N N 344 
TRP HB3  H N N 345 
TRP HD1  H N N 346 
TRP HE1  H N N 347 
TRP HE3  H N N 348 
TRP HZ2  H N N 349 
TRP HZ3  H N N 350 
TRP HH2  H N N 351 
TRP HXT  H N N 352 
TYR N    N N N 353 
TYR CA   C N S 354 
TYR C    C N N 355 
TYR O    O N N 356 
TYR CB   C N N 357 
TYR CG   C Y N 358 
TYR CD1  C Y N 359 
TYR CD2  C Y N 360 
TYR CE1  C Y N 361 
TYR CE2  C Y N 362 
TYR CZ   C Y N 363 
TYR OH   O N N 364 
TYR OXT  O N N 365 
TYR H    H N N 366 
TYR H2   H N N 367 
TYR HA   H N N 368 
TYR HB2  H N N 369 
TYR HB3  H N N 370 
TYR HD1  H N N 371 
TYR HD2  H N N 372 
TYR HE1  H N N 373 
TYR HE2  H N N 374 
TYR HH   H N N 375 
TYR HXT  H N N 376 
VAL N    N N N 377 
VAL CA   C N S 378 
VAL C    C N N 379 
VAL O    O N N 380 
VAL CB   C N N 381 
VAL CG1  C N N 382 
VAL CG2  C N N 383 
VAL OXT  O N N 384 
VAL H    H N N 385 
VAL H2   H N N 386 
VAL HA   H N N 387 
VAL HB   H N N 388 
VAL HG11 H N N 389 
VAL HG12 H N N 390 
VAL HG13 H N N 391 
VAL HG21 H N N 392 
VAL HG22 H N N 393 
VAL HG23 H N N 394 
VAL HXT  H N N 395 
# 
loop_
_chem_comp_bond.comp_id 
_chem_comp_bond.atom_id_1 
_chem_comp_bond.atom_id_2 
_chem_comp_bond.value_order 
_chem_comp_bond.pdbx_aromatic_flag 
_chem_comp_bond.pdbx_stereo_config 
_chem_comp_bond.pdbx_ordinal 
ALA N   CA   sing N N 1   
ALA N   H    sing N N 2   
ALA N   H2   sing N N 3   
ALA CA  C    sing N N 4   
ALA CA  CB   sing N N 5   
ALA CA  HA   sing N N 6   
ALA C   O    doub N N 7   
ALA C   OXT  sing N N 8   
ALA CB  HB1  sing N N 9   
ALA CB  HB2  sing N N 10  
ALA CB  HB3  sing N N 11  
ALA OXT HXT  sing N N 12  
ARG N   CA   sing N N 13  
ARG N   H    sing N N 14  
ARG N   H2   sing N N 15  
ARG CA  C    sing N N 16  
ARG CA  CB   sing N N 17  
ARG CA  HA   sing N N 18  
ARG C   O    doub N N 19  
ARG C   OXT  sing N N 20  
ARG CB  CG   sing N N 21  
ARG CB  HB2  sing N N 22  
ARG CB  HB3  sing N N 23  
ARG CG  CD   sing N N 24  
ARG CG  HG2  sing N N 25  
ARG CG  HG3  sing N N 26  
ARG CD  NE   sing N N 27  
ARG CD  HD2  sing N N 28  
ARG CD  HD3  sing N N 29  
ARG NE  CZ   sing N N 30  
ARG NE  HE   sing N N 31  
ARG CZ  NH1  sing N N 32  
ARG CZ  NH2  doub N N 33  
ARG NH1 HH11 sing N N 34  
ARG NH1 HH12 sing N N 35  
ARG NH2 HH21 sing N N 36  
ARG NH2 HH22 sing N N 37  
ARG OXT HXT  sing N N 38  
ASN N   CA   sing N N 39  
ASN N   H    sing N N 40  
ASN N   H2   sing N N 41  
ASN CA  C    sing N N 42  
ASN CA  CB   sing N N 43  
ASN CA  HA   sing N N 44  
ASN C   O    doub N N 45  
ASN C   OXT  sing N N 46  
ASN CB  CG   sing N N 47  
ASN CB  HB2  sing N N 48  
ASN CB  HB3  sing N N 49  
ASN CG  OD1  doub N N 50  
ASN CG  ND2  sing N N 51  
ASN ND2 HD21 sing N N 52  
ASN ND2 HD22 sing N N 53  
ASN OXT HXT  sing N N 54  
ASP N   CA   sing N N 55  
ASP N   H    sing N N 56  
ASP N   H2   sing N N 57  
ASP CA  C    sing N N 58  
ASP CA  CB   sing N N 59  
ASP CA  HA   sing N N 60  
ASP C   O    doub N N 61  
ASP C   OXT  sing N N 62  
ASP CB  CG   sing N N 63  
ASP CB  HB2  sing N N 64  
ASP CB  HB3  sing N N 65  
ASP CG  OD1  doub N N 66  
ASP CG  OD2  sing N N 67  
ASP OD2 HD2  sing N N 68  
ASP OXT HXT  sing N N 69  
CYS N   CA   sing N N 70  
CYS N   H    sing N N 71  
CYS N   H2   sing N N 72  
CYS CA  C    sing N N 73  
CYS CA  CB   sing N N 74  
CYS CA  HA   sing N N 75  
CYS C   O    doub N N 76  
CYS C   OXT  sing N N 77  
CYS CB  SG   sing N N 78  
CYS CB  HB2  sing N N 79  
CYS CB  HB3  sing N N 80  
CYS SG  HG   sing N N 81  
CYS OXT HXT  sing N N 82  
GLN N   CA   sing N N 83  
GLN N   H    sing N N 84  
GLN N   H2   sing N N 85  
GLN CA  C    sing N N 86  
GLN CA  CB   sing N N 87  
GLN CA  HA   sing N N 88  
GLN C   O    doub N N 89  
GLN C   OXT  sing N N 90  
GLN CB  CG   sing N N 91  
GLN CB  HB2  sing N N 92  
GLN CB  HB3  sing N N 93  
GLN CG  CD   sing N N 94  
GLN CG  HG2  sing N N 95  
GLN CG  HG3  sing N N 96  
GLN CD  OE1  doub N N 97  
GLN CD  NE2  sing N N 98  
GLN NE2 HE21 sing N N 99  
GLN NE2 HE22 sing N N 100 
GLN OXT HXT  sing N N 101 
GLU N   CA   sing N N 102 
GLU N   H    sing N N 103 
GLU N   H2   sing N N 104 
GLU CA  C    sing N N 105 
GLU CA  CB   sing N N 106 
GLU CA  HA   sing N N 107 
GLU C   O    doub N N 108 
GLU C   OXT  sing N N 109 
GLU CB  CG   sing N N 110 
GLU CB  HB2  sing N N 111 
GLU CB  HB3  sing N N 112 
GLU CG  CD   sing N N 113 
GLU CG  HG2  sing N N 114 
GLU CG  HG3  sing N N 115 
GLU CD  OE1  doub N N 116 
GLU CD  OE2  sing N N 117 
GLU OE2 HE2  sing N N 118 
GLU OXT HXT  sing N N 119 
GLY N   CA   sing N N 120 
GLY N   H    sing N N 121 
GLY N   H2   sing N N 122 
GLY CA  C    sing N N 123 
GLY CA  HA2  sing N N 124 
GLY CA  HA3  sing N N 125 
GLY C   O    doub N N 126 
GLY C   OXT  sing N N 127 
GLY OXT HXT  sing N N 128 
HIS N   CA   sing N N 129 
HIS N   H    sing N N 130 
HIS N   H2   sing N N 131 
HIS CA  C    sing N N 132 
HIS CA  CB   sing N N 133 
HIS CA  HA   sing N N 134 
HIS C   O    doub N N 135 
HIS C   OXT  sing N N 136 
HIS CB  CG   sing N N 137 
HIS CB  HB2  sing N N 138 
HIS CB  HB3  sing N N 139 
HIS CG  ND1  sing Y N 140 
HIS CG  CD2  doub Y N 141 
HIS ND1 CE1  doub Y N 142 
HIS ND1 HD1  sing N N 143 
HIS CD2 NE2  sing Y N 144 
HIS CD2 HD2  sing N N 145 
HIS CE1 NE2  sing Y N 146 
HIS CE1 HE1  sing N N 147 
HIS NE2 HE2  sing N N 148 
HIS OXT HXT  sing N N 149 
HOH O   H1   sing N N 150 
HOH O   H2   sing N N 151 
ILE N   CA   sing N N 152 
ILE N   H    sing N N 153 
ILE N   H2   sing N N 154 
ILE CA  C    sing N N 155 
ILE CA  CB   sing N N 156 
ILE CA  HA   sing N N 157 
ILE C   O    doub N N 158 
ILE C   OXT  sing N N 159 
ILE CB  CG1  sing N N 160 
ILE CB  CG2  sing N N 161 
ILE CB  HB   sing N N 162 
ILE CG1 CD1  sing N N 163 
ILE CG1 HG12 sing N N 164 
ILE CG1 HG13 sing N N 165 
ILE CG2 HG21 sing N N 166 
ILE CG2 HG22 sing N N 167 
ILE CG2 HG23 sing N N 168 
ILE CD1 HD11 sing N N 169 
ILE CD1 HD12 sing N N 170 
ILE CD1 HD13 sing N N 171 
ILE OXT HXT  sing N N 172 
LEU N   CA   sing N N 173 
LEU N   H    sing N N 174 
LEU N   H2   sing N N 175 
LEU CA  C    sing N N 176 
LEU CA  CB   sing N N 177 
LEU CA  HA   sing N N 178 
LEU C   O    doub N N 179 
LEU C   OXT  sing N N 180 
LEU CB  CG   sing N N 181 
LEU CB  HB2  sing N N 182 
LEU CB  HB3  sing N N 183 
LEU CG  CD1  sing N N 184 
LEU CG  CD2  sing N N 185 
LEU CG  HG   sing N N 186 
LEU CD1 HD11 sing N N 187 
LEU CD1 HD12 sing N N 188 
LEU CD1 HD13 sing N N 189 
LEU CD2 HD21 sing N N 190 
LEU CD2 HD22 sing N N 191 
LEU CD2 HD23 sing N N 192 
LEU OXT HXT  sing N N 193 
LYS N   CA   sing N N 194 
LYS N   H    sing N N 195 
LYS N   H2   sing N N 196 
LYS CA  C    sing N N 197 
LYS CA  CB   sing N N 198 
LYS CA  HA   sing N N 199 
LYS C   O    doub N N 200 
LYS C   OXT  sing N N 201 
LYS CB  CG   sing N N 202 
LYS CB  HB2  sing N N 203 
LYS CB  HB3  sing N N 204 
LYS CG  CD   sing N N 205 
LYS CG  HG2  sing N N 206 
LYS CG  HG3  sing N N 207 
LYS CD  CE   sing N N 208 
LYS CD  HD2  sing N N 209 
LYS CD  HD3  sing N N 210 
LYS CE  NZ   sing N N 211 
LYS CE  HE2  sing N N 212 
LYS CE  HE3  sing N N 213 
LYS NZ  HZ1  sing N N 214 
LYS NZ  HZ2  sing N N 215 
LYS NZ  HZ3  sing N N 216 
LYS OXT HXT  sing N N 217 
MET N   CA   sing N N 218 
MET N   H    sing N N 219 
MET N   H2   sing N N 220 
MET CA  C    sing N N 221 
MET CA  CB   sing N N 222 
MET CA  HA   sing N N 223 
MET C   O    doub N N 224 
MET C   OXT  sing N N 225 
MET CB  CG   sing N N 226 
MET CB  HB2  sing N N 227 
MET CB  HB3  sing N N 228 
MET CG  SD   sing N N 229 
MET CG  HG2  sing N N 230 
MET CG  HG3  sing N N 231 
MET SD  CE   sing N N 232 
MET CE  HE1  sing N N 233 
MET CE  HE2  sing N N 234 
MET CE  HE3  sing N N 235 
MET OXT HXT  sing N N 236 
PHE N   CA   sing N N 237 
PHE N   H    sing N N 238 
PHE N   H2   sing N N 239 
PHE CA  C    sing N N 240 
PHE CA  CB   sing N N 241 
PHE CA  HA   sing N N 242 
PHE C   O    doub N N 243 
PHE C   OXT  sing N N 244 
PHE CB  CG   sing N N 245 
PHE CB  HB2  sing N N 246 
PHE CB  HB3  sing N N 247 
PHE CG  CD1  doub Y N 248 
PHE CG  CD2  sing Y N 249 
PHE CD1 CE1  sing Y N 250 
PHE CD1 HD1  sing N N 251 
PHE CD2 CE2  doub Y N 252 
PHE CD2 HD2  sing N N 253 
PHE CE1 CZ   doub Y N 254 
PHE CE1 HE1  sing N N 255 
PHE CE2 CZ   sing Y N 256 
PHE CE2 HE2  sing N N 257 
PHE CZ  HZ   sing N N 258 
PHE OXT HXT  sing N N 259 
PRO N   CA   sing N N 260 
PRO N   CD   sing N N 261 
PRO N   H    sing N N 262 
PRO CA  C    sing N N 263 
PRO CA  CB   sing N N 264 
PRO CA  HA   sing N N 265 
PRO C   O    doub N N 266 
PRO C   OXT  sing N N 267 
PRO CB  CG   sing N N 268 
PRO CB  HB2  sing N N 269 
PRO CB  HB3  sing N N 270 
PRO CG  CD   sing N N 271 
PRO CG  HG2  sing N N 272 
PRO CG  HG3  sing N N 273 
PRO CD  HD2  sing N N 274 
PRO CD  HD3  sing N N 275 
PRO OXT HXT  sing N N 276 
SER N   CA   sing N N 277 
SER N   H    sing N N 278 
SER N   H2   sing N N 279 
SER CA  C    sing N N 280 
SER CA  CB   sing N N 281 
SER CA  HA   sing N N 282 
SER C   O    doub N N 283 
SER C   OXT  sing N N 284 
SER CB  OG   sing N N 285 
SER CB  HB2  sing N N 286 
SER CB  HB3  sing N N 287 
SER OG  HG   sing N N 288 
SER OXT HXT  sing N N 289 
SO4 S   O1   doub N N 290 
SO4 S   O2   doub N N 291 
SO4 S   O3   sing N N 292 
SO4 S   O4   sing N N 293 
THR N   CA   sing N N 294 
THR N   H    sing N N 295 
THR N   H2   sing N N 296 
THR CA  C    sing N N 297 
THR CA  CB   sing N N 298 
THR CA  HA   sing N N 299 
THR C   O    doub N N 300 
THR C   OXT  sing N N 301 
THR CB  OG1  sing N N 302 
THR CB  CG2  sing N N 303 
THR CB  HB   sing N N 304 
THR OG1 HG1  sing N N 305 
THR CG2 HG21 sing N N 306 
THR CG2 HG22 sing N N 307 
THR CG2 HG23 sing N N 308 
THR OXT HXT  sing N N 309 
TRP N   CA   sing N N 310 
TRP N   H    sing N N 311 
TRP N   H2   sing N N 312 
TRP CA  C    sing N N 313 
TRP CA  CB   sing N N 314 
TRP CA  HA   sing N N 315 
TRP C   O    doub N N 316 
TRP C   OXT  sing N N 317 
TRP CB  CG   sing N N 318 
TRP CB  HB2  sing N N 319 
TRP CB  HB3  sing N N 320 
TRP CG  CD1  doub Y N 321 
TRP CG  CD2  sing Y N 322 
TRP CD1 NE1  sing Y N 323 
TRP CD1 HD1  sing N N 324 
TRP CD2 CE2  doub Y N 325 
TRP CD2 CE3  sing Y N 326 
TRP NE1 CE2  sing Y N 327 
TRP NE1 HE1  sing N N 328 
TRP CE2 CZ2  sing Y N 329 
TRP CE3 CZ3  doub Y N 330 
TRP CE3 HE3  sing N N 331 
TRP CZ2 CH2  doub Y N 332 
TRP CZ2 HZ2  sing N N 333 
TRP CZ3 CH2  sing Y N 334 
TRP CZ3 HZ3  sing N N 335 
TRP CH2 HH2  sing N N 336 
TRP OXT HXT  sing N N 337 
TYR N   CA   sing N N 338 
TYR N   H    sing N N 339 
TYR N   H2   sing N N 340 
TYR CA  C    sing N N 341 
TYR CA  CB   sing N N 342 
TYR CA  HA   sing N N 343 
TYR C   O    doub N N 344 
TYR C   OXT  sing N N 345 
TYR CB  CG   sing N N 346 
TYR CB  HB2  sing N N 347 
TYR CB  HB3  sing N N 348 
TYR CG  CD1  doub Y N 349 
TYR CG  CD2  sing Y N 350 
TYR CD1 CE1  sing Y N 351 
TYR CD1 HD1  sing N N 352 
TYR CD2 CE2  doub Y N 353 
TYR CD2 HD2  sing N N 354 
TYR CE1 CZ   doub Y N 355 
TYR CE1 HE1  sing N N 356 
TYR CE2 CZ   sing Y N 357 
TYR CE2 HE2  sing N N 358 
TYR CZ  OH   sing N N 359 
TYR OH  HH   sing N N 360 
TYR OXT HXT  sing N N 361 
VAL N   CA   sing N N 362 
VAL N   H    sing N N 363 
VAL N   H2   sing N N 364 
VAL CA  C    sing N N 365 
VAL CA  CB   sing N N 366 
VAL CA  HA   sing N N 367 
VAL C   O    doub N N 368 
VAL C   OXT  sing N N 369 
VAL CB  CG1  sing N N 370 
VAL CB  CG2  sing N N 371 
VAL CB  HB   sing N N 372 
VAL CG1 HG11 sing N N 373 
VAL CG1 HG12 sing N N 374 
VAL CG1 HG13 sing N N 375 
VAL CG2 HG21 sing N N 376 
VAL CG2 HG22 sing N N 377 
VAL CG2 HG23 sing N N 378 
VAL OXT HXT  sing N N 379 
# 
_pdbx_audit_support.funding_organization   ? 
_pdbx_audit_support.country                Switzerland 
_pdbx_audit_support.grant_number           FK-16-032 
_pdbx_audit_support.ordinal                1 
# 
_pdbx_initial_refinement_model.id               1 
_pdbx_initial_refinement_model.entity_id_list   ? 
_pdbx_initial_refinement_model.type             'experimental model' 
_pdbx_initial_refinement_model.source_name      PDB 
_pdbx_initial_refinement_model.accession_code   4C9X 
_pdbx_initial_refinement_model.details          ? 
# 
_atom_sites.entry_id                    6GLK 
_atom_sites.fract_transf_matrix[1][1]   0.02759052 
_atom_sites.fract_transf_matrix[1][2]   0.00114720 
_atom_sites.fract_transf_matrix[1][3]   -0.00163974 
_atom_sites.fract_transf_matrix[2][1]   -0.00031410 
_atom_sites.fract_transf_matrix[2][2]   -0.01064566 
_atom_sites.fract_transf_matrix[2][3]   -0.01273308 
_atom_sites.fract_transf_matrix[3][1]   -0.00105881 
_atom_sites.fract_transf_matrix[3][2]   0.01161812 
_atom_sites.fract_transf_matrix[3][3]   -0.00968736 
_atom_sites.fract_transf_vector[1]      -0.243450 
_atom_sites.fract_transf_vector[2]      -0.231379 
_atom_sites.fract_transf_vector[3]      0.202323 
# 
loop_
_atom_type.symbol 
C 
N 
O 
S 
# 
loop_
_atom_site.group_PDB 
_atom_site.id 
_atom_site.type_symbol 
_atom_site.label_atom_id 
_atom_site.label_alt_id 
_atom_site.label_comp_id 
_atom_site.label_asym_id 
_atom_site.label_entity_id 
_atom_site.label_seq_id 
_atom_site.pdbx_PDB_ins_code 
_atom_site.Cartn_x 
_atom_site.Cartn_y 
_atom_site.Cartn_z 
_atom_site.occupancy 
_atom_site.B_iso_or_equiv 
_atom_site.pdbx_formal_charge 
_atom_site.auth_seq_id 
_atom_site.auth_comp_id 
_atom_site.auth_asym_id 
_atom_site.auth_atom_id 
_atom_site.pdbx_PDB_model_num 
ATOM   1    N N   . ALA A 1 29  ? -5.700  -15.808 12.620  1.00 31.87 ? 3   ALA A N   1 
ATOM   2    C CA  . ALA A 1 29  ? -6.421  -15.950 11.360  1.00 31.42 ? 3   ALA A CA  1 
ATOM   3    C C   . ALA A 1 29  ? -6.247  -14.689 10.518  1.00 28.71 ? 3   ALA A C   1 
ATOM   4    O O   . ALA A 1 29  ? -7.035  -13.747 10.618  1.00 27.98 ? 3   ALA A O   1 
ATOM   5    N N   . SER A 1 30  ? -5.198  -14.664 9.701   1.00 26.18 ? 4   SER A N   1 
ATOM   6    C CA  . SER A 1 30  ? -4.911  -13.510 8.865   1.00 17.87 ? 4   SER A CA  1 
ATOM   7    C C   . SER A 1 30  ? -4.697  -13.960 7.427   1.00 23.66 ? 4   SER A C   1 
ATOM   8    O O   . SER A 1 30  ? -4.322  -15.108 7.163   1.00 26.27 ? 4   SER A O   1 
ATOM   9    C CB  . SER A 1 30  ? -3.683  -12.732 9.363   1.00 25.39 ? 4   SER A CB  1 
ATOM   10   O OG  . SER A 1 30  ? -2.486  -13.452 9.146   1.00 30.17 ? 4   SER A OG  1 
ATOM   11   N N   . ARG A 1 31  ? -4.972  -13.049 6.500   1.00 16.80 ? 5   ARG A N   1 
ATOM   12   C CA  . ARG A 1 31  ? -4.845  -13.277 5.071   1.00 15.35 ? 5   ARG A CA  1 
ATOM   13   C C   . ARG A 1 31  ? -3.769  -12.357 4.507   1.00 14.22 ? 5   ARG A C   1 
ATOM   14   O O   . ARG A 1 31  ? -3.705  -11.173 4.851   1.00 13.67 ? 5   ARG A O   1 
ATOM   15   C CB  . ARG A 1 31  ? -6.178  -13.031 4.359   1.00 15.84 ? 5   ARG A CB  1 
ATOM   16   C CG  . ARG A 1 31  ? -6.066  -13.179 2.851   1.00 21.50 ? 5   ARG A CG  1 
ATOM   17   C CD  . ARG A 1 31  ? -7.303  -13.769 2.237   1.00 33.07 ? 5   ARG A CD  1 
ATOM   18   N NE  . ARG A 1 31  ? -7.082  -14.166 0.848   1.00 25.48 ? 5   ARG A NE  1 
ATOM   19   C CZ  . ARG A 1 31  ? -8.067  -14.396 -0.017  1.00 35.93 ? 5   ARG A CZ  1 
ATOM   20   N NH1 . ARG A 1 31  ? -9.332  -14.255 0.369   1.00 37.48 ? 5   ARG A NH1 1 
ATOM   21   N NH2 . ARG A 1 31  ? -7.793  -14.759 -1.263  1.00 37.34 ? 5   ARG A NH2 1 
ATOM   22   N N   . LEU A 1 32  ? -2.931  -12.893 3.622   1.00 14.88 ? 6   LEU A N   1 
ATOM   23   C CA  . LEU A 1 32  ? -1.799  -12.140 3.095   1.00 12.64 ? 6   LEU A CA  1 
ATOM   24   C C   . LEU A 1 32  ? -2.220  -11.173 1.996   1.00 12.91 ? 6   LEU A C   1 
ATOM   25   O O   . LEU A 1 32  ? -2.919  -11.553 1.053   1.00 15.52 ? 6   LEU A O   1 
ATOM   26   C CB  . LEU A 1 32  ? -0.747  -13.095 2.535   1.00 13.21 ? 6   LEU A CB  1 
ATOM   27   C CG  . LEU A 1 32  ? 0.085   -13.862 3.542   1.00 15.49 ? 6   LEU A CG  1 
ATOM   28   C CD1 . LEU A 1 32  ? 0.872   -14.930 2.780   1.00 18.62 ? 6   LEU A CD1 1 
ATOM   29   C CD2 . LEU A 1 32  ? 1.015   -12.941 4.283   1.00 16.85 ? 6   LEU A CD2 1 
ATOM   30   N N   . TYR A 1 33  ? -1.756  -9.926  2.111   1.00 11.44 ? 7   TYR A N   1 
ATOM   31   C CA  . TYR A 1 33  ? -1.903  -8.902  1.083   1.00 10.28 ? 7   TYR A CA  1 
ATOM   32   C C   . TYR A 1 33  ? -0.563  -8.220  0.867   1.00 10.56 ? 7   TYR A C   1 
ATOM   33   O O   . TYR A 1 33  ? 0.334   -8.286  1.714   1.00 11.28 ? 7   TYR A O   1 
ATOM   34   C CB  . TYR A 1 33  ? -2.929  -7.825  1.474   1.00 12.88 ? 7   TYR A CB  1 
ATOM   35   C CG  . TYR A 1 33  ? -4.353  -8.297  1.582   1.00 10.79 ? 7   TYR A CG  1 
ATOM   36   C CD1 . TYR A 1 33  ? -4.782  -8.998  2.711   1.00 12.77 ? 7   TYR A CD1 1 
ATOM   37   C CD2 . TYR A 1 33  ? -5.273  -8.011  0.588   1.00 15.94 ? 7   TYR A CD2 1 
ATOM   38   C CE1 . TYR A 1 33  ? -6.093  -9.431  2.822   1.00 16.99 ? 7   TYR A CE1 1 
ATOM   39   C CE2 . TYR A 1 33  ? -6.583  -8.434  0.694   1.00 17.83 ? 7   TYR A CE2 1 
ATOM   40   C CZ  . TYR A 1 33  ? -6.982  -9.138  1.812   1.00 18.24 ? 7   TYR A CZ  1 
ATOM   41   O OH  . TYR A 1 33  ? -8.298  -9.550  1.911   1.00 23.30 ? 7   TYR A OH  1 
ATOM   42   N N   . THR A 1 34  ? -0.455  -7.535  -0.267  1.00 10.88 ? 8   THR A N   1 
ATOM   43   C CA  . THR A 1 34  ? 0.714   -6.725  -0.576  1.00 10.78 ? 8   THR A CA  1 
ATOM   44   C C   . THR A 1 34  ? 0.292   -5.285  -0.797  1.00 11.97 ? 8   THR A C   1 
ATOM   45   O O   . THR A 1 34  ? -0.861  -5.000  -1.118  1.00 12.12 ? 8   THR A O   1 
ATOM   46   C CB  . THR A 1 34  ? 1.446   -7.216  -1.827  1.00 11.56 ? 8   THR A CB  1 
ATOM   47   O OG1 . THR A 1 34  ? 0.566   -7.150  -2.954  1.00 14.60 ? 8   THR A OG1 1 
ATOM   48   C CG2 . THR A 1 34  ? 1.925   -8.645  -1.616  1.00 15.05 ? 8   THR A CG2 1 
ATOM   49   N N   . LEU A 1 35  ? 1.269   -4.392  -0.662  1.00 10.11 ? 9   LEU A N   1 
ATOM   50   C CA  . LEU A 1 35  ? 1.062   -2.969  -0.910  1.00 11.00 ? 9   LEU A CA  1 
ATOM   51   C C   . LEU A 1 35  ? 2.384   -2.400  -1.397  1.00 10.65 ? 9   LEU A C   1 
ATOM   52   O O   . LEU A 1 35  ? 3.397   -2.552  -0.711  1.00 11.56 ? 9   LEU A O   1 
ATOM   53   C CB  . LEU A 1 35  ? 0.589   -2.267  0.367   1.00 9.34  ? 9   LEU A CB  1 
ATOM   54   C CG  . LEU A 1 35  ? 0.276   -0.775  0.237   1.00 10.75 ? 9   LEU A CG  1 
ATOM   55   C CD1 . LEU A 1 35  ? -0.896  -0.560  -0.700  1.00 13.88 ? 9   LEU A CD1 1 
ATOM   56   C CD2 . LEU A 1 35  ? -0.014  -0.161  1.600   1.00 15.41 ? 9   LEU A CD2 1 
ATOM   57   N N   . VAL A 1 36  ? 2.379   -1.762  -2.567  1.00 10.99 ? 10  VAL A N   1 
ATOM   58   C CA  . VAL A 1 36  ? 3.603   -1.291  -3.216  1.00 9.56  ? 10  VAL A CA  1 
ATOM   59   C C   . VAL A 1 36  ? 3.522   0.215   -3.417  1.00 11.03 ? 10  VAL A C   1 
ATOM   60   O O   . VAL A 1 36  ? 2.560   0.719   -4.011  1.00 11.30 ? 10  VAL A O   1 
ATOM   61   C CB  . VAL A 1 36  ? 3.835   -1.993  -4.565  1.00 10.53 ? 10  VAL A CB  1 
ATOM   62   C CG1 . VAL A 1 36  ? 5.104   -1.473  -5.244  1.00 12.86 ? 10  VAL A CG1 1 
ATOM   63   C CG2 . VAL A 1 36  ? 3.913   -3.510  -4.353  1.00 14.89 ? 10  VAL A CG2 1 
ATOM   64   N N   . LEU A 1 37  ? 4.545   0.919   -2.937  1.00 10.61 ? 11  LEU A N   1 
ATOM   65   C CA  . LEU A 1 37  ? 4.704   2.353   -3.149  1.00 10.04 ? 11  LEU A CA  1 
ATOM   66   C C   . LEU A 1 37  ? 5.865   2.587   -4.103  1.00 10.96 ? 11  LEU A C   1 
ATOM   67   O O   . LEU A 1 37  ? 7.014   2.232   -3.800  1.00 13.19 ? 11  LEU A O   1 
ATOM   68   C CB  . LEU A 1 37  ? 4.947   3.081   -1.828  1.00 12.70 ? 11  LEU A CB  1 
ATOM   69   C CG  . LEU A 1 37  ? 3.772   3.232   -0.856  1.00 14.86 ? 11  LEU A CG  1 
ATOM   70   C CD1 . LEU A 1 37  ? 2.574   3.887   -1.524  1.00 18.63 ? 11  LEU A CD1 1 
ATOM   71   C CD2 . LEU A 1 37  ? 3.374   1.906   -0.230  1.00 19.45 ? 11  LEU A CD2 1 
ATOM   72   N N   . VAL A 1 38  ? 5.573   3.204   -5.244  1.00 11.64 ? 12  VAL A N   1 
ATOM   73   C CA  . VAL A 1 38  ? 6.605   3.643   -6.181  1.00 12.88 ? 12  VAL A CA  1 
ATOM   74   C C   . VAL A 1 38  ? 7.033   5.029   -5.712  1.00 12.73 ? 12  VAL A C   1 
ATOM   75   O O   . VAL A 1 38  ? 6.314   6.017   -5.890  1.00 12.68 ? 12  VAL A O   1 
ATOM   76   C CB  . VAL A 1 38  ? 6.108   3.642   -7.629  1.00 12.35 ? 12  VAL A CB  1 
ATOM   77   C CG1 . VAL A 1 38  ? 7.230   4.056   -8.556  1.00 18.43 ? 12  VAL A CG1 1 
ATOM   78   C CG2 . VAL A 1 38  ? 5.603   2.262   -8.015  1.00 15.25 ? 12  VAL A CG2 1 
ATOM   79   N N   . LEU A 1 39  ? 8.189   5.084   -5.049  1.00 14.70 ? 13  LEU A N   1 
ATOM   80   C CA  . LEU A 1 39  ? 8.654   6.274   -4.339  1.00 13.61 ? 13  LEU A CA  1 
ATOM   81   C C   . LEU A 1 39  ? 9.961   6.712   -4.976  1.00 16.63 ? 13  LEU A C   1 
ATOM   82   O O   . LEU A 1 39  ? 10.991  6.047   -4.817  1.00 20.53 ? 13  LEU A O   1 
ATOM   83   C CB  . LEU A 1 39  ? 8.839   5.984   -2.850  1.00 15.71 ? 13  LEU A CB  1 
ATOM   84   C CG  . LEU A 1 39  ? 9.329   7.154   -1.994  1.00 15.08 ? 13  LEU A CG  1 
ATOM   85   C CD1 . LEU A 1 39  ? 8.388   8.338   -2.126  1.00 18.81 ? 13  LEU A CD1 1 
ATOM   86   C CD2 . LEU A 1 39  ? 9.464   6.731   -0.534  1.00 17.80 ? 13  LEU A CD2 1 
ATOM   87   N N   . GLN A 1 40  ? 9.909   7.820   -5.685  1.00 16.61 ? 14  GLN A N   1 
ATOM   88   C CA  . GLN A 1 40  ? 11.049  8.444   -6.322  1.00 18.77 ? 14  GLN A CA  1 
ATOM   89   C C   . GLN A 1 40  ? 11.491  9.635   -5.495  1.00 16.54 ? 14  GLN A C   1 
ATOM   90   O O   . GLN A 1 40  ? 10.801  10.042  -4.558  1.00 21.06 ? 14  GLN A O   1 
ATOM   91   C CB  . GLN A 1 40  ? 10.668  8.841   -7.750  1.00 17.26 ? 14  GLN A CB  1 
ATOM   92   C CG  . GLN A 1 40  ? 10.358  7.603   -8.580  1.00 21.26 ? 14  GLN A CG  1 
ATOM   93   C CD  . GLN A 1 40  ? 9.982   7.904   -10.014 1.00 20.99 ? 14  GLN A CD  1 
ATOM   94   O OE1 . GLN A 1 40  ? 9.655   9.038   -10.370 1.00 22.97 ? 14  GLN A OE1 1 
ATOM   95   N NE2 . GLN A 1 40  ? 10.040  6.877   -10.854 1.00 23.37 ? 14  GLN A NE2 1 
ATOM   96   N N   . PRO A 1 41  ? 12.671  10.200  -5.776  1.00 22.96 ? 15  PRO A N   1 
ATOM   97   C CA  . PRO A 1 41  ? 13.209  11.229  -4.871  1.00 26.38 ? 15  PRO A CA  1 
ATOM   98   C C   . PRO A 1 41  ? 12.273  12.394  -4.607  1.00 21.58 ? 15  PRO A C   1 
ATOM   99   O O   . PRO A 1 41  ? 12.286  12.934  -3.494  1.00 32.37 ? 15  PRO A O   1 
ATOM   100  C CB  . PRO A 1 41  ? 14.486  11.679  -5.592  1.00 28.58 ? 15  PRO A CB  1 
ATOM   101  C CG  . PRO A 1 41  ? 14.942  10.446  -6.279  1.00 27.65 ? 15  PRO A CG  1 
ATOM   102  C CD  . PRO A 1 41  ? 13.677  9.779   -6.768  1.00 24.44 ? 15  PRO A CD  1 
ATOM   103  N N   . GLN A 1 42  ? 11.429  12.781  -5.571  1.00 23.45 ? 16  GLN A N   1 
ATOM   104  C CA  . GLN A 1 42  ? 10.580  13.948  -5.381  1.00 24.83 ? 16  GLN A CA  1 
ATOM   105  C C   . GLN A 1 42  ? 9.094   13.674  -5.592  1.00 24.09 ? 16  GLN A C   1 
ATOM   106  O O   . GLN A 1 42  ? 8.297   14.618  -5.548  1.00 23.28 ? 16  GLN A O   1 
ATOM   107  C CB  . GLN A 1 42  ? 11.026  15.086  -6.311  1.00 36.46 ? 16  GLN A CB  1 
ATOM   108  N N   . ARG A 1 43  ? 8.689   12.423  -5.800  1.00 18.22 ? 17  ARG A N   1 
ATOM   109  C CA  . ARG A 1 43  ? 7.278   12.151  -6.042  1.00 13.59 ? 17  ARG A CA  1 
ATOM   110  C C   . ARG A 1 43  ? 6.968   10.699  -5.711  1.00 13.90 ? 17  ARG A C   1 
ATOM   111  O O   . ARG A 1 43  ? 7.858   9.850   -5.662  1.00 14.36 ? 17  ARG A O   1 
ATOM   112  C CB  . ARG A 1 43  ? 6.891   12.444  -7.495  1.00 18.21 ? 17  ARG A CB  1 
ATOM   113  C CG  . ARG A 1 43  ? 7.608   11.576  -8.477  1.00 14.69 ? 17  ARG A CG  1 
ATOM   114  C CD  . ARG A 1 43  ? 7.283   11.950  -9.921  1.00 18.16 ? 17  ARG A CD  1 
ATOM   115  N NE  . ARG A 1 43  ? 7.801   10.962  -10.858 1.00 19.50 ? 17  ARG A NE  1 
ATOM   116  C CZ  . ARG A 1 43  ? 7.565   10.969  -12.167 1.00 19.35 ? 17  ARG A CZ  1 
ATOM   117  N NH1 . ARG A 1 43  ? 6.810   11.915  -12.692 1.00 23.34 ? 17  ARG A NH1 1 
ATOM   118  N NH2 . ARG A 1 43  ? 8.081   10.025  -12.939 1.00 24.84 ? 17  ARG A NH2 1 
ATOM   119  N N   . VAL A 1 44  ? 5.681   10.425  -5.504  1.00 12.78 ? 18  VAL A N   1 
ATOM   120  C CA  . VAL A 1 44  ? 5.201   9.074   -5.236  1.00 10.72 ? 18  VAL A CA  1 
ATOM   121  C C   . VAL A 1 44  ? 3.984   8.804   -6.117  1.00 9.87  ? 18  VAL A C   1 
ATOM   122  O O   . VAL A 1 44  ? 3.192   9.713   -6.391  1.00 12.09 ? 18  VAL A O   1 
ATOM   123  C CB  . VAL A 1 44  ? 4.865   8.909   -3.735  1.00 11.85 ? 18  VAL A CB  1 
ATOM   124  C CG1 . VAL A 1 44  ? 3.752   9.855   -3.320  1.00 13.92 ? 18  VAL A CG1 1 
ATOM   125  C CG2 . VAL A 1 44  ? 4.519   7.462   -3.393  1.00 13.92 ? 18  VAL A CG2 1 
ATOM   126  N N   . LEU A 1 45  ? 3.852   7.560   -6.582  1.00 9.70  ? 19  LEU A N   1 
ATOM   127  C CA  . LEU A 1 45  ? 2.707   7.159   -7.400  1.00 10.68 ? 19  LEU A CA  1 
ATOM   128  C C   . LEU A 1 45  ? 1.626   6.578   -6.509  1.00 10.73 ? 19  LEU A C   1 
ATOM   129  O O   . LEU A 1 45  ? 1.890   5.687   -5.697  1.00 11.05 ? 19  LEU A O   1 
ATOM   130  C CB  . LEU A 1 45  ? 3.102   6.115   -8.442  1.00 11.08 ? 19  LEU A CB  1 
ATOM   131  C CG  . LEU A 1 45  ? 2.037   5.765   -9.491  1.00 11.21 ? 19  LEU A CG  1 
ATOM   132  C CD1 . LEU A 1 45  ? 1.778   6.930   -10.449 1.00 14.41 ? 19  LEU A CD1 1 
ATOM   133  C CD2 . LEU A 1 45  ? 2.481   4.538   -10.275 1.00 13.30 ? 19  LEU A CD2 1 
ATOM   134  N N   . LEU A 1 46  ? 0.411   7.072   -6.660  1.00 10.15 ? 20  LEU A N   1 
ATOM   135  C CA  . LEU A 1 46  ? -0.730  6.509   -5.960  1.00 9.46  ? 20  LEU A CA  1 
ATOM   136  C C   . LEU A 1 46  ? -1.805  6.200   -6.988  1.00 10.21 ? 20  LEU A C   1 
ATOM   137  O O   . LEU A 1 46  ? -1.771  6.685   -8.120  1.00 12.78 ? 20  LEU A O   1 
ATOM   138  C CB  . LEU A 1 46  ? -1.272  7.453   -4.868  1.00 11.40 ? 20  LEU A CB  1 
ATOM   139  C CG  . LEU A 1 46  ? -0.267  7.824   -3.767  1.00 8.92  ? 20  LEU A CG  1 
ATOM   140  C CD1 . LEU A 1 46  ? -0.824  8.953   -2.906  1.00 11.17 ? 20  LEU A CD1 1 
ATOM   141  C CD2 . LEU A 1 46  ? 0.048   6.582   -2.931  1.00 12.16 ? 20  LEU A CD2 1 
ATOM   142  N N   . GLY A 1 47  ? -2.737  5.354   -6.601  1.00 10.68 ? 21  GLY A N   1 
ATOM   143  C CA  . GLY A 1 47  ? -3.814  4.954   -7.494  1.00 12.76 ? 21  GLY A CA  1 
ATOM   144  C C   . GLY A 1 47  ? -5.157  5.181   -6.844  1.00 10.37 ? 21  GLY A C   1 
ATOM   145  O O   . GLY A 1 47  ? -5.354  4.874   -5.667  1.00 12.14 ? 21  GLY A O   1 
ATOM   146  N N   . MET A 1 48  ? -6.080  5.733   -7.623  1.00 11.96 ? 22  MET A N   1 
ATOM   147  C CA  . MET A 1 48  ? -7.458  5.930   -7.190  1.00 15.25 ? 22  MET A CA  1 
ATOM   148  C C   . MET A 1 48  ? -8.262  4.708   -7.624  1.00 14.95 ? 22  MET A C   1 
ATOM   149  O O   . MET A 1 48  ? -8.483  4.496   -8.821  1.00 12.90 ? 22  MET A O   1 
ATOM   150  C CB  . MET A 1 48  ? -8.006  7.229   -7.784  1.00 20.41 ? 22  MET A CB  1 
ATOM   151  C CG  . MET A 1 48  ? -9.500  7.421   -7.680  1.00 20.13 ? 22  MET A CG  1 
ATOM   152  S SD  . MET A 1 48  ? -10.069 7.554   -5.983  1.00 23.58 ? 22  MET A SD  1 
ATOM   153  C CE  . MET A 1 48  ? -9.097  8.948   -5.378  1.00 18.37 ? 22  MET A CE  1 
ATOM   154  N N   . LYS A 1 49  ? -8.668  3.877   -6.660  1.00 17.60 ? 23  LYS A N   1 
ATOM   155  C CA  . LYS A 1 49  ? -9.419  2.674   -6.974  1.00 19.70 ? 23  LYS A CA  1 
ATOM   156  C C   . LYS A 1 49  ? -10.851 3.041   -7.331  1.00 21.23 ? 23  LYS A C   1 
ATOM   157  O O   . LYS A 1 49  ? -11.472 3.892   -6.686  1.00 20.40 ? 23  LYS A O   1 
ATOM   158  C CB  . LYS A 1 49  ? -9.398  1.694   -5.797  1.00 28.52 ? 23  LYS A CB  1 
ATOM   159  C CG  . LYS A 1 49  ? -9.852  0.285   -6.165  1.00 26.65 ? 23  LYS A CG  1 
ATOM   160  C CD  . LYS A 1 49  ? -9.277  -0.764  -5.221  1.00 37.77 ? 23  LYS A CD  1 
ATOM   161  N N   . LYS A 1 50  ? -11.363 2.420   -8.389  1.00 24.37 ? 24  LYS A N   1 
ATOM   162  C CA  . LYS A 1 50  ? -12.668 2.805   -8.900  1.00 29.02 ? 24  LYS A CA  1 
ATOM   163  C C   . LYS A 1 50  ? -13.804 1.946   -8.363  1.00 24.07 ? 24  LYS A C   1 
ATOM   164  O O   . LYS A 1 50  ? -14.955 2.389   -8.394  1.00 38.92 ? 24  LYS A O   1 
ATOM   165  C CB  . LYS A 1 50  ? -12.657 2.775   -10.434 1.00 27.46 ? 24  LYS A CB  1 
ATOM   166  C CG  . LYS A 1 50  ? -11.890 3.950   -11.053 1.00 28.18 ? 24  LYS A CG  1 
ATOM   167  C CD  . LYS A 1 50  ? -11.551 3.693   -12.518 1.00 26.53 ? 24  LYS A CD  1 
ATOM   168  C CE  . LYS A 1 50  ? -10.567 4.693   -13.092 1.00 22.69 ? 24  LYS A CE  1 
ATOM   169  N NZ  . LYS A 1 50  ? -10.865 4.923   -14.548 1.00 25.80 ? 24  LYS A NZ  1 
ATOM   170  N N   . ARG A 1 51  ? -13.513 0.754   -7.846  1.00 32.84 ? 25  ARG A N   1 
ATOM   171  C CA  . ARG A 1 51  ? -14.560 -0.117  -7.330  1.00 37.39 ? 25  ARG A CA  1 
ATOM   172  C C   . ARG A 1 51  ? -13.972 -1.079  -6.308  1.00 41.64 ? 25  ARG A C   1 
ATOM   173  O O   . ARG A 1 51  ? -12.759 -1.307  -6.258  1.00 38.02 ? 25  ARG A O   1 
ATOM   174  N N   . GLY A 1 52  ? -14.857 -1.652  -5.494  1.00 40.89 ? 26  GLY A N   1 
ATOM   175  C CA  . GLY A 1 52  ? -14.434 -2.611  -4.496  1.00 41.26 ? 26  GLY A CA  1 
ATOM   176  C C   . GLY A 1 52  ? -13.944 -1.945  -3.223  1.00 40.39 ? 26  GLY A C   1 
ATOM   177  O O   . GLY A 1 52  ? -14.217 -0.772  -2.945  1.00 44.11 ? 26  GLY A O   1 
ATOM   178  N N   . PHE A 1 53  ? -13.199 -2.722  -2.440  1.00 41.85 ? 27  PHE A N   1 
ATOM   179  C CA  . PHE A 1 53  ? -12.694 -2.248  -1.159  1.00 44.43 ? 27  PHE A CA  1 
ATOM   180  C C   . PHE A 1 53  ? -11.715 -1.103  -1.377  1.00 42.57 ? 27  PHE A C   1 
ATOM   181  O O   . PHE A 1 53  ? -10.721 -1.252  -2.096  1.00 41.05 ? 27  PHE A O   1 
ATOM   182  N N   . GLY A 1 54  ? -12.002 0.041   -0.765  1.00 36.10 ? 28  GLY A N   1 
ATOM   183  C CA  . GLY A 1 54  ? -11.148 1.202   -0.883  1.00 35.58 ? 28  GLY A CA  1 
ATOM   184  C C   . GLY A 1 54  ? -11.450 2.120   -2.046  1.00 33.30 ? 28  GLY A C   1 
ATOM   185  O O   . GLY A 1 54  ? -10.652 3.025   -2.316  1.00 31.97 ? 28  GLY A O   1 
ATOM   186  N N   . ALA A 1 55  ? -12.568 1.923   -2.743  1.00 30.81 ? 29  ALA A N   1 
ATOM   187  C CA  . ALA A 1 55  ? -12.901 2.785   -3.868  1.00 31.20 ? 29  ALA A CA  1 
ATOM   188  C C   . ALA A 1 55  ? -13.060 4.225   -3.399  1.00 31.73 ? 29  ALA A C   1 
ATOM   189  O O   . ALA A 1 55  ? -13.549 4.486   -2.296  1.00 32.01 ? 29  ALA A O   1 
ATOM   190  C CB  . ALA A 1 55  ? -14.184 2.305   -4.546  1.00 34.37 ? 29  ALA A CB  1 
ATOM   191  N N   . GLY A 1 56  ? -12.631 5.165   -4.237  1.00 23.10 ? 30  GLY A N   1 
ATOM   192  C CA  . GLY A 1 56  ? -12.702 6.571   -3.906  1.00 23.56 ? 30  GLY A CA  1 
ATOM   193  C C   . GLY A 1 56  ? -11.526 7.103   -3.116  1.00 21.10 ? 30  GLY A C   1 
ATOM   194  O O   . GLY A 1 56  ? -11.504 8.300   -2.800  1.00 24.43 ? 30  GLY A O   1 
ATOM   195  N N   . ARG A 1 57  ? -10.539 6.269   -2.809  1.00 20.65 ? 31  ARG A N   1 
ATOM   196  C CA  . ARG A 1 57  ? -9.369  6.695   -2.058  1.00 18.78 ? 31  ARG A CA  1 
ATOM   197  C C   . ARG A 1 57  ? -8.106  6.457   -2.868  1.00 14.58 ? 31  ARG A C   1 
ATOM   198  O O   . ARG A 1 57  ? -8.018  5.487   -3.630  1.00 18.70 ? 31  ARG A O   1 
ATOM   199  C CB  . ARG A 1 57  ? -9.251  5.940   -0.742  1.00 18.58 ? 31  ARG A CB  1 
ATOM   200  C CG  . ARG A 1 57  ? -10.005 6.593   0.371   1.00 25.18 ? 31  ARG A CG  1 
ATOM   201  C CD  . ARG A 1 57  ? -10.098 5.678   1.561   1.00 27.46 ? 31  ARG A CD  1 
ATOM   202  N NE  . ARG A 1 57  ? -10.764 6.364   2.659   1.00 27.13 ? 31  ARG A NE  1 
ATOM   203  C CZ  . ARG A 1 57  ? -11.162 5.776   3.780   1.00 28.59 ? 31  ARG A CZ  1 
ATOM   204  N NH1 . ARG A 1 57  ? -10.955 4.484   3.961   1.00 25.45 ? 31  ARG A NH1 1 
ATOM   205  N NH2 . ARG A 1 57  ? -11.764 6.489   4.724   1.00 34.44 ? 31  ARG A NH2 1 
ATOM   206  N N   . TRP A 1 58  ? -7.144  7.367   -2.710  1.00 12.61 ? 32  TRP A N   1 
ATOM   207  C CA  . TRP A 1 58  ? -5.792  7.151   -3.214  1.00 12.61 ? 32  TRP A CA  1 
ATOM   208  C C   . TRP A 1 58  ? -5.069  6.171   -2.305  1.00 13.36 ? 32  TRP A C   1 
ATOM   209  O O   . TRP A 1 58  ? -5.193  6.242   -1.078  1.00 15.17 ? 32  TRP A O   1 
ATOM   210  C CB  . TRP A 1 58  ? -5.004  8.463   -3.255  1.00 12.47 ? 32  TRP A CB  1 
ATOM   211  C CG  . TRP A 1 58  ? -5.578  9.494   -4.172  1.00 12.25 ? 32  TRP A CG  1 
ATOM   212  C CD1 . TRP A 1 58  ? -6.328  10.577  -3.817  1.00 15.11 ? 32  TRP A CD1 1 
ATOM   213  C CD2 . TRP A 1 58  ? -5.446  9.540   -5.595  1.00 10.93 ? 32  TRP A CD2 1 
ATOM   214  N NE1 . TRP A 1 58  ? -6.678  11.296  -4.935  1.00 15.29 ? 32  TRP A NE1 1 
ATOM   215  C CE2 . TRP A 1 58  ? -6.142  10.683  -6.039  1.00 13.24 ? 32  TRP A CE2 1 
ATOM   216  C CE3 . TRP A 1 58  ? -4.813  8.727   -6.531  1.00 12.11 ? 32  TRP A CE3 1 
ATOM   217  C CZ2 . TRP A 1 58  ? -6.231  11.022  -7.388  1.00 15.14 ? 32  TRP A CZ2 1 
ATOM   218  C CZ3 . TRP A 1 58  ? -4.897  9.065   -7.872  1.00 14.75 ? 32  TRP A CZ3 1 
ATOM   219  C CH2 . TRP A 1 58  ? -5.608  10.207  -8.282  1.00 15.24 ? 32  TRP A CH2 1 
ATOM   220  N N   . ALA A 1 59  ? -4.288  5.282   -2.909  1.00 11.68 ? 33  ALA A N   1 
ATOM   221  C CA  . ALA A 1 59  ? -3.550  4.280   -2.150  1.00 9.73  ? 33  ALA A CA  1 
ATOM   222  C C   . ALA A 1 59  ? -2.418  3.725   -3.005  1.00 10.92 ? 33  ALA A C   1 
ATOM   223  O O   . ALA A 1 59  ? -2.369  3.920   -4.225  1.00 11.63 ? 33  ALA A O   1 
ATOM   224  C CB  . ALA A 1 59  ? -4.470  3.151   -1.680  1.00 13.42 ? 33  ALA A CB  1 
ATOM   225  N N   . GLY A 1 60  ? -1.507  3.018   -2.348  1.00 11.47 ? 34  GLY A N   1 
ATOM   226  C CA  . GLY A 1 60  ? -0.560  2.204   -3.064  1.00 9.70  ? 34  GLY A CA  1 
ATOM   227  C C   . GLY A 1 60  ? -1.252  1.044   -3.764  1.00 10.64 ? 34  GLY A C   1 
ATOM   228  O O   . GLY A 1 60  ? -2.467  0.859   -3.696  1.00 11.88 ? 34  GLY A O   1 
ATOM   229  N N   . PHE A 1 61  ? -0.451  0.247   -4.462  1.00 9.80  ? 35  PHE A N   1 
ATOM   230  C CA  . PHE A 1 61  ? -0.964  -0.816  -5.317  1.00 9.65  ? 35  PHE A CA  1 
ATOM   231  C C   . PHE A 1 61  ? -0.737  -2.173  -4.674  1.00 12.63 ? 35  PHE A C   1 
ATOM   232  O O   . PHE A 1 61  ? 0.342   -2.449  -4.158  1.00 13.54 ? 35  PHE A O   1 
ATOM   233  C CB  . PHE A 1 61  ? -0.291  -0.774  -6.689  1.00 11.25 ? 35  PHE A CB  1 
ATOM   234  C CG  . PHE A 1 61  ? -0.452  0.540   -7.387  1.00 10.34 ? 35  PHE A CG  1 
ATOM   235  C CD1 . PHE A 1 61  ? -1.616  0.839   -8.075  1.00 12.11 ? 35  PHE A CD1 1 
ATOM   236  C CD2 . PHE A 1 61  ? 0.563   1.481   -7.344  1.00 12.79 ? 35  PHE A CD2 1 
ATOM   237  C CE1 . PHE A 1 61  ? -1.765  2.067   -8.716  1.00 10.93 ? 35  PHE A CE1 1 
ATOM   238  C CE2 . PHE A 1 61  ? 0.425   2.721   -7.976  1.00 13.43 ? 35  PHE A CE2 1 
ATOM   239  C CZ  . PHE A 1 61  ? -0.738  3.008   -8.669  1.00 12.02 ? 35  PHE A CZ  1 
ATOM   240  N N   . GLY A 1 62  ? -1.740  -3.033  -4.734  1.00 12.83 ? 36  GLY A N   1 
ATOM   241  C CA  . GLY A 1 62  ? -1.552  -4.342  -4.148  1.00 14.45 ? 36  GLY A CA  1 
ATOM   242  C C   . GLY A 1 62  ? -2.827  -5.146  -4.173  1.00 15.69 ? 36  GLY A C   1 
ATOM   243  O O   . GLY A 1 62  ? -3.811  -4.789  -4.827  1.00 16.87 ? 36  GLY A O   1 
ATOM   244  N N   . GLY A 1 63  ? -2.778  -6.253  -3.443  1.00 12.26 ? 37  GLY A N   1 
ATOM   245  C CA  . GLY A 1 63  ? -3.903  -7.169  -3.393  1.00 13.30 ? 37  GLY A CA  1 
ATOM   246  C C   . GLY A 1 63  ? -3.496  -8.467  -2.726  1.00 13.45 ? 37  GLY A C   1 
ATOM   247  O O   . GLY A 1 63  ? -2.469  -8.545  -2.052  1.00 11.78 ? 37  GLY A O   1 
ATOM   248  N N   . LYS A 1 64  ? -4.325  -9.485  -2.934  1.00 15.20 ? 38  LYS A N   1 
ATOM   249  C CA  . LYS A 1 64  ? -4.134  -10.769 -2.274  1.00 15.16 ? 38  LYS A CA  1 
ATOM   250  C C   . LYS A 1 64  ? -2.989  -11.545 -2.906  1.00 13.85 ? 38  LYS A C   1 
ATOM   251  O O   . LYS A 1 64  ? -2.773  -11.486 -4.114  1.00 18.00 ? 38  LYS A O   1 
ATOM   252  C CB  . LYS A 1 64  ? -5.426  -11.591 -2.361  1.00 16.36 ? 38  LYS A CB  1 
ATOM   253  C CG  . LYS A 1 64  ? -6.599  -11.006 -1.602  1.00 18.22 ? 38  LYS A CG  1 
ATOM   254  C CD  . LYS A 1 64  ? -7.908  -11.599 -2.127  1.00 29.67 ? 38  LYS A CD  1 
ATOM   255  C CE  . LYS A 1 64  ? -9.125  -10.922 -1.515  1.00 30.20 ? 38  LYS A CE  1 
ATOM   256  N NZ  . LYS A 1 64  ? -10.390 -11.364 -2.180  1.00 35.76 ? 38  LYS A NZ  1 
ATOM   257  N N   . VAL A 1 65  ? -2.247  -12.271 -2.072  1.00 16.78 ? 39  VAL A N   1 
ATOM   258  C CA  . VAL A 1 65  ? -1.198  -13.177 -2.544  1.00 12.97 ? 39  VAL A CA  1 
ATOM   259  C C   . VAL A 1 65  ? -1.842  -14.504 -2.920  1.00 15.24 ? 39  VAL A C   1 
ATOM   260  O O   . VAL A 1 65  ? -2.764  -14.967 -2.243  1.00 17.79 ? 39  VAL A O   1 
ATOM   261  C CB  . VAL A 1 65  ? -0.126  -13.359 -1.454  1.00 14.98 ? 39  VAL A CB  1 
ATOM   262  C CG1 . VAL A 1 65  ? 0.963   -14.324 -1.903  1.00 15.47 ? 39  VAL A CG1 1 
ATOM   263  C CG2 . VAL A 1 65  ? 0.487   -12.016 -1.070  1.00 13.25 ? 39  VAL A CG2 1 
ATOM   264  N N   . GLN A 1 66  ? -1.373  -15.111 -3.997  1.00 14.36 ? 40  GLN A N   1 
ATOM   265  C CA  . GLN A 1 66  ? -2.000  -16.321 -4.509  1.00 13.92 ? 40  GLN A CA  1 
ATOM   266  C C   . GLN A 1 66  ? -1.309  -17.578 -3.990  1.00 12.07 ? 40  GLN A C   1 
ATOM   267  O O   . GLN A 1 66  ? -0.217  -17.536 -3.424  1.00 13.19 ? 40  GLN A O   1 
ATOM   268  C CB  . GLN A 1 66  ? -2.002  -16.292 -6.034  1.00 18.26 ? 40  GLN A CB  1 
ATOM   269  C CG  . GLN A 1 66  ? -2.930  -15.203 -6.553  1.00 22.01 ? 40  GLN A CG  1 
ATOM   270  C CD  . GLN A 1 66  ? -2.870  -15.000 -8.048  1.00 24.72 ? 40  GLN A CD  1 
ATOM   271  O OE1 . GLN A 1 66  ? -2.133  -15.681 -8.762  1.00 30.82 ? 40  GLN A OE1 1 
ATOM   272  N NE2 . GLN A 1 66  ? -3.650  -14.037 -8.533  1.00 30.12 ? 40  GLN A NE2 1 
ATOM   273  N N   . GLU A 1 67  ? -2.006  -18.701 -4.146  1.00 14.28 ? 41  GLU A N   1 
ATOM   274  C CA  . GLU A 1 67  ? -1.448  -20.004 -3.806  1.00 14.85 ? 41  GLU A CA  1 
ATOM   275  C C   . GLU A 1 67  ? -0.179  -20.273 -4.603  1.00 11.43 ? 41  GLU A C   1 
ATOM   276  O O   . GLU A 1 67  ? -0.144  -20.064 -5.819  1.00 15.72 ? 41  GLU A O   1 
ATOM   277  C CB  . GLU A 1 67  ? -2.498  -21.088 -4.085  1.00 13.77 ? 41  GLU A CB  1 
ATOM   278  C CG  . GLU A 1 67  ? -3.724  -20.952 -3.194  1.00 15.71 ? 41  GLU A CG  1 
ATOM   279  C CD  . GLU A 1 67  ? -4.926  -21.741 -3.673  1.00 33.64 ? 41  GLU A CD  1 
ATOM   280  O OE1 . GLU A 1 67  ? -5.048  -21.983 -4.896  1.00 35.11 ? 41  GLU A OE1 1 
ATOM   281  O OE2 . GLU A 1 67  ? -5.760  -22.105 -2.814  1.00 35.44 ? 41  GLU A OE2 1 
ATOM   282  N N   . GLY A 1 68  ? 0.881   -20.706 -3.910  1.00 13.34 ? 42  GLY A N   1 
ATOM   283  C CA  . GLY A 1 68  ? 2.127   -21.040 -4.571  1.00 15.36 ? 42  GLY A CA  1 
ATOM   284  C C   . GLY A 1 68  ? 2.962   -19.859 -5.016  1.00 14.51 ? 42  GLY A C   1 
ATOM   285  O O   . GLY A 1 68  ? 3.969   -20.046 -5.708  1.00 20.16 ? 42  GLY A O   1 
ATOM   286  N N   . GLU A 1 69  ? 2.565   -18.650 -4.647  1.00 15.97 ? 43  GLU A N   1 
ATOM   287  C CA  . GLU A 1 69  ? 3.232   -17.426 -5.049  1.00 18.63 ? 43  GLU A CA  1 
ATOM   288  C C   . GLU A 1 69  ? 3.940   -16.837 -3.841  1.00 14.58 ? 43  GLU A C   1 
ATOM   289  O O   . GLU A 1 69  ? 3.377   -16.816 -2.743  1.00 15.81 ? 43  GLU A O   1 
ATOM   290  C CB  . GLU A 1 69  ? 2.192   -16.447 -5.600  1.00 20.13 ? 43  GLU A CB  1 
ATOM   291  C CG  . GLU A 1 69  ? 2.709   -15.112 -6.026  1.00 25.28 ? 43  GLU A CG  1 
ATOM   292  C CD  . GLU A 1 69  ? 1.591   -14.215 -6.503  1.00 16.62 ? 43  GLU A CD  1 
ATOM   293  O OE1 . GLU A 1 69  ? 0.673   -13.909 -5.705  1.00 14.36 ? 43  GLU A OE1 1 
ATOM   294  O OE2 . GLU A 1 69  ? 1.649   -13.804 -7.675  1.00 20.50 ? 43  GLU A OE2 1 
ATOM   295  N N   . THR A 1 70  ? 5.171   -16.360 -4.037  1.00 18.94 ? 44  THR A N   1 
ATOM   296  C CA  . THR A 1 70  ? 5.815   -15.634 -2.948  1.00 15.06 ? 44  THR A CA  1 
ATOM   297  C C   . THR A 1 70  ? 5.137   -14.282 -2.751  1.00 13.48 ? 44  THR A C   1 
ATOM   298  O O   . THR A 1 70  ? 4.547   -13.714 -3.666  1.00 14.47 ? 44  THR A O   1 
ATOM   299  C CB  . THR A 1 70  ? 7.313   -15.414 -3.202  1.00 18.29 ? 44  THR A CB  1 
ATOM   300  O OG1 . THR A 1 70  ? 7.497   -14.434 -4.225  1.00 20.61 ? 44  THR A OG1 1 
ATOM   301  C CG2 . THR A 1 70  ? 7.984   -16.704 -3.631  1.00 25.64 ? 44  THR A CG2 1 
ATOM   302  N N   . ILE A 1 71  ? 5.257   -13.763 -1.535  1.00 15.75 ? 45  ILE A N   1 
ATOM   303  C CA  . ILE A 1 71  ? 4.711   -12.440 -1.245  1.00 15.64 ? 45  ILE A CA  1 
ATOM   304  C C   . ILE A 1 71  ? 5.282   -11.402 -2.203  1.00 15.45 ? 45  ILE A C   1 
ATOM   305  O O   . ILE A 1 71  ? 4.540   -10.600 -2.779  1.00 13.25 ? 45  ILE A O   1 
ATOM   306  C CB  . ILE A 1 71  ? 4.975   -12.077 0.222   1.00 12.85 ? 45  ILE A CB  1 
ATOM   307  C CG1 . ILE A 1 71  ? 4.206   -13.048 1.125   1.00 14.61 ? 45  ILE A CG1 1 
ATOM   308  C CG2 . ILE A 1 71  ? 4.554   -10.626 0.502   1.00 18.17 ? 45  ILE A CG2 1 
ATOM   309  C CD1 . ILE A 1 71  ? 4.443   -12.840 2.602   1.00 19.25 ? 45  ILE A CD1 1 
ATOM   310  N N   . GLU A 1 72  ? 6.604   -11.433 -2.420  1.00 15.70 ? 46  GLU A N   1 
ATOM   311  C CA  . GLU A 1 72  ? 7.229   -10.469 -3.320  1.00 16.05 ? 46  GLU A CA  1 
ATOM   312  C C   . GLU A 1 72  ? 6.741   -10.635 -4.753  1.00 12.79 ? 46  GLU A C   1 
ATOM   313  O O   . GLU A 1 72  ? 6.494   -9.642  -5.452  1.00 14.93 ? 46  GLU A O   1 
ATOM   314  C CB  . GLU A 1 72  ? 8.750   -10.600 -3.266  1.00 20.53 ? 46  GLU A CB  1 
ATOM   315  C CG  . GLU A 1 72  ? 9.467   -9.567  -4.116  1.00 23.12 ? 46  GLU A CG  1 
ATOM   316  C CD  . GLU A 1 72  ? 10.973  -9.590  -3.940  1.00 30.65 ? 46  GLU A CD  1 
ATOM   317  O OE1 . GLU A 1 72  ? 11.449  -10.081 -2.893  1.00 31.58 ? 46  GLU A OE1 1 
ATOM   318  O OE2 . GLU A 1 72  ? 11.676  -9.122  -4.861  1.00 34.69 ? 46  GLU A OE2 1 
ATOM   319  N N   . ASP A 1 73  ? 6.619   -11.883 -5.227  1.00 14.85 ? 47  ASP A N   1 
ATOM   320  C CA  . ASP A 1 73  ? 6.078   -12.082 -6.565  1.00 21.07 ? 47  ASP A CA  1 
ATOM   321  C C   . ASP A 1 73  ? 4.641   -11.584 -6.648  1.00 13.49 ? 47  ASP A C   1 
ATOM   322  O O   . ASP A 1 73  ? 4.229   -11.024 -7.673  1.00 16.21 ? 47  ASP A O   1 
ATOM   323  C CB  . ASP A 1 73  ? 6.173   -13.556 -6.976  1.00 19.56 ? 47  ASP A CB  1 
ATOM   324  C CG  . ASP A 1 73  ? 7.588   -13.973 -7.329  1.00 30.13 ? 47  ASP A CG  1 
ATOM   325  O OD1 . ASP A 1 73  ? 8.435   -13.084 -7.556  1.00 34.25 ? 47  ASP A OD1 1 
ATOM   326  O OD2 . ASP A 1 73  ? 7.850   -15.190 -7.382  1.00 33.76 ? 47  ASP A OD2 1 
ATOM   327  N N   . GLY A 1 74  ? 3.875   -11.746 -5.563  1.00 12.87 ? 48  GLY A N   1 
ATOM   328  C CA  . GLY A 1 74  ? 2.521   -11.218 -5.547  1.00 15.55 ? 48  GLY A CA  1 
ATOM   329  C C   . GLY A 1 74  ? 2.502   -9.705  -5.619  1.00 13.65 ? 48  GLY A C   1 
ATOM   330  O O   . GLY A 1 74  ? 1.655   -9.118  -6.299  1.00 13.41 ? 48  GLY A O   1 
ATOM   331  N N   . ALA A 1 75  ? 3.445   -9.055  -4.927  1.00 13.79 ? 49  ALA A N   1 
ATOM   332  C CA  . ALA A 1 75  ? 3.530   -7.600  -4.974  1.00 14.11 ? 49  ALA A CA  1 
ATOM   333  C C   . ALA A 1 75  ? 3.889   -7.110  -6.374  1.00 13.95 ? 49  ALA A C   1 
ATOM   334  O O   . ALA A 1 75  ? 3.301   -6.149  -6.877  1.00 13.50 ? 49  ALA A O   1 
ATOM   335  C CB  . ALA A 1 75  ? 4.549   -7.114  -3.951  1.00 13.97 ? 49  ALA A CB  1 
ATOM   336  N N   . ARG A 1 76  ? 4.844   -7.777  -7.027  1.00 14.51 ? 50  ARG A N   1 
ATOM   337  C CA  . ARG A 1 76  ? 5.197   -7.408  -8.393  1.00 15.04 ? 50  ARG A CA  1 
ATOM   338  C C   . ARG A 1 76  ? 4.020   -7.619  -9.348  1.00 11.87 ? 50  ARG A C   1 
ATOM   339  O O   . ARG A 1 76  ? 3.736   -6.779  -10.211 1.00 14.08 ? 50  ARG A O   1 
ATOM   340  C CB  . ARG A 1 76  ? 6.412   -8.227  -8.827  1.00 18.98 ? 50  ARG A CB  1 
ATOM   341  C CG  . ARG A 1 76  ? 6.937   -7.912  -10.215 1.00 24.16 ? 50  ARG A CG  1 
ATOM   342  C CD  . ARG A 1 76  ? 8.256   -8.645  -10.475 1.00 25.45 ? 50  ARG A CD  1 
ATOM   343  N NE  . ARG A 1 76  ? 9.259   -8.307  -9.469  1.00 27.53 ? 50  ARG A NE  1 
ATOM   344  C CZ  . ARG A 1 76  ? 9.659   -9.131  -8.511  1.00 24.33 ? 50  ARG A CZ  1 
ATOM   345  N NH1 . ARG A 1 76  ? 9.142   -10.350 -8.424  1.00 30.41 ? 50  ARG A NH1 1 
ATOM   346  N NH2 . ARG A 1 76  ? 10.573  -8.735  -7.636  1.00 31.48 ? 50  ARG A NH2 1 
ATOM   347  N N   . ARG A 1 77  ? 3.309   -8.740  -9.199  1.00 13.17 ? 51  ARG A N   1 
ATOM   348  C CA  . ARG A 1 77  ? 2.171   -9.009  -10.066 1.00 14.86 ? 51  ARG A CA  1 
ATOM   349  C C   . ARG A 1 77  ? 1.082   -7.960  -9.887  1.00 14.56 ? 51  ARG A C   1 
ATOM   350  O O   . ARG A 1 77  ? 0.522   -7.452  -10.866 1.00 16.54 ? 51  ARG A O   1 
ATOM   351  C CB  . ARG A 1 77  ? 1.622   -10.410 -9.782  1.00 14.32 ? 51  ARG A CB  1 
ATOM   352  C CG  . ARG A 1 77  ? 0.347   -10.720 -10.546 1.00 14.04 ? 51  ARG A CG  1 
ATOM   353  C CD  . ARG A 1 77  ? -0.227  -12.087 -10.170 1.00 18.06 ? 51  ARG A CD  1 
ATOM   354  N NE  . ARG A 1 77  ? -0.320  -12.254 -8.723  1.00 15.73 ? 51  ARG A NE  1 
ATOM   355  C CZ  . ARG A 1 77  ? -1.274  -11.730 -7.960  1.00 16.79 ? 51  ARG A CZ  1 
ATOM   356  N NH1 . ARG A 1 77  ? -2.243  -10.984 -8.493  1.00 18.97 ? 51  ARG A NH1 1 
ATOM   357  N NH2 . ARG A 1 77  ? -1.260  -11.951 -6.655  1.00 15.19 ? 51  ARG A NH2 1 
ATOM   358  N N   . GLU A 1 78  ? 0.772   -7.621  -8.634  1.00 15.21 ? 52  GLU A N   1 
ATOM   359  C CA  . GLU A 1 78  ? -0.300  -6.670  -8.381  1.00 17.98 ? 52  GLU A CA  1 
ATOM   360  C C   . GLU A 1 78  ? 0.063   -5.271  -8.859  1.00 13.56 ? 52  GLU A C   1 
ATOM   361  O O   . GLU A 1 78  ? -0.806  -4.533  -9.331  1.00 14.02 ? 52  GLU A O   1 
ATOM   362  C CB  . GLU A 1 78  ? -0.648  -6.654  -6.893  1.00 18.25 ? 52  GLU A CB  1 
ATOM   363  C CG  . GLU A 1 78  ? -1.380  -7.896  -6.411  1.00 25.07 ? 52  GLU A CG  1 
ATOM   364  C CD  . GLU A 1 78  ? -2.845  -7.944  -6.825  1.00 26.16 ? 52  GLU A CD  1 
ATOM   365  O OE1 . GLU A 1 78  ? -3.339  -6.996  -7.468  1.00 28.03 ? 52  GLU A OE1 1 
ATOM   366  O OE2 . GLU A 1 78  ? -3.510  -8.950  -6.492  1.00 31.07 ? 52  GLU A OE2 1 
ATOM   367  N N   . LEU A 1 79  ? 1.335   -4.880  -8.744  1.00 15.33 ? 53  LEU A N   1 
ATOM   368  C CA  . LEU A 1 79  ? 1.724   -3.583  -9.284  1.00 13.82 ? 53  LEU A CA  1 
ATOM   369  C C   . LEU A 1 79  ? 1.435   -3.516  -10.777 1.00 13.34 ? 53  LEU A C   1 
ATOM   370  O O   . LEU A 1 79  ? 0.895   -2.519  -11.275 1.00 16.02 ? 53  LEU A O   1 
ATOM   371  C CB  . LEU A 1 79  ? 3.199   -3.299  -8.999  1.00 14.34 ? 53  LEU A CB  1 
ATOM   372  C CG  . LEU A 1 79  ? 3.672   -1.948  -9.537  1.00 13.17 ? 53  LEU A CG  1 
ATOM   373  C CD1 . LEU A 1 79  ? 3.015   -0.785  -8.774  1.00 14.27 ? 53  LEU A CD1 1 
ATOM   374  C CD2 . LEU A 1 79  ? 5.182   -1.859  -9.462  1.00 16.27 ? 53  LEU A CD2 1 
ATOM   375  N N   . GLN A 1 80  ? 1.762   -4.589  -11.503 1.00 16.98 ? 54  GLN A N   1 
ATOM   376  C CA  . GLN A 1 80  ? 1.500   -4.626  -12.939 1.00 17.57 ? 54  GLN A CA  1 
ATOM   377  C C   . GLN A 1 80  ? 0.006   -4.581  -13.235 1.00 17.75 ? 54  GLN A C   1 
ATOM   378  O O   . GLN A 1 80  ? -0.454  -3.777  -14.058 1.00 18.63 ? 54  GLN A O   1 
ATOM   379  C CB  . GLN A 1 80  ? 2.133   -5.884  -13.534 1.00 19.32 ? 54  GLN A CB  1 
ATOM   380  C CG  . GLN A 1 80  ? 1.573   -6.290  -14.881 1.00 31.60 ? 54  GLN A CG  1 
ATOM   381  C CD  . GLN A 1 80  ? 1.754   -5.211  -15.909 1.00 28.16 ? 54  GLN A CD  1 
ATOM   382  O OE1 . GLN A 1 80  ? 0.792   -4.789  -16.564 1.00 32.71 ? 54  GLN A OE1 1 
ATOM   383  N NE2 . GLN A 1 80  ? 2.992   -4.732  -16.051 1.00 30.61 ? 54  GLN A NE2 1 
ATOM   384  N N   . GLU A 1 81  ? -0.770  -5.434  -12.564 1.00 16.45 ? 55  GLU A N   1 
ATOM   385  C CA  . GLU A 1 81  ? -2.205  -5.508  -12.824 1.00 17.69 ? 55  GLU A CA  1 
ATOM   386  C C   . GLU A 1 81  ? -2.893  -4.170  -12.579 1.00 20.20 ? 55  GLU A C   1 
ATOM   387  O O   . GLU A 1 81  ? -3.799  -3.781  -13.322 1.00 19.54 ? 55  GLU A O   1 
ATOM   388  C CB  . GLU A 1 81  ? -2.839  -6.592  -11.948 1.00 19.90 ? 55  GLU A CB  1 
ATOM   389  C CG  . GLU A 1 81  ? -2.427  -8.014  -12.294 1.00 25.21 ? 55  GLU A CG  1 
ATOM   390  C CD  . GLU A 1 81  ? -3.047  -9.041  -11.358 1.00 26.13 ? 55  GLU A CD  1 
ATOM   391  O OE1 . GLU A 1 81  ? -3.879  -8.646  -10.515 1.00 33.93 ? 55  GLU A OE1 1 
ATOM   392  O OE2 . GLU A 1 81  ? -2.697  -10.236 -11.458 1.00 25.61 ? 55  GLU A OE2 1 
ATOM   393  N N   . GLU A 1 82  ? -2.476  -3.445  -11.546 1.00 17.81 ? 56  GLU A N   1 
ATOM   394  C CA  . GLU A 1 82  ? -3.206  -2.252  -11.146 1.00 15.58 ? 56  GLU A CA  1 
ATOM   395  C C   . GLU A 1 82  ? -2.655  -0.962  -11.727 1.00 14.03 ? 56  GLU A C   1 
ATOM   396  O O   . GLU A 1 82  ? -3.410  0.007   -11.885 1.00 16.20 ? 56  GLU A O   1 
ATOM   397  C CB  . GLU A 1 82  ? -3.201  -2.148  -9.627  1.00 17.97 ? 56  GLU A CB  1 
ATOM   398  C CG  . GLU A 1 82  ? -3.976  -3.241  -8.954  1.00 17.48 ? 56  GLU A CG  1 
ATOM   399  C CD  . GLU A 1 82  ? -4.331  -2.850  -7.554  1.00 23.12 ? 56  GLU A CD  1 
ATOM   400  O OE1 . GLU A 1 82  ? -3.495  -2.193  -6.915  1.00 19.17 ? 56  GLU A OE1 1 
ATOM   401  O OE2 . GLU A 1 82  ? -5.451  -3.155  -7.100  1.00 26.25 ? 56  GLU A OE2 1 
ATOM   402  N N   . SER A 1 83  ? -1.356  -0.906  -12.020 1.00 16.68 ? 57  SER A N   1 
ATOM   403  C CA  . SER A 1 83  ? -0.740  0.331   -12.481 1.00 18.55 ? 57  SER A CA  1 
ATOM   404  C C   . SER A 1 83  ? -0.108  0.231   -13.858 1.00 18.75 ? 57  SER A C   1 
ATOM   405  O O   . SER A 1 83  ? 0.221   1.272   -14.440 1.00 19.52 ? 57  SER A O   1 
ATOM   406  C CB  . SER A 1 83  ? 0.342   0.795   -11.496 1.00 18.04 ? 57  SER A CB  1 
ATOM   407  O OG  . SER A 1 83  ? 1.531   0.060   -11.719 1.00 15.40 ? 57  SER A OG  1 
ATOM   408  N N   . GLY A 1 84  ? 0.070   -0.973  -14.393 1.00 15.94 ? 58  GLY A N   1 
ATOM   409  C CA  . GLY A 1 84  ? 0.727   -1.147  -15.676 1.00 19.73 ? 58  GLY A CA  1 
ATOM   410  C C   . GLY A 1 84  ? 2.235   -1.129  -15.618 1.00 22.32 ? 58  GLY A C   1 
ATOM   411  O O   . GLY A 1 84  ? 2.888   -1.344  -16.649 1.00 19.97 ? 58  GLY A O   1 
ATOM   412  N N   . LEU A 1 85  ? 2.815   -0.903  -14.452 1.00 16.80 ? 59  LEU A N   1 
ATOM   413  C CA  . LEU A 1 85  ? 4.255   -0.779  -14.328 1.00 14.95 ? 59  LEU A CA  1 
ATOM   414  C C   . LEU A 1 85  ? 4.909   -2.124  -14.054 1.00 14.84 ? 59  LEU A C   1 
ATOM   415  O O   . LEU A 1 85  ? 4.371   -2.979  -13.337 1.00 17.85 ? 59  LEU A O   1 
ATOM   416  C CB  . LEU A 1 85  ? 4.620   0.182   -13.203 1.00 17.23 ? 59  LEU A CB  1 
ATOM   417  C CG  . LEU A 1 85  ? 4.156   1.621   -13.356 1.00 16.23 ? 59  LEU A CG  1 
ATOM   418  C CD1 . LEU A 1 85  ? 4.604   2.376   -12.115 1.00 19.39 ? 59  LEU A CD1 1 
ATOM   419  C CD2 . LEU A 1 85  ? 4.739   2.244   -14.616 1.00 18.53 ? 59  LEU A CD2 1 
ATOM   420  N N   . THR A 1 86  ? 6.104   -2.279  -14.597 1.00 16.03 ? 60  THR A N   1 
ATOM   421  C CA  . THR A 1 86  ? 6.952   -3.433  -14.340 1.00 17.92 ? 60  THR A CA  1 
ATOM   422  C C   . THR A 1 86  ? 8.031   -3.048  -13.338 1.00 16.51 ? 60  THR A C   1 
ATOM   423  O O   . THR A 1 86  ? 8.797   -2.111  -13.580 1.00 17.28 ? 60  THR A O   1 
ATOM   424  C CB  . THR A 1 86  ? 7.582   -3.921  -15.643 1.00 18.91 ? 60  THR A CB  1 
ATOM   425  O OG1 . THR A 1 86  ? 6.543   -4.257  -16.569 1.00 18.75 ? 60  THR A OG1 1 
ATOM   426  C CG2 . THR A 1 86  ? 8.442   -5.143  -15.385 1.00 19.64 ? 60  THR A CG2 1 
ATOM   427  N N   . VAL A 1 87  ? 8.091   -3.751  -12.209 1.00 18.03 ? 61  VAL A N   1 
ATOM   428  C CA  . VAL A 1 87  ? 9.125   -3.511  -11.204 1.00 18.48 ? 61  VAL A CA  1 
ATOM   429  C C   . VAL A 1 87  ? 10.092  -4.686  -11.188 1.00 22.99 ? 61  VAL A C   1 
ATOM   430  O O   . VAL A 1 87  ? 9.691   -5.846  -11.357 1.00 25.17 ? 61  VAL A O   1 
ATOM   431  C CB  . VAL A 1 87  ? 8.535   -3.268  -9.798  1.00 20.08 ? 61  VAL A CB  1 
ATOM   432  C CG1 . VAL A 1 87  ? 7.774   -4.478  -9.309  1.00 23.49 ? 61  VAL A CG1 1 
ATOM   433  C CG2 . VAL A 1 87  ? 9.646   -2.909  -8.803  1.00 23.56 ? 61  VAL A CG2 1 
ATOM   434  N N   . ASP A 1 88  ? 11.368  -4.370  -10.974 1.00 28.88 ? 62  ASP A N   1 
ATOM   435  C CA  . ASP A 1 88  ? 12.407  -5.350  -10.691 1.00 34.37 ? 62  ASP A CA  1 
ATOM   436  C C   . ASP A 1 88  ? 12.506  -5.601  -9.197  1.00 28.87 ? 62  ASP A C   1 
ATOM   437  O O   . ASP A 1 88  ? 11.649  -6.262  -8.603  1.00 34.84 ? 62  ASP A O   1 
ATOM   438  C CB  . ASP A 1 88  ? 13.763  -4.866  -11.216 1.00 35.85 ? 62  ASP A CB  1 
ATOM   439  N N   . ALA A 1 89  ? 13.557  -5.065  -8.589  1.00 34.26 ? 63  ALA A N   1 
ATOM   440  C CA  . ALA A 1 89  ? 13.783  -5.267  -7.168  1.00 28.71 ? 63  ALA A CA  1 
ATOM   441  C C   . ALA A 1 89  ? 12.730  -4.515  -6.370  1.00 23.51 ? 63  ALA A C   1 
ATOM   442  O O   . ALA A 1 89  ? 12.452  -3.340  -6.631  1.00 28.81 ? 63  ALA A O   1 
ATOM   443  N N   . LEU A 1 90  ? 12.119  -5.210  -5.427  1.00 25.14 ? 64  LEU A N   1 
ATOM   444  C CA  . LEU A 1 90  ? 11.255  -4.593  -4.437  1.00 21.01 ? 64  LEU A CA  1 
ATOM   445  C C   . LEU A 1 90  ? 11.976  -4.608  -3.103  1.00 21.81 ? 64  LEU A C   1 
ATOM   446  O O   . LEU A 1 90  ? 12.687  -5.567  -2.784  1.00 27.99 ? 64  LEU A O   1 
ATOM   447  C CB  . LEU A 1 90  ? 9.920   -5.333  -4.318  1.00 19.84 ? 64  LEU A CB  1 
ATOM   448  C CG  . LEU A 1 90  ? 8.949   -5.093  -5.462  1.00 20.12 ? 64  LEU A CG  1 
ATOM   449  C CD1 . LEU A 1 90  ? 7.888   -6.184  -5.506  1.00 27.36 ? 64  LEU A CD1 1 
ATOM   450  C CD2 . LEU A 1 90  ? 8.323   -3.720  -5.326  1.00 20.14 ? 64  LEU A CD2 1 
ATOM   451  N N   . HIS A 1 91  ? 11.811  -3.544  -2.333  1.00 14.36 ? 65  HIS A N   1 
ATOM   452  C CA  . HIS A 1 91  ? 12.409  -3.446  -1.012  1.00 15.34 ? 65  HIS A CA  1 
ATOM   453  C C   . HIS A 1 91  ? 11.320  -3.546  0.046   1.00 16.63 ? 65  HIS A C   1 
ATOM   454  O O   . HIS A 1 91  ? 10.330  -2.810  -0.010  1.00 15.56 ? 65  HIS A O   1 
ATOM   455  C CB  . HIS A 1 91  ? 13.189  -2.141  -0.863  1.00 17.79 ? 65  HIS A CB  1 
ATOM   456  C CG  . HIS A 1 91  ? 14.170  -1.910  -1.970  1.00 36.62 ? 65  HIS A CG  1 
ATOM   457  N ND1 . HIS A 1 91  ? 15.299  -2.684  -2.134  1.00 38.07 ? 65  HIS A ND1 1 
ATOM   458  C CD2 . HIS A 1 91  ? 14.180  -1.011  -2.982  1.00 35.75 ? 65  HIS A CD2 1 
ATOM   459  C CE1 . HIS A 1 91  ? 15.968  -2.264  -3.194  1.00 37.45 ? 65  HIS A CE1 1 
ATOM   460  N NE2 . HIS A 1 91  ? 15.311  -1.249  -3.725  1.00 40.25 ? 65  HIS A NE2 1 
ATOM   461  N N   . LYS A 1 92  ? 11.504  -4.454  1.003   1.00 14.99 ? 66  LYS A N   1 
ATOM   462  C CA  . LYS A 1 92  ? 10.565  -4.559  2.114   1.00 15.31 ? 66  LYS A CA  1 
ATOM   463  C C   . LYS A 1 92  ? 10.634  -3.302  2.962   1.00 16.33 ? 66  LYS A C   1 
ATOM   464  O O   . LYS A 1 92  ? 11.721  -2.869  3.362   1.00 20.26 ? 66  LYS A O   1 
ATOM   465  C CB  . LYS A 1 92  ? 10.897  -5.780  2.971   1.00 21.45 ? 66  LYS A CB  1 
ATOM   466  C CG  . LYS A 1 92  ? 10.523  -7.093  2.335   1.00 21.85 ? 66  LYS A CG  1 
ATOM   467  C CD  . LYS A 1 92  ? 10.919  -8.269  3.221   1.00 25.22 ? 66  LYS A CD  1 
ATOM   468  N N   . VAL A 1 93  ? 9.480   -2.695  3.232   1.00 12.13 ? 67  VAL A N   1 
ATOM   469  C CA  . VAL A 1 93  ? 9.500   -1.512  4.079   1.00 13.92 ? 67  VAL A CA  1 
ATOM   470  C C   . VAL A 1 93  ? 8.665   -1.705  5.335   1.00 14.15 ? 67  VAL A C   1 
ATOM   471  O O   . VAL A 1 93  ? 8.959   -1.091  6.358   1.00 14.06 ? 67  VAL A O   1 
ATOM   472  C CB  . VAL A 1 93  ? 9.069   -0.257  3.303   1.00 21.44 ? 67  VAL A CB  1 
ATOM   473  C CG1 . VAL A 1 93  ? 10.050  0.003   2.175   1.00 31.59 ? 67  VAL A CG1 1 
ATOM   474  C CG2 . VAL A 1 93  ? 7.703   -0.421  2.756   1.00 21.92 ? 67  VAL A CG2 1 
ATOM   475  N N   . GLY A 1 94  ? 7.661   -2.579  5.307   1.00 11.07 ? 68  GLY A N   1 
ATOM   476  C CA  . GLY A 1 94  ? 6.873   -2.705  6.518   1.00 11.53 ? 68  GLY A CA  1 
ATOM   477  C C   . GLY A 1 94  ? 5.882   -3.843  6.464   1.00 9.56  ? 68  GLY A C   1 
ATOM   478  O O   . GLY A 1 94  ? 5.696   -4.509  5.441   1.00 10.17 ? 68  GLY A O   1 
ATOM   479  N N   . GLN A 1 95  ? 5.255   -4.060  7.613   1.00 10.88 ? 69  GLN A N   1 
ATOM   480  C CA  . GLN A 1 95  ? 4.156   -4.999  7.741   1.00 12.46 ? 69  GLN A CA  1 
ATOM   481  C C   . GLN A 1 95  ? 3.094   -4.311  8.571   1.00 13.78 ? 69  GLN A C   1 
ATOM   482  O O   . GLN A 1 95  ? 3.407   -3.782  9.640   1.00 15.13 ? 69  GLN A O   1 
ATOM   483  C CB  . GLN A 1 95  ? 4.617   -6.296  8.403   1.00 15.60 ? 69  GLN A CB  1 
ATOM   484  C CG  . GLN A 1 95  ? 3.570   -7.392  8.411   1.00 19.05 ? 69  GLN A CG  1 
ATOM   485  C CD  . GLN A 1 95  ? 4.003   -8.609  9.220   1.00 29.77 ? 69  GLN A CD  1 
ATOM   486  O OE1 . GLN A 1 95  ? 4.912   -8.529  10.053  1.00 32.30 ? 69  GLN A OE1 1 
ATOM   487  N NE2 . GLN A 1 95  ? 3.355   -9.741  8.975   1.00 22.37 ? 69  GLN A NE2 1 
ATOM   488  N N   . ILE A 1 96  ? 1.862   -4.291  8.079   1.00 10.54 ? 70  ILE A N   1 
ATOM   489  C CA  . ILE A 1 96  ? 0.743   -3.693  8.793   1.00 12.57 ? 70  ILE A CA  1 
ATOM   490  C C   . ILE A 1 96  ? -0.387  -4.703  8.839   1.00 11.39 ? 70  ILE A C   1 
ATOM   491  O O   . ILE A 1 96  ? -0.829  -5.185  7.791   1.00 11.88 ? 70  ILE A O   1 
ATOM   492  C CB  . ILE A 1 96  ? 0.234   -2.405  8.121   1.00 11.99 ? 70  ILE A CB  1 
ATOM   493  C CG1 . ILE A 1 96  ? 1.344   -1.410  7.812   1.00 20.66 ? 70  ILE A CG1 1 
ATOM   494  C CG2 . ILE A 1 96  ? -0.822  -1.758  8.999   1.00 17.32 ? 70  ILE A CG2 1 
ATOM   495  C CD1 . ILE A 1 96  ? 0.845   -0.294  6.881   1.00 19.11 ? 70  ILE A CD1 1 
ATOM   496  N N   . VAL A 1 97  ? -0.874  -4.998  10.037  1.00 10.63 ? 71  VAL A N   1 
ATOM   497  C CA  . VAL A 1 97  ? -2.040  -5.851  10.223  1.00 10.88 ? 71  VAL A CA  1 
ATOM   498  C C   . VAL A 1 97  ? -3.263  -4.972  10.427  1.00 12.22 ? 71  VAL A C   1 
ATOM   499  O O   . VAL A 1 97  ? -3.241  -4.052  11.254  1.00 13.45 ? 71  VAL A O   1 
ATOM   500  C CB  . VAL A 1 97  ? -1.850  -6.800  11.414  1.00 14.40 ? 71  VAL A CB  1 
ATOM   501  C CG1 . VAL A 1 97  ? -3.138  -7.577  11.654  1.00 14.91 ? 71  VAL A CG1 1 
ATOM   502  C CG2 . VAL A 1 97  ? -0.691  -7.759  11.155  1.00 14.23 ? 71  VAL A CG2 1 
ATOM   503  N N   . PHE A 1 98  ? -4.321  -5.241  9.671   1.00 12.10 ? 72  PHE A N   1 
ATOM   504  C CA  . PHE A 1 98  ? -5.575  -4.506  9.782   1.00 10.06 ? 72  PHE A CA  1 
ATOM   505  C C   . PHE A 1 98  ? -6.644  -5.410  10.372  1.00 11.14 ? 72  PHE A C   1 
ATOM   506  O O   . PHE A 1 98  ? -6.848  -6.535  9.899   1.00 11.92 ? 72  PHE A O   1 
ATOM   507  C CB  . PHE A 1 98  ? -6.052  -3.994  8.423   1.00 10.94 ? 72  PHE A CB  1 
ATOM   508  C CG  . PHE A 1 98  ? -5.175  -2.943  7.826   1.00 12.53 ? 72  PHE A CG  1 
ATOM   509  C CD1 . PHE A 1 98  ? -4.091  -3.286  7.039   1.00 20.12 ? 72  PHE A CD1 1 
ATOM   510  C CD2 . PHE A 1 98  ? -5.445  -1.604  8.052   1.00 19.53 ? 72  PHE A CD2 1 
ATOM   511  C CE1 . PHE A 1 98  ? -3.283  -2.310  6.488   1.00 20.69 ? 72  PHE A CE1 1 
ATOM   512  C CE2 . PHE A 1 98  ? -4.642  -0.624  7.500   1.00 23.45 ? 72  PHE A CE2 1 
ATOM   513  C CZ  . PHE A 1 98  ? -3.558  -0.983  6.721   1.00 16.24 ? 72  PHE A CZ  1 
ATOM   514  N N   . GLU A 1 99  ? -7.346  -4.892  11.365  1.00 10.23 ? 73  GLU A N   1 
ATOM   515  C CA  . GLU A 1 99  ? -8.544  -5.508  11.904  1.00 10.46 ? 73  GLU A CA  1 
ATOM   516  C C   . GLU A 1 99  ? -9.723  -4.600  11.615  1.00 10.81 ? 73  GLU A C   1 
ATOM   517  O O   . GLU A 1 99  ? -9.655  -3.396  11.870  1.00 12.86 ? 73  GLU A O   1 
ATOM   518  C CB  . GLU A 1 99  ? -8.390  -5.719  13.407  1.00 11.06 ? 73  GLU A CB  1 
ATOM   519  C CG  . GLU A 1 99  ? -9.621  -6.254  14.066  1.00 13.59 ? 73  GLU A CG  1 
ATOM   520  C CD  . GLU A 1 99  ? -9.501  -6.241  15.571  1.00 19.43 ? 73  GLU A CD  1 
ATOM   521  O OE1 . GLU A 1 99  ? -8.370  -6.238  16.105  1.00 24.86 ? 73  GLU A OE1 1 
ATOM   522  O OE2 . GLU A 1 99  ? -10.550 -6.216  16.212  1.00 21.02 ? 73  GLU A OE2 1 
ATOM   523  N N   . PHE A 1 100 ? -10.790 -5.164  11.063  1.00 13.84 ? 74  PHE A N   1 
ATOM   524  C CA  . PHE A 1 100 ? -12.051 -4.450  10.909  1.00 11.69 ? 74  PHE A CA  1 
ATOM   525  C C   . PHE A 1 100 ? -13.038 -5.084  11.874  1.00 14.18 ? 74  PHE A C   1 
ATOM   526  O O   . PHE A 1 100 ? -13.315 -6.281  11.766  1.00 16.79 ? 74  PHE A O   1 
ATOM   527  C CB  . PHE A 1 100 ? -12.539 -4.518  9.460   1.00 15.49 ? 74  PHE A CB  1 
ATOM   528  C CG  . PHE A 1 100 ? -11.685 -3.733  8.516   1.00 13.98 ? 74  PHE A CG  1 
ATOM   529  C CD1 . PHE A 1 100 ? -11.938 -2.390  8.298   1.00 16.83 ? 74  PHE A CD1 1 
ATOM   530  C CD2 . PHE A 1 100 ? -10.592 -4.316  7.895   1.00 19.18 ? 74  PHE A CD2 1 
ATOM   531  C CE1 . PHE A 1 100 ? -11.141 -1.645  7.449   1.00 23.13 ? 74  PHE A CE1 1 
ATOM   532  C CE2 . PHE A 1 100 ? -9.789  -3.575  7.042   1.00 18.98 ? 74  PHE A CE2 1 
ATOM   533  C CZ  . PHE A 1 100 ? -10.063 -2.241  6.825   1.00 21.68 ? 74  PHE A CZ  1 
ATOM   534  N N   . VAL A 1 101 ? -13.518 -4.306  12.849  1.00 15.66 ? 75  VAL A N   1 
ATOM   535  C CA  . VAL A 1 101 ? -14.394 -4.882  13.867  1.00 17.93 ? 75  VAL A CA  1 
ATOM   536  C C   . VAL A 1 101 ? -15.609 -5.495  13.188  1.00 19.37 ? 75  VAL A C   1 
ATOM   537  O O   . VAL A 1 101 ? -16.167 -4.933  12.239  1.00 21.97 ? 75  VAL A O   1 
ATOM   538  C CB  . VAL A 1 101 ? -14.802 -3.834  14.921  1.00 24.26 ? 75  VAL A CB  1 
ATOM   539  C CG1 . VAL A 1 101 ? -13.592 -3.384  15.729  1.00 22.89 ? 75  VAL A CG1 1 
ATOM   540  C CG2 . VAL A 1 101 ? -15.488 -2.636  14.282  1.00 25.60 ? 75  VAL A CG2 1 
ATOM   541  N N   . GLY A 1 102 ? -15.971 -6.697  13.619  1.00 24.21 ? 76  GLY A N   1 
ATOM   542  C CA  . GLY A 1 102 ? -17.075 -7.402  13.005  1.00 23.44 ? 76  GLY A CA  1 
ATOM   543  C C   . GLY A 1 102 ? -16.718 -8.265  11.813  1.00 26.32 ? 76  GLY A C   1 
ATOM   544  O O   . GLY A 1 102 ? -17.604 -8.953  11.282  1.00 22.89 ? 76  GLY A O   1 
ATOM   545  N N   . GLU A 1 103 ? -15.457 -8.246  11.366  1.00 18.28 ? 77  GLU A N   1 
ATOM   546  C CA  . GLU A 1 103 ? -14.959 -9.097  10.300  1.00 17.41 ? 77  GLU A CA  1 
ATOM   547  C C   . GLU A 1 103 ? -13.925 -10.058 10.865  1.00 17.70 ? 77  GLU A C   1 
ATOM   548  O O   . GLU A 1 103 ? -12.983 -9.627  11.546  1.00 16.52 ? 77  GLU A O   1 
ATOM   549  C CB  . GLU A 1 103 ? -14.344 -8.256  9.186   1.00 17.65 ? 77  GLU A CB  1 
ATOM   550  C CG  . GLU A 1 103 ? -15.309 -7.228  8.622   1.00 24.33 ? 77  GLU A CG  1 
ATOM   551  C CD  . GLU A 1 103 ? -14.803 -6.603  7.341   1.00 39.54 ? 77  GLU A CD  1 
ATOM   552  O OE1 . GLU A 1 103 ? -13.725 -7.017  6.862   1.00 39.51 ? 77  GLU A OE1 1 
ATOM   553  O OE2 . GLU A 1 103 ? -15.486 -5.699  6.812   1.00 46.19 ? 77  GLU A OE2 1 
ATOM   554  N N   . PRO A 1 104 ? -14.059 -11.359 10.618  1.00 14.29 ? 78  PRO A N   1 
ATOM   555  C CA  . PRO A 1 104 ? -13.157 -12.309 11.292  1.00 14.47 ? 78  PRO A CA  1 
ATOM   556  C C   . PRO A 1 104 ? -11.728 -12.264 10.788  1.00 14.52 ? 78  PRO A C   1 
ATOM   557  O O   . PRO A 1 104 ? -10.799 -12.474 11.579  1.00 14.97 ? 78  PRO A O   1 
ATOM   558  C CB  . PRO A 1 104 ? -13.802 -13.673 11.011  1.00 16.26 ? 78  PRO A CB  1 
ATOM   559  C CG  . PRO A 1 104 ? -14.623 -13.457 9.776   1.00 20.45 ? 78  PRO A CG  1 
ATOM   560  C CD  . PRO A 1 104 ? -15.121 -12.033 9.854   1.00 16.91 ? 78  PRO A CD  1 
ATOM   561  N N   . GLU A 1 105 ? -11.512 -12.016 9.500   1.00 14.68 ? 79  GLU A N   1 
ATOM   562  C CA  . GLU A 1 105 ? -10.176 -12.176 8.948   1.00 16.21 ? 79  GLU A CA  1 
ATOM   563  C C   . GLU A 1 105 ? -9.367  -10.894 9.100   1.00 14.97 ? 79  GLU A C   1 
ATOM   564  O O   . GLU A 1 105 ? -9.815  -9.814  8.706   1.00 14.55 ? 79  GLU A O   1 
ATOM   565  C CB  . GLU A 1 105 ? -10.229 -12.603 7.484   1.00 21.75 ? 79  GLU A CB  1 
ATOM   566  C CG  . GLU A 1 105 ? -8.932  -13.245 7.003   1.00 25.27 ? 79  GLU A CG  1 
ATOM   567  C CD  . GLU A 1 105 ? -8.622  -14.593 7.662   1.00 35.10 ? 79  GLU A CD  1 
ATOM   568  O OE1 . GLU A 1 105 ? -9.452  -15.106 8.446   1.00 31.32 ? 79  GLU A OE1 1 
ATOM   569  O OE2 . GLU A 1 105 ? -7.536  -15.151 7.382   1.00 30.68 ? 79  GLU A OE2 1 
ATOM   570  N N   . LEU A 1 106 ? -8.191  -11.017 9.706   1.00 13.93 ? 80  LEU A N   1 
ATOM   571  C CA  . LEU A 1 106 ? -7.223  -9.928  9.709   1.00 12.01 ? 80  LEU A CA  1 
ATOM   572  C C   . LEU A 1 106 ? -6.532  -9.849  8.357   1.00 14.61 ? 80  LEU A C   1 
ATOM   573  O O   . LEU A 1 106 ? -6.337  -10.853 7.686   1.00 16.30 ? 80  LEU A O   1 
ATOM   574  C CB  . LEU A 1 106 ? -6.173  -10.141 10.788  1.00 13.61 ? 80  LEU A CB  1 
ATOM   575  C CG  . LEU A 1 106 ? -6.694  -10.304 12.208  1.00 12.22 ? 80  LEU A CG  1 
ATOM   576  C CD1 . LEU A 1 106 ? -5.519  -10.499 13.162  1.00 18.20 ? 80  LEU A CD1 1 
ATOM   577  C CD2 . LEU A 1 106 ? -7.565  -9.120  12.634  1.00 13.99 ? 80  LEU A CD2 1 
ATOM   578  N N   . MET A 1 107 ? -6.165  -8.636  7.955   1.00 10.85 ? 81  MET A N   1 
ATOM   579  C CA  . MET A 1 107 ? -5.360  -8.442  6.753   1.00 11.70 ? 81  MET A CA  1 
ATOM   580  C C   . MET A 1 107 ? -3.911  -8.233  7.166   1.00 13.63 ? 81  MET A C   1 
ATOM   581  O O   . MET A 1 107 ? -3.597  -7.263  7.867   1.00 14.43 ? 81  MET A O   1 
ATOM   582  C CB  . MET A 1 107 ? -5.840  -7.239  5.949   1.00 12.44 ? 81  MET A CB  1 
ATOM   583  C CG  . MET A 1 107 ? -7.281  -7.313  5.475   1.00 14.52 ? 81  MET A CG  1 
ATOM   584  S SD  . MET A 1 107 ? -7.767  -5.797  4.631   1.00 22.55 ? 81  MET A SD  1 
ATOM   585  C CE  . MET A 1 107 ? -6.615  -5.778  3.259   1.00 27.68 ? 81  MET A CE  1 
ATOM   586  N N   . ASP A 1 108 ? -3.028  -9.104  6.693   1.00 11.96 ? 82  ASP A N   1 
ATOM   587  C CA  . ASP A 1 108 ? -1.597  -9.045  6.971   1.00 10.69 ? 82  ASP A CA  1 
ATOM   588  C C   . ASP A 1 108 ? -0.940  -8.458  5.730   1.00 10.45 ? 82  ASP A C   1 
ATOM   589  O O   . ASP A 1 108 ? -0.680  -9.177  4.759   1.00 12.93 ? 82  ASP A O   1 
ATOM   590  C CB  . ASP A 1 108 ? -1.067  -10.438 7.299   1.00 13.07 ? 82  ASP A CB  1 
ATOM   591  C CG  . ASP A 1 108 ? 0.431   -10.472 7.515   1.00 19.35 ? 82  ASP A CG  1 
ATOM   592  O OD1 . ASP A 1 108 ? 1.046   -9.408  7.701   1.00 18.93 ? 82  ASP A OD1 1 
ATOM   593  O OD2 . ASP A 1 108 ? 0.999   -11.584 7.508   1.00 25.32 ? 82  ASP A OD2 1 
ATOM   594  N N   . VAL A 1 109 ? -0.700  -7.145  5.757   1.00 10.16 ? 83  VAL A N   1 
ATOM   595  C CA  . VAL A 1 109 ? -0.284  -6.397  4.571   1.00 11.40 ? 83  VAL A CA  1 
ATOM   596  C C   . VAL A 1 109 ? 1.228   -6.224  4.591   1.00 10.99 ? 83  VAL A C   1 
ATOM   597  O O   . VAL A 1 109 ? 1.792   -5.622  5.512   1.00 11.55 ? 83  VAL A O   1 
ATOM   598  C CB  . VAL A 1 109 ? -0.991  -5.035  4.483   1.00 10.29 ? 83  VAL A CB  1 
ATOM   599  C CG1 . VAL A 1 109 ? -0.566  -4.315  3.227   1.00 12.29 ? 83  VAL A CG1 1 
ATOM   600  C CG2 . VAL A 1 109 ? -2.519  -5.219  4.486   1.00 12.28 ? 83  VAL A CG2 1 
ATOM   601  N N   . HIS A 1 110 ? 1.886   -6.764  3.580   1.00 10.10 ? 84  HIS A N   1 
ATOM   602  C CA  . HIS A 1 110 ? 3.328   -6.628  3.428   1.00 10.05 ? 84  HIS A CA  1 
ATOM   603  C C   . HIS A 1 110 ? 3.610   -5.472  2.481   1.00 9.89  ? 84  HIS A C   1 
ATOM   604  O O   . HIS A 1 110 ? 3.180   -5.494  1.321   1.00 10.79 ? 84  HIS A O   1 
ATOM   605  C CB  . HIS A 1 110 ? 3.908   -7.946  2.921   1.00 10.82 ? 84  HIS A CB  1 
ATOM   606  C CG  . HIS A 1 110 ? 3.821   -9.039  3.937   1.00 11.89 ? 84  HIS A CG  1 
ATOM   607  N ND1 . HIS A 1 110 ? 4.935   -9.625  4.498   1.00 18.22 ? 84  HIS A ND1 1 
ATOM   608  C CD2 . HIS A 1 110 ? 2.748   -9.611  4.539   1.00 14.37 ? 84  HIS A CD2 1 
ATOM   609  C CE1 . HIS A 1 110 ? 4.553   -10.528 5.382   1.00 16.64 ? 84  HIS A CE1 1 
ATOM   610  N NE2 . HIS A 1 110 ? 3.233   -10.537 5.432   1.00 17.79 ? 84  HIS A NE2 1 
ATOM   611  N N   . VAL A 1 111 ? 4.285   -4.440  3.000   1.00 9.99  ? 85  VAL A N   1 
ATOM   612  C CA  . VAL A 1 111 ? 4.483   -3.181  2.293   1.00 8.88  ? 85  VAL A CA  1 
ATOM   613  C C   . VAL A 1 111 ? 5.871   -3.169  1.672   1.00 10.60 ? 85  VAL A C   1 
ATOM   614  O O   . VAL A 1 111 ? 6.863   -3.561  2.308   1.00 11.13 ? 85  VAL A O   1 
ATOM   615  C CB  . VAL A 1 111 ? 4.290   -1.982  3.235   1.00 9.52  ? 85  VAL A CB  1 
ATOM   616  C CG1 . VAL A 1 111 ? 4.293   -0.691  2.439   1.00 10.41 ? 85  VAL A CG1 1 
ATOM   617  C CG2 . VAL A 1 111 ? 2.977   -2.111  3.998   1.00 11.13 ? 85  VAL A CG2 1 
ATOM   618  N N   . PHE A 1 112 ? 5.938   -2.730  0.415   1.00 10.66 ? 86  PHE A N   1 
ATOM   619  C CA  . PHE A 1 112 ? 7.176   -2.671  -0.342  1.00 11.03 ? 86  PHE A CA  1 
ATOM   620  C C   . PHE A 1 112 ? 7.304   -1.307  -0.988  1.00 11.17 ? 86  PHE A C   1 
ATOM   621  O O   . PHE A 1 112 ? 6.304   -0.639  -1.275  1.00 12.71 ? 86  PHE A O   1 
ATOM   622  C CB  . PHE A 1 112 ? 7.235   -3.720  -1.459  1.00 11.52 ? 86  PHE A CB  1 
ATOM   623  C CG  . PHE A 1 112 ? 7.162   -5.130  -0.980  1.00 10.97 ? 86  PHE A CG  1 
ATOM   624  C CD1 . PHE A 1 112 ? 5.936   -5.713  -0.688  1.00 11.52 ? 86  PHE A CD1 1 
ATOM   625  C CD2 . PHE A 1 112 ? 8.315   -5.894  -0.863  1.00 13.74 ? 86  PHE A CD2 1 
ATOM   626  C CE1 . PHE A 1 112 ? 5.868   -7.036  -0.259  1.00 15.49 ? 86  PHE A CE1 1 
ATOM   627  C CE2 . PHE A 1 112 ? 8.248   -7.214  -0.438  1.00 15.00 ? 86  PHE A CE2 1 
ATOM   628  C CZ  . PHE A 1 112 ? 7.025   -7.785  -0.141  1.00 16.70 ? 86  PHE A CZ  1 
ATOM   629  N N   . CYS A 1 113 ? 8.539   -0.901  -1.249  1.00 11.72 ? 87  CYS A N   1 
ATOM   630  C CA  . CYS A 1 113 ? 8.739   0.255   -2.107  1.00 14.26 ? 87  CYS A CA  1 
ATOM   631  C C   . CYS A 1 113 ? 9.742   -0.064  -3.202  1.00 16.58 ? 87  CYS A C   1 
ATOM   632  O O   . CYS A 1 113 ? 10.503  -1.033  -3.128  1.00 14.12 ? 87  CYS A O   1 
ATOM   633  C CB  . CYS A 1 113 ? 9.182   1.486   -1.313  1.00 17.41 ? 87  CYS A CB  1 
ATOM   634  S SG  . CYS A 1 113 ? 10.900  1.512   -0.864  1.00 24.85 ? 87  CYS A SG  1 
ATOM   635  N N   . THR A 1 114 ? 9.704   0.766   -4.243  1.00 15.76 ? 88  THR A N   1 
ATOM   636  C CA  . THR A 1 114 ? 10.693  0.728   -5.308  1.00 15.03 ? 88  THR A CA  1 
ATOM   637  C C   . THR A 1 114 ? 10.856  2.139   -5.851  1.00 17.57 ? 88  THR A C   1 
ATOM   638  O O   . THR A 1 114 ? 9.940   2.963   -5.771  1.00 16.61 ? 88  THR A O   1 
ATOM   639  C CB  . THR A 1 114 ? 10.290  -0.231  -6.432  1.00 21.65 ? 88  THR A CB  1 
ATOM   640  O OG1 . THR A 1 114 ? 11.283  -0.189  -7.470  1.00 23.03 ? 88  THR A OG1 1 
ATOM   641  C CG2 . THR A 1 114 ? 8.943   0.173   -7.012  1.00 21.00 ? 88  THR A CG2 1 
ATOM   642  N N   . ASP A 1 115 ? 12.045  2.425   -6.385  1.00 18.94 ? 89  ASP A N   1 
ATOM   643  C CA  . ASP A 1 115 ? 12.262  3.675   -7.090  1.00 22.96 ? 89  ASP A CA  1 
ATOM   644  C C   . ASP A 1 115 ? 12.539  3.474   -8.568  1.00 28.90 ? 89  ASP A C   1 
ATOM   645  O O   . ASP A 1 115 ? 12.592  4.465   -9.307  1.00 38.60 ? 89  ASP A O   1 
ATOM   646  C CB  . ASP A 1 115 ? 13.417  4.472   -6.454  1.00 20.21 ? 89  ASP A CB  1 
ATOM   647  C CG  . ASP A 1 115 ? 14.756  3.756   -6.537  1.00 36.68 ? 89  ASP A CG  1 
ATOM   648  O OD1 . ASP A 1 115 ? 14.823  2.627   -7.072  1.00 39.62 ? 89  ASP A OD1 1 
ATOM   649  O OD2 . ASP A 1 115 ? 15.756  4.330   -6.055  1.00 45.34 ? 89  ASP A OD2 1 
ATOM   650  N N   . SER A 1 116 ? 12.705  2.231   -9.017  1.00 28.36 ? 90  SER A N   1 
ATOM   651  C CA  . SER A 1 116 ? 13.095  1.915   -10.389 1.00 32.69 ? 90  SER A CA  1 
ATOM   652  C C   . SER A 1 116 ? 12.008  1.047   -11.009 1.00 29.70 ? 90  SER A C   1 
ATOM   653  O O   . SER A 1 116 ? 11.839  -0.118  -10.630 1.00 34.16 ? 90  SER A O   1 
ATOM   654  N N   . ILE A 1 117 ? 11.286  1.608   -11.974 1.00 28.21 ? 91  ILE A N   1 
ATOM   655  C CA  . ILE A 1 117 ? 10.200  0.916   -12.647 1.00 25.39 ? 91  ILE A CA  1 
ATOM   656  C C   . ILE A 1 117 ? 10.381  1.069   -14.151 1.00 20.96 ? 91  ILE A C   1 
ATOM   657  O O   . ILE A 1 117 ? 11.142  1.913   -14.626 1.00 24.89 ? 91  ILE A O   1 
ATOM   658  C CB  . ILE A 1 117 ? 8.821   1.447   -12.207 1.00 23.17 ? 91  ILE A CB  1 
ATOM   659  C CG1 . ILE A 1 117 ? 8.803   2.979   -12.225 1.00 26.41 ? 91  ILE A CG1 1 
ATOM   660  C CG2 . ILE A 1 117 ? 8.474   0.935   -10.817 1.00 24.90 ? 91  ILE A CG2 1 
ATOM   661  C CD1 . ILE A 1 117 ? 8.216   3.580   -13.478 1.00 30.24 ? 91  ILE A CD1 1 
ATOM   662  N N   . GLN A 1 118 ? 9.672   0.229   -14.899 1.00 18.38 ? 92  GLN A N   1 
ATOM   663  C CA  . GLN A 1 118 ? 9.581   0.346   -16.346 1.00 18.36 ? 92  GLN A CA  1 
ATOM   664  C C   . GLN A 1 118 ? 8.123   0.446   -16.749 1.00 18.75 ? 92  GLN A C   1 
ATOM   665  O O   . GLN A 1 118 ? 7.234   -0.052  -16.054 1.00 18.45 ? 92  GLN A O   1 
ATOM   666  C CB  . GLN A 1 118 ? 10.221  -0.843  -17.055 1.00 18.99 ? 92  GLN A CB  1 
ATOM   667  C CG  . GLN A 1 118 ? 11.701  -0.921  -16.843 1.00 20.56 ? 92  GLN A CG  1 
ATOM   668  C CD  . GLN A 1 118 ? 12.286  -2.202  -17.384 1.00 26.27 ? 92  GLN A CD  1 
ATOM   669  O OE1 . GLN A 1 118 ? 12.330  -3.219  -16.693 1.00 28.57 ? 92  GLN A OE1 1 
ATOM   670  N NE2 . GLN A 1 118 ? 12.749  -2.159  -18.625 1.00 28.77 ? 92  GLN A NE2 1 
ATOM   671  N N   . GLY A 1 119 ? 7.888   1.080   -17.888 1.00 20.89 ? 93  GLY A N   1 
ATOM   672  C CA  . GLY A 1 119 ? 6.548   1.376   -18.333 1.00 19.70 ? 93  GLY A CA  1 
ATOM   673  C C   . GLY A 1 119 ? 6.086   2.738   -17.854 1.00 20.91 ? 93  GLY A C   1 
ATOM   674  O O   . GLY A 1 119 ? 6.758   3.441   -17.098 1.00 22.59 ? 93  GLY A O   1 
ATOM   675  N N   A THR A 1 120 ? 4.919   3.124   -18.343 0.45 19.26 ? 94  THR A N   1 
ATOM   676  N N   B THR A 1 120 ? 4.907   3.109   -18.317 0.55 19.24 ? 94  THR A N   1 
ATOM   677  C CA  A THR A 1 120 ? 4.267   4.314   -17.839 0.45 18.69 ? 94  THR A CA  1 
ATOM   678  C CA  B THR A 1 120 ? 4.182   4.315   -17.960 0.55 18.65 ? 94  THR A CA  1 
ATOM   679  C C   A THR A 1 120 ? 2.950   3.915   -17.193 0.45 15.96 ? 94  THR A C   1 
ATOM   680  C C   B THR A 1 120 ? 2.908   3.927   -17.224 0.55 15.94 ? 94  THR A C   1 
ATOM   681  O O   A THR A 1 120 ? 2.325   2.934   -17.607 0.45 18.66 ? 94  THR A O   1 
ATOM   682  O O   B THR A 1 120 ? 2.271   2.939   -17.604 0.55 18.68 ? 94  THR A O   1 
ATOM   683  C CB  A THR A 1 120 ? 4.014   5.343   -18.949 0.45 21.14 ? 94  THR A CB  1 
ATOM   684  C CB  B THR A 1 120 ? 3.826   5.122   -19.218 0.55 21.00 ? 94  THR A CB  1 
ATOM   685  O OG1 A THR A 1 120 ? 3.309   4.724   -20.032 0.45 19.20 ? 94  THR A OG1 1 
ATOM   686  O OG1 B THR A 1 120 ? 5.025   5.431   -19.942 0.55 27.59 ? 94  THR A OG1 1 
ATOM   687  C CG2 A THR A 1 120 ? 5.334   5.909   -19.454 0.45 25.39 ? 94  THR A CG2 1 
ATOM   688  C CG2 B THR A 1 120 ? 3.110   6.421   -18.869 0.55 18.23 ? 94  THR A CG2 1 
ATOM   689  N N   . PRO A 1 121 ? 2.522   4.632   -16.157 1.00 15.30 ? 95  PRO A N   1 
ATOM   690  C CA  . PRO A 1 121 ? 1.288   4.253   -15.456 1.00 15.90 ? 95  PRO A CA  1 
ATOM   691  C C   . PRO A 1 121 ? 0.089   4.247   -16.395 1.00 16.66 ? 95  PRO A C   1 
ATOM   692  O O   . PRO A 1 121 ? -0.060  5.113   -17.258 1.00 19.90 ? 95  PRO A O   1 
ATOM   693  C CB  . PRO A 1 121 ? 1.150   5.325   -14.365 1.00 18.21 ? 95  PRO A CB  1 
ATOM   694  C CG  . PRO A 1 121 ? 2.511   5.864   -14.172 1.00 17.90 ? 95  PRO A CG  1 
ATOM   695  C CD  . PRO A 1 121 ? 3.199   5.772   -15.508 1.00 18.47 ? 95  PRO A CD  1 
ATOM   696  N N   . VAL A 1 122 ? -0.758  3.239   -16.220 1.00 18.43 ? 96  VAL A N   1 
ATOM   697  C CA  . VAL A 1 122 ? -1.884  2.952   -17.105 1.00 16.76 ? 96  VAL A CA  1 
ATOM   698  C C   . VAL A 1 122 ? -3.167  3.159   -16.313 1.00 15.15 ? 96  VAL A C   1 
ATOM   699  O O   . VAL A 1 122 ? -3.335  2.554   -15.247 1.00 17.11 ? 96  VAL A O   1 
ATOM   700  C CB  . VAL A 1 122 ? -1.806  1.512   -17.631 1.00 19.26 ? 96  VAL A CB  1 
ATOM   701  C CG1 . VAL A 1 122 ? -3.062  1.155   -18.394 1.00 23.28 ? 96  VAL A CG1 1 
ATOM   702  C CG2 . VAL A 1 122 ? -0.566  1.321   -18.487 1.00 25.10 ? 96  VAL A CG2 1 
ATOM   703  N N   . GLU A 1 123 ? -4.069  4.010   -16.812 1.00 14.57 ? 97  GLU A N   1 
ATOM   704  C CA  . GLU A 1 123 ? -5.416  4.074   -16.249 1.00 14.99 ? 97  GLU A CA  1 
ATOM   705  C C   . GLU A 1 123 ? -6.278  2.987   -16.868 1.00 14.30 ? 97  GLU A C   1 
ATOM   706  O O   . GLU A 1 123 ? -6.298  2.805   -18.094 1.00 17.45 ? 97  GLU A O   1 
ATOM   707  C CB  . GLU A 1 123 ? -6.105  5.435   -16.451 1.00 18.17 ? 97  GLU A CB  1 
ATOM   708  C CG  . GLU A 1 123 ? -7.539  5.423   -15.854 1.00 18.08 ? 97  GLU A CG  1 
ATOM   709  C CD  . GLU A 1 123 ? -8.242  6.771   -15.836 1.00 21.18 ? 97  GLU A CD  1 
ATOM   710  O OE1 . GLU A 1 123 ? -7.704  7.713   -16.414 1.00 19.58 ? 97  GLU A OE1 1 
ATOM   711  O OE2 . GLU A 1 123 ? -9.327  6.879   -15.226 1.00 23.16 ? 97  GLU A OE2 1 
ATOM   712  N N   . SER A 1 124 ? -6.997  2.276   -16.013 1.00 13.86 ? 98  SER A N   1 
ATOM   713  C CA  . SER A 1 124 ? -7.881  1.198   -16.396 1.00 15.71 ? 98  SER A CA  1 
ATOM   714  C C   . SER A 1 124 ? -9.251  1.448   -15.792 1.00 16.66 ? 98  SER A C   1 
ATOM   715  O O   . SER A 1 124 ? -9.460  2.382   -15.010 1.00 17.48 ? 98  SER A O   1 
ATOM   716  C CB  . SER A 1 124 ? -7.331  -0.148  -15.921 1.00 15.29 ? 98  SER A CB  1 
ATOM   717  O OG  . SER A 1 124 ? -7.384  -0.210  -14.511 1.00 18.21 ? 98  SER A OG  1 
ATOM   718  N N   . ASP A 1 125 ? -10.186 0.568   -16.140 1.00 15.76 ? 99  ASP A N   1 
ATOM   719  C CA  . ASP A 1 125 ? -11.508 0.604   -15.533 1.00 21.04 ? 99  ASP A CA  1 
ATOM   720  C C   . ASP A 1 125 ? -11.440 0.480   -14.018 1.00 20.78 ? 99  ASP A C   1 
ATOM   721  O O   . ASP A 1 125 ? -12.364 0.911   -13.322 1.00 28.38 ? 99  ASP A O   1 
ATOM   722  C CB  . ASP A 1 125 ? -12.378 -0.523  -16.109 1.00 21.99 ? 99  ASP A CB  1 
ATOM   723  C CG  . ASP A 1 125 ? -11.874 -1.932  -15.727 1.00 25.56 ? 99  ASP A CG  1 
ATOM   724  O OD1 . ASP A 1 125 ? -10.652 -2.144  -15.526 1.00 23.69 ? 99  ASP A OD1 1 
ATOM   725  O OD2 . ASP A 1 125 ? -12.717 -2.851  -15.622 1.00 33.22 ? 99  ASP A OD2 1 
ATOM   726  N N   . GLU A 1 126 ? -10.378 -0.124  -13.486 1.00 17.38 ? 100 GLU A N   1 
ATOM   727  C CA  . GLU A 1 126 ? -10.308 -0.398  -12.057 1.00 19.70 ? 100 GLU A CA  1 
ATOM   728  C C   . GLU A 1 126 ? -9.479  0.615   -11.281 1.00 19.16 ? 100 GLU A C   1 
ATOM   729  O O   . GLU A 1 126 ? -9.661  0.729   -10.066 1.00 20.04 ? 100 GLU A O   1 
ATOM   730  C CB  . GLU A 1 126 ? -9.733  -1.796  -11.801 1.00 21.43 ? 100 GLU A CB  1 
ATOM   731  N N   . MET A 1 127 ? -8.592  1.354   -11.944 1.00 15.97 ? 101 MET A N   1 
ATOM   732  C CA  . MET A 1 127 ? -7.588  2.118   -11.216 1.00 14.41 ? 101 MET A CA  1 
ATOM   733  C C   . MET A 1 127 ? -7.127  3.318   -12.030 1.00 14.05 ? 101 MET A C   1 
ATOM   734  O O   . MET A 1 127 ? -6.821  3.185   -13.222 1.00 14.88 ? 101 MET A O   1 
ATOM   735  C CB  . MET A 1 127 ? -6.387  1.222   -10.892 1.00 16.89 ? 101 MET A CB  1 
ATOM   736  C CG  . MET A 1 127 ? -5.365  1.868   -9.960  1.00 17.61 ? 101 MET A CG  1 
ATOM   737  S SD  . MET A 1 127 ? -5.964  2.104   -8.287  1.00 18.00 ? 101 MET A SD  1 
ATOM   738  C CE  . MET A 1 127 ? -5.953  0.402   -7.731  1.00 19.26 ? 101 MET A CE  1 
ATOM   739  N N   . ARG A 1 128 ? -7.029  4.477   -11.373 1.00 12.16 ? 102 ARG A N   1 
ATOM   740  C CA  . ARG A 1 128 ? -6.492  5.692   -11.983 1.00 14.10 ? 102 ARG A CA  1 
ATOM   741  C C   . ARG A 1 128 ? -5.201  6.090   -11.268 1.00 13.14 ? 102 ARG A C   1 
ATOM   742  O O   . ARG A 1 128 ? -5.257  6.664   -10.171 1.00 12.49 ? 102 ARG A O   1 
ATOM   743  C CB  . ARG A 1 128 ? -7.523  6.822   -11.903 1.00 14.06 ? 102 ARG A CB  1 
ATOM   744  C CG  . ARG A 1 128 ? -7.073  8.154   -12.510 1.00 15.36 ? 102 ARG A CG  1 
ATOM   745  C CD  . ARG A 1 128 ? -8.236  9.137   -12.647 1.00 18.26 ? 102 ARG A CD  1 
ATOM   746  N NE  . ARG A 1 128 ? -8.944  9.417   -11.396 1.00 21.73 ? 102 ARG A NE  1 
ATOM   747  C CZ  . ARG A 1 128 ? -8.732  10.487  -10.634 1.00 22.14 ? 102 ARG A CZ  1 
ATOM   748  N NH1 . ARG A 1 128 ? -7.820  11.383  -10.985 1.00 20.08 ? 102 ARG A NH1 1 
ATOM   749  N NH2 . ARG A 1 128 ? -9.429  10.662  -9.521  1.00 25.25 ? 102 ARG A NH2 1 
ATOM   750  N N   . PRO A 1 129 ? -4.025  5.778   -11.813 1.00 12.40 ? 103 PRO A N   1 
ATOM   751  C CA  . PRO A 1 129 ? -2.773  6.231   -11.189 1.00 13.24 ? 103 PRO A CA  1 
ATOM   752  C C   . PRO A 1 129 ? -2.479  7.702   -11.431 1.00 14.18 ? 103 PRO A C   1 
ATOM   753  O O   . PRO A 1 129 ? -2.830  8.276   -12.464 1.00 17.12 ? 103 PRO A O   1 
ATOM   754  C CB  . PRO A 1 129 ? -1.696  5.366   -11.857 1.00 13.55 ? 103 PRO A CB  1 
ATOM   755  C CG  . PRO A 1 129 ? -2.423  4.295   -12.625 1.00 20.48 ? 103 PRO A CG  1 
ATOM   756  C CD  . PRO A 1 129 ? -3.791  4.834   -12.926 1.00 14.18 ? 103 PRO A CD  1 
ATOM   757  N N   A CYS A 1 130 ? -1.806  8.307   -10.452 0.71 11.43 ? 104 CYS A N   1 
ATOM   758  N N   B CYS A 1 130 ? -1.816  8.309   -10.444 0.29 11.50 ? 104 CYS A N   1 
ATOM   759  C CA  A CYS A 1 130 ? -1.359  9.687   -10.559 0.71 11.89 ? 104 CYS A CA  1 
ATOM   760  C CA  B CYS A 1 130 ? -1.371  9.695   -10.522 0.29 11.96 ? 104 CYS A CA  1 
ATOM   761  C C   A CYS A 1 130 ? -0.115  9.881   -9.706  0.71 12.66 ? 104 CYS A C   1 
ATOM   762  C C   B CYS A 1 130 ? -0.098  9.861   -9.705  0.29 12.65 ? 104 CYS A C   1 
ATOM   763  O O   A CYS A 1 130 ? -0.033  9.349   -8.594  0.71 11.44 ? 104 CYS A O   1 
ATOM   764  O O   B CYS A 1 130 ? 0.030   9.285   -8.620  0.29 11.55 ? 104 CYS A O   1 
ATOM   765  C CB  A CYS A 1 130 ? -2.449  10.659  -10.106 0.71 13.01 ? 104 CYS A CB  1 
ATOM   766  C CB  B CYS A 1 130 ? -2.438  10.665  -10.002 0.29 13.04 ? 104 CYS A CB  1 
ATOM   767  S SG  A CYS A 1 130 ? -2.158  12.354  -10.601 0.71 20.83 ? 104 CYS A SG  1 
ATOM   768  S SG  B CYS A 1 130 ? -3.844  10.921  -11.101 0.29 16.30 ? 104 CYS A SG  1 
ATOM   769  N N   . TRP A 1 131 ? 0.832   10.658  -10.224 1.00 11.27 ? 105 TRP A N   1 
ATOM   770  C CA  . TRP A 1 131 ? 2.019   11.040  -9.472  1.00 13.43 ? 105 TRP A CA  1 
ATOM   771  C C   . TRP A 1 131 ? 1.690   12.201  -8.542  1.00 14.71 ? 105 TRP A C   1 
ATOM   772  O O   . TRP A 1 131 ? 0.936   13.113  -8.907  1.00 17.48 ? 105 TRP A O   1 
ATOM   773  C CB  . TRP A 1 131 ? 3.138   11.465  -10.417 1.00 12.59 ? 105 TRP A CB  1 
ATOM   774  C CG  . TRP A 1 131 ? 3.756   10.369  -11.201 1.00 13.71 ? 105 TRP A CG  1 
ATOM   775  C CD1 . TRP A 1 131 ? 3.584   10.113  -12.530 1.00 15.12 ? 105 TRP A CD1 1 
ATOM   776  C CD2 . TRP A 1 131 ? 4.684   9.389   -10.720 1.00 12.38 ? 105 TRP A CD2 1 
ATOM   777  N NE1 . TRP A 1 131 ? 4.339   9.041   -12.903 1.00 15.71 ? 105 TRP A NE1 1 
ATOM   778  C CE2 . TRP A 1 131 ? 5.020   8.568   -11.810 1.00 13.99 ? 105 TRP A CE2 1 
ATOM   779  C CE3 . TRP A 1 131 ? 5.249   9.118   -9.465  1.00 13.08 ? 105 TRP A CE3 1 
ATOM   780  C CZ2 . TRP A 1 131 ? 5.910   7.498   -11.696 1.00 15.40 ? 105 TRP A CZ2 1 
ATOM   781  C CZ3 . TRP A 1 131 ? 6.140   8.062   -9.355  1.00 14.42 ? 105 TRP A CZ3 1 
ATOM   782  C CH2 . TRP A 1 131 ? 6.458   7.262   -10.465 1.00 15.63 ? 105 TRP A CH2 1 
ATOM   783  N N   . PHE A 1 132 ? 2.274   12.175  -7.342  1.00 14.18 ? 106 PHE A N   1 
ATOM   784  C CA  . PHE A 1 132 ? 2.122   13.250  -6.365  1.00 13.95 ? 106 PHE A CA  1 
ATOM   785  C C   . PHE A 1 132 ? 3.484   13.732  -5.891  1.00 15.28 ? 106 PHE A C   1 
ATOM   786  O O   . PHE A 1 132 ? 4.341   12.924  -5.527  1.00 15.82 ? 106 PHE A O   1 
ATOM   787  C CB  . PHE A 1 132 ? 1.302   12.798  -5.154  1.00 14.89 ? 106 PHE A CB  1 
ATOM   788  C CG  . PHE A 1 132 ? -0.134  12.512  -5.471  1.00 13.55 ? 106 PHE A CG  1 
ATOM   789  C CD1 . PHE A 1 132 ? -0.511  11.258  -5.944  1.00 13.74 ? 106 PHE A CD1 1 
ATOM   790  C CD2 . PHE A 1 132 ? -1.103  13.492  -5.327  1.00 15.73 ? 106 PHE A CD2 1 
ATOM   791  C CE1 . PHE A 1 132 ? -1.829  10.986  -6.252  1.00 14.46 ? 106 PHE A CE1 1 
ATOM   792  C CE2 . PHE A 1 132 ? -2.425  13.221  -5.616  1.00 14.46 ? 106 PHE A CE2 1 
ATOM   793  C CZ  . PHE A 1 132 ? -2.789  11.968  -6.090  1.00 16.58 ? 106 PHE A CZ  1 
ATOM   794  N N   . GLN A 1 133 ? 3.680   15.049  -5.901  1.00 17.16 ? 107 GLN A N   1 
ATOM   795  C CA  . GLN A 1 133 ? 4.828   15.607  -5.202  1.00 19.25 ? 107 GLN A CA  1 
ATOM   796  C C   . GLN A 1 133 ? 4.726   15.276  -3.720  1.00 15.45 ? 107 GLN A C   1 
ATOM   797  O O   . GLN A 1 133 ? 3.634   15.184  -3.161  1.00 16.38 ? 107 GLN A O   1 
ATOM   798  C CB  . GLN A 1 133 ? 4.891   17.123  -5.390  1.00 21.02 ? 107 GLN A CB  1 
ATOM   799  C CG  . GLN A 1 133 ? 4.988   17.556  -6.832  1.00 27.24 ? 107 GLN A CG  1 
ATOM   800  C CD  . GLN A 1 133 ? 6.293   17.140  -7.466  1.00 32.65 ? 107 GLN A CD  1 
ATOM   801  O OE1 . GLN A 1 133 ? 6.326   16.270  -8.340  1.00 31.35 ? 107 GLN A OE1 1 
ATOM   802  N NE2 . GLN A 1 133 ? 7.384   17.759  -7.025  1.00 35.05 ? 107 GLN A NE2 1 
ATOM   803  N N   . LEU A 1 134 ? 5.881   15.131  -3.072  1.00 17.59 ? 108 LEU A N   1 
ATOM   804  C CA  . LEU A 1 134 ? 5.873   14.625  -1.701  1.00 16.63 ? 108 LEU A CA  1 
ATOM   805  C C   . LEU A 1 134 ? 5.212   15.600  -0.736  1.00 21.62 ? 108 LEU A C   1 
ATOM   806  O O   . LEU A 1 134 ? 4.633   15.174  0.270   1.00 27.44 ? 108 LEU A O   1 
ATOM   807  C CB  . LEU A 1 134 ? 7.294   14.292  -1.257  1.00 21.60 ? 108 LEU A CB  1 
ATOM   808  C CG  . LEU A 1 134 ? 7.985   13.219  -2.095  1.00 20.95 ? 108 LEU A CG  1 
ATOM   809  C CD1 . LEU A 1 134 ? 9.342   12.878  -1.497  1.00 26.44 ? 108 LEU A CD1 1 
ATOM   810  C CD2 . LEU A 1 134 ? 7.123   11.972  -2.219  1.00 20.62 ? 108 LEU A CD2 1 
ATOM   811  N N   . ASP A 1 135 ? 5.245   16.897  -1.041  1.00 25.52 ? 109 ASP A N   1 
ATOM   812  C CA  . ASP A 1 135 ? 4.563   17.885  -0.217  1.00 32.88 ? 109 ASP A CA  1 
ATOM   813  C C   . ASP A 1 135 ? 3.075   17.979  -0.521  1.00 31.85 ? 109 ASP A C   1 
ATOM   814  O O   . ASP A 1 135 ? 2.375   18.772  0.120   1.00 30.60 ? 109 ASP A O   1 
ATOM   815  C CB  . ASP A 1 135 ? 5.214   19.265  -0.389  1.00 36.74 ? 109 ASP A CB  1 
ATOM   816  C CG  . ASP A 1 135 ? 5.153   19.776  -1.820  1.00 44.04 ? 109 ASP A CG  1 
ATOM   817  O OD1 . ASP A 1 135 ? 5.150   18.952  -2.756  1.00 40.83 ? 109 ASP A OD1 1 
ATOM   818  O OD2 . ASP A 1 135 ? 5.112   21.011  -2.010  1.00 53.12 ? 109 ASP A OD2 1 
ATOM   819  N N   . GLN A 1 136 ? 2.570   17.188  -1.470  1.00 19.74 ? 110 GLN A N   1 
ATOM   820  C CA  . GLN A 1 136 ? 1.173   17.274  -1.875  1.00 21.59 ? 110 GLN A CA  1 
ATOM   821  C C   . GLN A 1 136 ? 0.475   15.921  -1.778  1.00 17.33 ? 110 GLN A C   1 
ATOM   822  O O   . GLN A 1 136 ? -0.511  15.673  -2.474  1.00 20.20 ? 110 GLN A O   1 
ATOM   823  C CB  . GLN A 1 136 ? 1.064   17.834  -3.292  1.00 23.28 ? 110 GLN A CB  1 
ATOM   824  C CG  . GLN A 1 136 ? 1.609   19.252  -3.433  1.00 29.99 ? 110 GLN A CG  1 
ATOM   825  C CD  . GLN A 1 136 ? 1.359   19.829  -4.810  1.00 41.89 ? 110 GLN A CD  1 
ATOM   826  O OE1 . GLN A 1 136 ? 1.987   19.424  -5.793  1.00 37.51 ? 110 GLN A OE1 1 
ATOM   827  N NE2 . GLN A 1 136 ? 0.433   20.779  -4.892  1.00 49.25 ? 110 GLN A NE2 1 
ATOM   828  N N   . ILE A 1 137 ? 0.957   15.048  -0.901  1.00 18.08 ? 111 ILE A N   1 
ATOM   829  C CA  . ILE A 1 137 ? 0.325   13.729  -0.764  1.00 16.39 ? 111 ILE A CA  1 
ATOM   830  C C   . ILE A 1 137 ? -1.084  13.901  -0.208  1.00 15.14 ? 111 ILE A C   1 
ATOM   831  O O   . ILE A 1 137 ? -1.269  14.604  0.806   1.00 19.10 ? 111 ILE A O   1 
ATOM   832  C CB  . ILE A 1 137 ? 1.185   12.827  0.132   1.00 15.89 ? 111 ILE A CB  1 
ATOM   833  C CG1 . ILE A 1 137 ? 2.499   12.531  -0.593  1.00 18.54 ? 111 ILE A CG1 1 
ATOM   834  C CG2 . ILE A 1 137 ? 0.450   11.538  0.487   1.00 15.88 ? 111 ILE A CG2 1 
ATOM   835  C CD1 . ILE A 1 137 ? 3.515   11.768  0.219   1.00 20.28 ? 111 ILE A CD1 1 
ATOM   836  N N   . PRO A 1 138 ? -2.110  13.318  -0.831  1.00 16.02 ? 112 PRO A N   1 
ATOM   837  C CA  . PRO A 1 138 ? -3.523  13.649  -0.529  1.00 18.33 ? 112 PRO A CA  1 
ATOM   838  C C   . PRO A 1 138 ? -4.095  12.864  0.647   1.00 15.74 ? 112 PRO A C   1 
ATOM   839  O O   . PRO A 1 138 ? -5.026  12.061  0.501   1.00 19.80 ? 112 PRO A O   1 
ATOM   840  C CB  . PRO A 1 138 ? -4.218  13.295  -1.847  1.00 18.58 ? 112 PRO A CB  1 
ATOM   841  C CG  . PRO A 1 138 ? -3.437  12.122  -2.342  1.00 17.94 ? 112 PRO A CG  1 
ATOM   842  C CD  . PRO A 1 138 ? -1.996  12.423  -1.999  1.00 14.12 ? 112 PRO A CD  1 
ATOM   843  N N   . PHE A 1 139 ? -3.556  13.115  1.844   1.00 17.07 ? 113 PHE A N   1 
ATOM   844  C CA  . PHE A 1 139 ? -3.899  12.288  3.001   1.00 17.54 ? 113 PHE A CA  1 
ATOM   845  C C   . PHE A 1 139 ? -5.393  12.311  3.319   1.00 17.31 ? 113 PHE A C   1 
ATOM   846  O O   . PHE A 1 139 ? -5.951  11.292  3.745   1.00 18.76 ? 113 PHE A O   1 
ATOM   847  C CB  . PHE A 1 139 ? -3.079  12.723  4.216   1.00 16.31 ? 113 PHE A CB  1 
ATOM   848  C CG  . PHE A 1 139 ? -1.645  12.291  4.145   1.00 16.71 ? 113 PHE A CG  1 
ATOM   849  C CD1 . PHE A 1 139 ? -1.304  10.941  4.187   1.00 17.16 ? 113 PHE A CD1 1 
ATOM   850  C CD2 . PHE A 1 139 ? -0.632  13.233  4.031   1.00 18.54 ? 113 PHE A CD2 1 
ATOM   851  C CE1 . PHE A 1 139 ? 0.032   10.546  4.110   1.00 19.72 ? 113 PHE A CE1 1 
ATOM   852  C CE2 . PHE A 1 139 ? 0.701   12.854  3.953   1.00 20.34 ? 113 PHE A CE2 1 
ATOM   853  C CZ  . PHE A 1 139 ? 1.034   11.499  3.992   1.00 16.98 ? 113 PHE A CZ  1 
ATOM   854  N N   . LYS A 1 140 ? -6.062  13.449  3.113   1.00 20.86 ? 114 LYS A N   1 
ATOM   855  C CA  . LYS A 1 140 ? -7.494  13.514  3.375   1.00 24.11 ? 114 LYS A CA  1 
ATOM   856  C C   . LYS A 1 140 ? -8.297  12.576  2.480   1.00 22.83 ? 114 LYS A C   1 
ATOM   857  O O   . LYS A 1 140 ? -9.407  12.180  2.853   1.00 23.89 ? 114 LYS A O   1 
ATOM   858  C CB  . LYS A 1 140 ? -7.995  14.953  3.206   1.00 28.48 ? 114 LYS A CB  1 
ATOM   859  N N   . ASP A 1 141 ? -7.764  12.199  1.317   1.00 20.64 ? 115 ASP A N   1 
ATOM   860  C CA  . ASP A 1 141 ? -8.427  11.270  0.410   1.00 19.65 ? 115 ASP A CA  1 
ATOM   861  C C   . ASP A 1 141 ? -7.705  9.928   0.359   1.00 17.50 ? 115 ASP A C   1 
ATOM   862  O O   . ASP A 1 141 ? -7.770  9.210   -0.641  1.00 17.47 ? 115 ASP A O   1 
ATOM   863  C CB  . ASP A 1 141 ? -8.537  11.872  -0.992  1.00 19.27 ? 115 ASP A CB  1 
ATOM   864  C CG  . ASP A 1 141 ? -9.470  13.065  -1.042  1.00 35.72 ? 115 ASP A CG  1 
ATOM   865  O OD1 . ASP A 1 141 ? -10.482 13.055  -0.311  1.00 43.10 ? 115 ASP A OD1 1 
ATOM   866  O OD2 . ASP A 1 141 ? -9.189  14.011  -1.807  1.00 32.87 ? 115 ASP A OD2 1 
ATOM   867  N N   . MET A 1 142 ? -7.028  9.573   1.443   1.00 15.68 ? 116 MET A N   1 
ATOM   868  C CA  . MET A 1 142 ? -6.372  8.285   1.588   1.00 17.09 ? 116 MET A CA  1 
ATOM   869  C C   . MET A 1 142 ? -6.948  7.565   2.803   1.00 19.13 ? 116 MET A C   1 
ATOM   870  O O   . MET A 1 142 ? -7.680  8.143   3.608   1.00 20.88 ? 116 MET A O   1 
ATOM   871  C CB  . MET A 1 142 ? -4.853  8.452   1.730   1.00 16.22 ? 116 MET A CB  1 
ATOM   872  C CG  . MET A 1 142 ? -4.183  8.972   0.451   1.00 15.39 ? 116 MET A CG  1 
ATOM   873  S SD  . MET A 1 142 ? -2.578  9.737   0.658   1.00 14.70 ? 116 MET A SD  1 
ATOM   874  C CE  . MET A 1 142 ? -1.567  8.258   0.789   1.00 14.59 ? 116 MET A CE  1 
ATOM   875  N N   . TRP A 1 143 ? -6.622  6.286   2.926   1.00 14.59 ? 117 TRP A N   1 
ATOM   876  C CA  . TRP A 1 143 ? -6.984  5.566   4.135   1.00 16.77 ? 117 TRP A CA  1 
ATOM   877  C C   . TRP A 1 143 ? -6.328  6.248   5.333   1.00 14.88 ? 117 TRP A C   1 
ATOM   878  O O   . TRP A 1 143 ? -5.173  6.681   5.244   1.00 14.07 ? 117 TRP A O   1 
ATOM   879  C CB  . TRP A 1 143 ? -6.539  4.110   4.048   1.00 16.80 ? 117 TRP A CB  1 
ATOM   880  C CG  . TRP A 1 143 ? -7.413  3.265   3.200   1.00 20.78 ? 117 TRP A CG  1 
ATOM   881  C CD1 . TRP A 1 143 ? -7.366  3.134   1.840   1.00 23.71 ? 117 TRP A CD1 1 
ATOM   882  C CD2 . TRP A 1 143 ? -8.469  2.416   3.653   1.00 28.68 ? 117 TRP A CD2 1 
ATOM   883  N NE1 . TRP A 1 143 ? -8.338  2.255   1.420   1.00 30.87 ? 117 TRP A NE1 1 
ATOM   884  C CE2 . TRP A 1 143 ? -9.028  1.800   2.514   1.00 29.49 ? 117 TRP A CE2 1 
ATOM   885  C CE3 . TRP A 1 143 ? -8.999  2.114   4.913   1.00 23.82 ? 117 TRP A CE3 1 
ATOM   886  C CZ2 . TRP A 1 143 ? -10.095 0.906   2.595   1.00 39.31 ? 117 TRP A CZ2 1 
ATOM   887  C CZ3 . TRP A 1 143 ? -10.058 1.227   4.991   1.00 28.21 ? 117 TRP A CZ3 1 
ATOM   888  C CH2 . TRP A 1 143 ? -10.594 0.633   3.842   1.00 30.79 ? 117 TRP A CH2 1 
ATOM   889  N N   . PRO A 1 144 ? -7.024  6.359   6.467   1.00 13.04 ? 118 PRO A N   1 
ATOM   890  C CA  . PRO A 1 144 ? -6.495  7.181   7.566   1.00 14.60 ? 118 PRO A CA  1 
ATOM   891  C C   . PRO A 1 144 ? -5.215  6.641   8.181   1.00 15.71 ? 118 PRO A C   1 
ATOM   892  O O   . PRO A 1 144 ? -4.458  7.422   8.766   1.00 16.88 ? 118 PRO A O   1 
ATOM   893  C CB  . PRO A 1 144 ? -7.641  7.192   8.592   1.00 18.93 ? 118 PRO A CB  1 
ATOM   894  C CG  . PRO A 1 144 ? -8.509  6.075   8.227   1.00 18.86 ? 118 PRO A CG  1 
ATOM   895  C CD  . PRO A 1 144 ? -8.383  5.868   6.739   1.00 17.88 ? 118 PRO A CD  1 
ATOM   896  N N   . ASP A 1 145 ? -4.930  5.347   8.046   1.00 12.48 ? 119 ASP A N   1 
ATOM   897  C CA  . ASP A 1 145 ? -3.691  4.812   8.601   1.00 11.89 ? 119 ASP A CA  1 
ATOM   898  C C   . ASP A 1 145 ? -2.469  5.353   7.876   1.00 11.58 ? 119 ASP A C   1 
ATOM   899  O O   . ASP A 1 145 ? -1.375  5.386   8.453   1.00 11.25 ? 119 ASP A O   1 
ATOM   900  C CB  . ASP A 1 145 ? -3.695  3.287   8.533   1.00 10.95 ? 119 ASP A CB  1 
ATOM   901  C CG  . ASP A 1 145 ? -3.893  2.768   7.130   1.00 13.53 ? 119 ASP A CG  1 
ATOM   902  O OD1 . ASP A 1 145 ? -4.982  2.997   6.577   1.00 15.07 ? 119 ASP A OD1 1 
ATOM   903  O OD2 . ASP A 1 145 ? -2.966  2.142   6.586   1.00 13.56 ? 119 ASP A OD2 1 
ATOM   904  N N   . ASP A 1 146 ? -2.634  5.759   6.616   1.00 11.29 ? 120 ASP A N   1 
ATOM   905  C CA  . ASP A 1 146 ? -1.488  6.194   5.827   1.00 10.60 ? 120 ASP A CA  1 
ATOM   906  C C   . ASP A 1 146 ? -0.816  7.411   6.436   1.00 12.10 ? 120 ASP A C   1 
ATOM   907  O O   . ASP A 1 146 ? 0.402   7.555   6.330   1.00 12.82 ? 120 ASP A O   1 
ATOM   908  C CB  . ASP A 1 146 ? -1.910  6.500   4.389   1.00 10.55 ? 120 ASP A CB  1 
ATOM   909  C CG  . ASP A 1 146 ? -2.268  5.261   3.608   1.00 15.83 ? 120 ASP A CG  1 
ATOM   910  O OD1 . ASP A 1 146 ? -2.715  4.266   4.206   1.00 15.39 ? 120 ASP A OD1 1 
ATOM   911  O OD2 . ASP A 1 146 ? -2.125  5.287   2.375   1.00 15.89 ? 120 ASP A OD2 1 
ATOM   912  N N   . SER A 1 147 ? -1.582  8.293   7.081   1.00 13.04 ? 121 SER A N   1 
ATOM   913  C CA  . SER A 1 147 ? -0.971  9.465   7.704   1.00 12.69 ? 121 SER A CA  1 
ATOM   914  C C   . SER A 1 147 ? 0.025   9.079   8.786   1.00 13.45 ? 121 SER A C   1 
ATOM   915  O O   . SER A 1 147 ? 0.935   9.861   9.079   1.00 15.27 ? 121 SER A O   1 
ATOM   916  C CB  . SER A 1 147 ? -2.053  10.372  8.299   1.00 19.09 ? 121 SER A CB  1 
ATOM   917  O OG  . SER A 1 147 ? -2.859  10.921  7.278   1.00 23.95 ? 121 SER A OG  1 
ATOM   918  N N   . TYR A 1 148 ? -0.125  7.891   9.374   1.00 13.01 ? 122 TYR A N   1 
ATOM   919  C CA  . TYR A 1 148 ? 0.767   7.447   10.439  1.00 12.42 ? 122 TYR A CA  1 
ATOM   920  C C   . TYR A 1 148 ? 2.076   6.888   9.895   1.00 11.93 ? 122 TYR A C   1 
ATOM   921  O O   . TYR A 1 148 ? 3.153   7.214   10.404  1.00 15.01 ? 122 TYR A O   1 
ATOM   922  C CB  . TYR A 1 148 ? 0.070   6.388   11.303  1.00 14.29 ? 122 TYR A CB  1 
ATOM   923  C CG  . TYR A 1 148 ? -1.053  6.936   12.148  1.00 18.65 ? 122 TYR A CG  1 
ATOM   924  C CD1 . TYR A 1 148 ? -2.346  7.004   11.663  1.00 20.98 ? 122 TYR A CD1 1 
ATOM   925  C CD2 . TYR A 1 148 ? -0.807  7.387   13.437  1.00 28.74 ? 122 TYR A CD2 1 
ATOM   926  C CE1 . TYR A 1 148 ? -3.379  7.507   12.445  1.00 28.25 ? 122 TYR A CE1 1 
ATOM   927  C CE2 . TYR A 1 148 ? -1.823  7.890   14.219  1.00 32.21 ? 122 TYR A CE2 1 
ATOM   928  C CZ  . TYR A 1 148 ? -3.103  7.946   13.718  1.00 29.96 ? 122 TYR A CZ  1 
ATOM   929  O OH  . TYR A 1 148 ? -4.101  8.454   14.516  1.00 39.91 ? 122 TYR A OH  1 
ATOM   930  N N   . TRP A 1 149 ? 2.014   6.010   8.889   1.00 11.46 ? 123 TRP A N   1 
ATOM   931  C CA  . TRP A 1 149 ? 3.224   5.323   8.448   1.00 11.81 ? 123 TRP A CA  1 
ATOM   932  C C   . TRP A 1 149 ? 3.858   5.910   7.190   1.00 14.37 ? 123 TRP A C   1 
ATOM   933  O O   . TRP A 1 149 ? 5.041   5.661   6.950   1.00 13.77 ? 123 TRP A O   1 
ATOM   934  C CB  . TRP A 1 149 ? 2.956   3.818   8.248   1.00 12.03 ? 123 TRP A CB  1 
ATOM   935  C CG  . TRP A 1 149 ? 1.846   3.464   7.271   1.00 12.95 ? 123 TRP A CG  1 
ATOM   936  C CD1 . TRP A 1 149 ? 0.552   3.170   7.581   1.00 11.48 ? 123 TRP A CD1 1 
ATOM   937  C CD2 . TRP A 1 149 ? 1.961   3.335   5.851   1.00 11.16 ? 123 TRP A CD2 1 
ATOM   938  N NE1 . TRP A 1 149 ? -0.156  2.875   6.440   1.00 11.48 ? 123 TRP A NE1 1 
ATOM   939  C CE2 . TRP A 1 149 ? 0.686   2.968   5.362   1.00 11.43 ? 123 TRP A CE2 1 
ATOM   940  C CE3 . TRP A 1 149 ? 3.014   3.497   4.945   1.00 12.27 ? 123 TRP A CE3 1 
ATOM   941  C CZ2 . TRP A 1 149 ? 0.432   2.771   4.001   1.00 12.52 ? 123 TRP A CZ2 1 
ATOM   942  C CZ3 . TRP A 1 149 ? 2.764   3.289   3.590   1.00 12.77 ? 123 TRP A CZ3 1 
ATOM   943  C CH2 . TRP A 1 149 ? 1.483   2.936   3.132   1.00 12.35 ? 123 TRP A CH2 1 
ATOM   944  N N   . PHE A 1 150 ? 3.142   6.699   6.391   1.00 14.82 ? 124 PHE A N   1 
ATOM   945  C CA  . PHE A 1 150 ? 3.819   7.371   5.282   1.00 15.45 ? 124 PHE A CA  1 
ATOM   946  C C   . PHE A 1 150 ? 5.010   8.211   5.713   1.00 14.56 ? 124 PHE A C   1 
ATOM   947  O O   . PHE A 1 150 ? 6.041   8.165   5.018   1.00 17.73 ? 124 PHE A O   1 
ATOM   948  C CB  . PHE A 1 150 ? 2.844   8.268   4.509   1.00 17.28 ? 124 PHE A CB  1 
ATOM   949  C CG  . PHE A 1 150 ? 2.493   7.741   3.170   1.00 15.13 ? 124 PHE A CG  1 
ATOM   950  C CD1 . PHE A 1 150 ? 1.637   6.667   3.046   1.00 23.12 ? 124 PHE A CD1 1 
ATOM   951  C CD2 . PHE A 1 150 ? 3.021   8.314   2.033   1.00 19.85 ? 124 PHE A CD2 1 
ATOM   952  C CE1 . PHE A 1 150 ? 1.305   6.171   1.811   1.00 25.10 ? 124 PHE A CE1 1 
ATOM   953  C CE2 . PHE A 1 150 ? 2.693   7.820   0.782   1.00 22.50 ? 124 PHE A CE2 1 
ATOM   954  C CZ  . PHE A 1 150 ? 1.836   6.743   0.678   1.00 22.24 ? 124 PHE A CZ  1 
ATOM   955  N N   . PRO A 1 151 ? 4.947   8.997   6.790   1.00 15.37 ? 125 PRO A N   1 
ATOM   956  C CA  . PRO A 1 151 ? 6.148   9.733   7.220   1.00 15.86 ? 125 PRO A CA  1 
ATOM   957  C C   . PRO A 1 151 ? 7.345   8.835   7.430   1.00 13.95 ? 125 PRO A C   1 
ATOM   958  O O   . PRO A 1 151 ? 8.480   9.235   7.125   1.00 16.28 ? 125 PRO A O   1 
ATOM   959  C CB  . PRO A 1 151 ? 5.702   10.404  8.523   1.00 18.80 ? 125 PRO A CB  1 
ATOM   960  C CG  . PRO A 1 151 ? 4.221   10.537  8.370   1.00 19.01 ? 125 PRO A CG  1 
ATOM   961  C CD  . PRO A 1 151 ? 3.757   9.377   7.577   1.00 17.71 ? 125 PRO A CD  1 
ATOM   962  N N   . LEU A 1 152 ? 7.122   7.600   7.886   1.00 13.63 ? 126 LEU A N   1 
ATOM   963  C CA  . LEU A 1 152 ? 8.236   6.669   8.050   1.00 12.29 ? 126 LEU A CA  1 
ATOM   964  C C   . LEU A 1 152 ? 8.757   6.201   6.701   1.00 12.41 ? 126 LEU A C   1 
ATOM   965  O O   . LEU A 1 152 ? 9.970   6.194   6.458   1.00 13.71 ? 126 LEU A O   1 
ATOM   966  C CB  . LEU A 1 152 ? 7.797   5.481   8.910   1.00 13.23 ? 126 LEU A CB  1 
ATOM   967  C CG  . LEU A 1 152 ? 7.229   5.840   10.281  1.00 16.95 ? 126 LEU A CG  1 
ATOM   968  C CD1 . LEU A 1 152 ? 6.768   4.590   11.039  1.00 15.89 ? 126 LEU A CD1 1 
ATOM   969  C CD2 . LEU A 1 152 ? 8.269   6.595   11.086  1.00 22.06 ? 126 LEU A CD2 1 
ATOM   970  N N   . LEU A 1 153 ? 7.846   5.790   5.816   1.00 12.81 ? 127 LEU A N   1 
ATOM   971  C CA  . LEU A 1 153 ? 8.209   5.437   4.448   1.00 13.70 ? 127 LEU A CA  1 
ATOM   972  C C   . LEU A 1 153 ? 9.061   6.523   3.794   1.00 12.59 ? 127 LEU A C   1 
ATOM   973  O O   . LEU A 1 153 ? 10.096  6.233   3.180   1.00 15.20 ? 127 LEU A O   1 
ATOM   974  C CB  . LEU A 1 153 ? 6.931   5.189   3.644   1.00 15.69 ? 127 LEU A CB  1 
ATOM   975  C CG  . LEU A 1 153 ? 7.036   5.037   2.129   1.00 20.03 ? 127 LEU A CG  1 
ATOM   976  C CD1 . LEU A 1 153 ? 7.245   3.576   1.834   1.00 21.56 ? 127 LEU A CD1 1 
ATOM   977  C CD2 . LEU A 1 153 ? 5.786   5.569   1.420   1.00 22.42 ? 127 LEU A CD2 1 
ATOM   978  N N   . LEU A 1 154 ? 8.644   7.785   3.935   1.00 13.59 ? 128 LEU A N   1 
ATOM   979  C CA  . LEU A 1 154 ? 9.317   8.882   3.242   1.00 12.61 ? 128 LEU A CA  1 
ATOM   980  C C   . LEU A 1 154 ? 10.730  9.098   3.761   1.00 16.29 ? 128 LEU A C   1 
ATOM   981  O O   . LEU A 1 154 ? 11.599  9.566   3.016   1.00 20.04 ? 128 LEU A O   1 
ATOM   982  C CB  . LEU A 1 154 ? 8.508   10.172  3.382   1.00 14.50 ? 128 LEU A CB  1 
ATOM   983  C CG  . LEU A 1 154 ? 7.117   10.199  2.717   1.00 17.55 ? 128 LEU A CG  1 
ATOM   984  C CD1 . LEU A 1 154 ? 6.476   11.553  2.884   1.00 23.82 ? 128 LEU A CD1 1 
ATOM   985  C CD2 . LEU A 1 154 ? 7.184   9.827   1.249   1.00 20.39 ? 128 LEU A CD2 1 
ATOM   986  N N   . GLN A 1 155 ? 10.982  8.778   5.030   1.00 14.36 ? 129 GLN A N   1 
ATOM   987  C CA  . GLN A 1 155 ? 12.309  8.907   5.609   1.00 14.09 ? 129 GLN A CA  1 
ATOM   988  C C   . GLN A 1 155 ? 13.063  7.583   5.605   1.00 16.85 ? 129 GLN A C   1 
ATOM   989  O O   . GLN A 1 155 ? 14.058  7.438   6.323   1.00 18.55 ? 129 GLN A O   1 
ATOM   990  C CB  . GLN A 1 155 ? 12.210  9.510   7.017   1.00 13.38 ? 129 GLN A CB  1 
ATOM   991  C CG  . GLN A 1 155 ? 11.849  11.010  6.969   1.00 15.99 ? 129 GLN A CG  1 
ATOM   992  C CD  . GLN A 1 155 ? 11.850  11.694  8.329   1.00 19.05 ? 129 GLN A CD  1 
ATOM   993  O OE1 . GLN A 1 155 ? 11.909  11.042  9.368   1.00 18.19 ? 129 GLN A OE1 1 
ATOM   994  N NE2 . GLN A 1 155 ? 11.768  13.026  8.321   1.00 18.15 ? 129 GLN A NE2 1 
ATOM   995  N N   . LYS A 1 156 ? 12.605  6.622   4.797   1.00 16.08 ? 130 LYS A N   1 
ATOM   996  C CA  . LYS A 1 156 ? 13.285  5.344   4.569   1.00 18.52 ? 130 LYS A CA  1 
ATOM   997  C C   . LYS A 1 156 ? 13.380  4.521   5.848   1.00 17.24 ? 130 LYS A C   1 
ATOM   998  O O   . LYS A 1 156 ? 14.356  3.794   6.063   1.00 19.26 ? 130 LYS A O   1 
ATOM   999  C CB  . LYS A 1 156 ? 14.676  5.548   3.956   1.00 20.74 ? 130 LYS A CB  1 
ATOM   1000 C CG  . LYS A 1 156 ? 14.656  6.163   2.564   1.00 29.73 ? 130 LYS A CG  1 
ATOM   1001 N N   . LYS A 1 157 ? 12.373  4.634   6.708   1.00 14.76 ? 131 LYS A N   1 
ATOM   1002 C CA  . LYS A 1 157 ? 12.288  3.828   7.913   1.00 13.85 ? 131 LYS A CA  1 
ATOM   1003 C C   . LYS A 1 157 ? 11.401  2.619   7.649   1.00 19.76 ? 131 LYS A C   1 
ATOM   1004 O O   . LYS A 1 157 ? 10.468  2.672   6.843   1.00 20.71 ? 131 LYS A O   1 
ATOM   1005 C CB  . LYS A 1 157 ? 11.732  4.638   9.086   1.00 16.45 ? 131 LYS A CB  1 
ATOM   1006 C CG  . LYS A 1 157 ? 12.481  5.931   9.351   1.00 17.95 ? 131 LYS A CG  1 
ATOM   1007 C CD  . LYS A 1 157 ? 13.915  5.619   9.678   1.00 21.59 ? 131 LYS A CD  1 
ATOM   1008 C CE  . LYS A 1 157 ? 14.648  6.867   10.088  1.00 30.11 ? 131 LYS A CE  1 
ATOM   1009 N NZ  . LYS A 1 157 ? 16.005  6.556   10.608  1.00 35.14 ? 131 LYS A NZ  1 
ATOM   1010 N N   . LYS A 1 158 ? 11.706  1.526   8.332   1.00 14.34 ? 132 LYS A N   1 
ATOM   1011 C CA  . LYS A 1 158 ? 10.907  0.309   8.278   1.00 12.83 ? 132 LYS A CA  1 
ATOM   1012 C C   . LYS A 1 158 ? 10.018  0.210   9.511   1.00 12.05 ? 132 LYS A C   1 
ATOM   1013 O O   . LYS A 1 158 ? 10.353  0.729   10.574  1.00 12.49 ? 132 LYS A O   1 
ATOM   1014 C CB  . LYS A 1 158 ? 11.813  -0.914  8.182   1.00 14.53 ? 132 LYS A CB  1 
ATOM   1015 C CG  . LYS A 1 158 ? 12.620  -0.939  6.889   1.00 18.35 ? 132 LYS A CG  1 
ATOM   1016 C CD  . LYS A 1 158 ? 13.736  -1.955  6.945   1.00 21.29 ? 132 LYS A CD  1 
ATOM   1017 C CE  . LYS A 1 158 ? 14.684  -1.785  5.767   1.00 33.80 ? 132 LYS A CE  1 
ATOM   1018 N N   . PHE A 1 159 ? 8.895   -0.501  9.387   1.00 11.28 ? 133 PHE A N   1 
ATOM   1019 C CA  . PHE A 1 159 ? 7.928   -0.457  10.477  1.00 11.66 ? 133 PHE A CA  1 
ATOM   1020 C C   . PHE A 1 159 ? 7.066   -1.712  10.541  1.00 12.08 ? 133 PHE A C   1 
ATOM   1021 O O   . PHE A 1 159 ? 6.887   -2.432  9.556   1.00 11.57 ? 133 PHE A O   1 
ATOM   1022 C CB  . PHE A 1 159 ? 7.027   0.782   10.350  1.00 12.52 ? 133 PHE A CB  1 
ATOM   1023 C CG  . PHE A 1 159 ? 6.329   0.890   9.024   1.00 12.77 ? 133 PHE A CG  1 
ATOM   1024 C CD1 . PHE A 1 159 ? 5.136   0.227   8.802   1.00 11.92 ? 133 PHE A CD1 1 
ATOM   1025 C CD2 . PHE A 1 159 ? 6.870   1.647   8.000   1.00 15.60 ? 133 PHE A CD2 1 
ATOM   1026 C CE1 . PHE A 1 159 ? 4.499   0.317   7.580   1.00 14.04 ? 133 PHE A CE1 1 
ATOM   1027 C CE2 . PHE A 1 159 ? 6.236   1.747   6.781   1.00 17.91 ? 133 PHE A CE2 1 
ATOM   1028 C CZ  . PHE A 1 159 ? 5.045   1.075   6.571   1.00 16.10 ? 133 PHE A CZ  1 
ATOM   1029 N N   . HIS A 1 160 ? 6.533   -1.942  11.742  1.00 12.05 ? 134 HIS A N   1 
ATOM   1030 C CA  . HIS A 1 160 ? 5.473   -2.900  12.017  1.00 11.54 ? 134 HIS A CA  1 
ATOM   1031 C C   . HIS A 1 160 ? 4.306   -2.132  12.604  1.00 13.81 ? 134 HIS A C   1 
ATOM   1032 O O   . HIS A 1 160 ? 4.484   -1.380  13.572  1.00 14.78 ? 134 HIS A O   1 
ATOM   1033 C CB  . HIS A 1 160 ? 5.920   -3.980  13.012  1.00 13.38 ? 134 HIS A CB  1 
ATOM   1034 C CG  . HIS A 1 160 ? 6.797   -5.038  12.420  1.00 16.27 ? 134 HIS A CG  1 
ATOM   1035 N ND1 . HIS A 1 160 ? 7.334   -6.059  13.179  1.00 20.86 ? 134 HIS A ND1 1 
ATOM   1036 C CD2 . HIS A 1 160 ? 7.244   -5.235  11.159  1.00 13.60 ? 134 HIS A CD2 1 
ATOM   1037 C CE1 . HIS A 1 160 ? 8.061   -6.844  12.408  1.00 21.82 ? 134 HIS A CE1 1 
ATOM   1038 N NE2 . HIS A 1 160 ? 8.022   -6.370  11.176  1.00 17.88 ? 134 HIS A NE2 1 
ATOM   1039 N N   . GLY A 1 161 ? 3.115   -2.336  12.046  1.00 14.91 ? 135 GLY A N   1 
ATOM   1040 C CA  . GLY A 1 161 ? 1.944   -1.618  12.501  1.00 18.11 ? 135 GLY A CA  1 
ATOM   1041 C C   . GLY A 1 161 ? 0.747   -2.536  12.639  1.00 14.28 ? 135 GLY A C   1 
ATOM   1042 O O   . GLY A 1 161 ? 0.703   -3.627  12.069  1.00 12.83 ? 135 GLY A O   1 
ATOM   1043 N N   . TYR A 1 162 ? -0.210  -2.075  13.449  1.00 12.03 ? 136 TYR A N   1 
ATOM   1044 C CA  A TYR A 1 162 ? -1.502  -2.728  13.633  0.49 11.51 ? 136 TYR A CA  1 
ATOM   1045 C CA  B TYR A 1 162 ? -1.503  -2.720  13.623  0.51 11.50 ? 136 TYR A CA  1 
ATOM   1046 C C   . TYR A 1 162 ? -2.555  -1.635  13.741  1.00 10.75 ? 136 TYR A C   1 
ATOM   1047 O O   . TYR A 1 162 ? -2.397  -0.702  14.532  1.00 15.43 ? 136 TYR A O   1 
ATOM   1048 C CB  A TYR A 1 162 ? -1.499  -3.622  14.889  0.49 14.68 ? 136 TYR A CB  1 
ATOM   1049 C CB  B TYR A 1 162 ? -1.541  -3.603  14.870  0.51 14.66 ? 136 TYR A CB  1 
ATOM   1050 C CG  A TYR A 1 162 ? -2.682  -4.572  15.047  0.49 14.06 ? 136 TYR A CG  1 
ATOM   1051 C CG  B TYR A 1 162 ? -2.947  -3.892  15.356  0.51 14.61 ? 136 TYR A CG  1 
ATOM   1052 C CD1 A TYR A 1 162 ? -3.938  -4.098  15.405  0.49 13.14 ? 136 TYR A CD1 1 
ATOM   1053 C CD1 B TYR A 1 162 ? -3.703  -4.898  14.771  0.51 13.61 ? 136 TYR A CD1 1 
ATOM   1054 C CD2 A TYR A 1 162 ? -2.533  -5.944  14.869  0.49 14.87 ? 136 TYR A CD2 1 
ATOM   1055 C CD2 B TYR A 1 162 ? -3.516  -3.160  16.392  0.51 15.00 ? 136 TYR A CD2 1 
ATOM   1056 C CE1 A TYR A 1 162 ? -5.017  -4.957  15.556  0.49 16.14 ? 136 TYR A CE1 1 
ATOM   1057 C CE1 B TYR A 1 162 ? -4.986  -5.177  15.207  0.51 14.76 ? 136 TYR A CE1 1 
ATOM   1058 C CE2 A TYR A 1 162 ? -3.607  -6.811  15.023  0.49 18.35 ? 136 TYR A CE2 1 
ATOM   1059 C CE2 B TYR A 1 162 ? -4.807  -3.429  16.834  0.51 13.55 ? 136 TYR A CE2 1 
ATOM   1060 C CZ  A TYR A 1 162 ? -4.844  -6.311  15.367  0.49 14.88 ? 136 TYR A CZ  1 
ATOM   1061 C CZ  B TYR A 1 162 ? -5.532  -4.442  16.240  0.51 16.29 ? 136 TYR A CZ  1 
ATOM   1062 O OH  A TYR A 1 162 ? -5.924  -7.163  15.522  0.49 12.88 ? 136 TYR A OH  1 
ATOM   1063 O OH  B TYR A 1 162 ? -6.805  -4.725  16.672  0.51 20.17 ? 136 TYR A OH  1 
ATOM   1064 N N   . PHE A 1 163 ? -3.620  -1.742  12.952  1.00 10.51 ? 137 PHE A N   1 
ATOM   1065 C CA  . PHE A 1 163 ? -4.686  -0.753  12.979  1.00 10.45 ? 137 PHE A CA  1 
ATOM   1066 C C   . PHE A 1 163 ? -6.010  -1.471  13.147  1.00 12.35 ? 137 PHE A C   1 
ATOM   1067 O O   . PHE A 1 163 ? -6.332  -2.372  12.368  1.00 12.49 ? 137 PHE A O   1 
ATOM   1068 C CB  . PHE A 1 163 ? -4.688  0.114   11.706  1.00 12.48 ? 137 PHE A CB  1 
ATOM   1069 C CG  . PHE A 1 163 ? -3.498  1.018   11.608  1.00 10.52 ? 137 PHE A CG  1 
ATOM   1070 C CD1 . PHE A 1 163 ? -2.315  0.556   11.054  1.00 13.58 ? 137 PHE A CD1 1 
ATOM   1071 C CD2 . PHE A 1 163 ? -3.556  2.314   12.092  1.00 11.56 ? 137 PHE A CD2 1 
ATOM   1072 C CE1 . PHE A 1 163 ? -1.204  1.383   10.995  1.00 14.30 ? 137 PHE A CE1 1 
ATOM   1073 C CE2 . PHE A 1 163 ? -2.443  3.134   12.029  1.00 13.12 ? 137 PHE A CE2 1 
ATOM   1074 C CZ  . PHE A 1 163 ? -1.288  2.680   11.489  1.00 13.19 ? 137 PHE A CZ  1 
ATOM   1075 N N   . LYS A 1 164 ? -6.773  -1.064  14.161  1.00 11.28 ? 138 LYS A N   1 
ATOM   1076 C CA  . LYS A 1 164 ? -8.128  -1.558  14.375  1.00 13.57 ? 138 LYS A CA  1 
ATOM   1077 C C   . LYS A 1 164 ? -9.104  -0.498  13.887  1.00 13.68 ? 138 LYS A C   1 
ATOM   1078 O O   . LYS A 1 164 ? -9.136  0.616   14.427  1.00 14.64 ? 138 LYS A O   1 
ATOM   1079 C CB  . LYS A 1 164 ? -8.374  -1.870  15.849  1.00 12.99 ? 138 LYS A CB  1 
ATOM   1080 C CG  . LYS A 1 164 ? -9.770  -2.431  16.145  1.00 13.93 ? 138 LYS A CG  1 
ATOM   1081 C CD  . LYS A 1 164 ? -10.035 -2.514  17.645  1.00 15.64 ? 138 LYS A CD  1 
ATOM   1082 C CE  . LYS A 1 164 ? -9.078  -3.443  18.370  1.00 30.16 ? 138 LYS A CE  1 
ATOM   1083 N N   . PHE A 1 165 ? -9.900  -0.852  12.890  1.00 11.91 ? 139 PHE A N   1 
ATOM   1084 C CA  . PHE A 1 165 ? -10.841 0.039   12.237  1.00 11.11 ? 139 PHE A CA  1 
ATOM   1085 C C   . PHE A 1 165 ? -12.266 -0.284  12.650  1.00 14.29 ? 139 PHE A C   1 
ATOM   1086 O O   . PHE A 1 165 ? -12.623 -1.452  12.844  1.00 15.27 ? 139 PHE A O   1 
ATOM   1087 C CB  . PHE A 1 165 ? -10.770 -0.098  10.712  1.00 12.93 ? 139 PHE A CB  1 
ATOM   1088 C CG  . PHE A 1 165 ? -9.769  0.800   10.050  1.00 14.86 ? 139 PHE A CG  1 
ATOM   1089 C CD1 . PHE A 1 165 ? -8.432  0.463   10.014  1.00 20.40 ? 139 PHE A CD1 1 
ATOM   1090 C CD2 . PHE A 1 165 ? -10.180 1.973   9.432   1.00 19.03 ? 139 PHE A CD2 1 
ATOM   1091 C CE1 . PHE A 1 165 ? -7.509  1.295   9.390   1.00 17.09 ? 139 PHE A CE1 1 
ATOM   1092 C CE2 . PHE A 1 165 ? -9.269  2.800   8.807   1.00 20.01 ? 139 PHE A CE2 1 
ATOM   1093 C CZ  . PHE A 1 165 ? -7.932  2.459   8.784   1.00 18.57 ? 139 PHE A CZ  1 
ATOM   1094 N N   . GLN A 1 166 ? -13.086 0.761   12.722  1.00 14.55 ? 140 GLN A N   1 
ATOM   1095 C CA  . GLN A 1 166 ? -14.539 0.628   12.729  1.00 19.53 ? 140 GLN A CA  1 
ATOM   1096 C C   . GLN A 1 166 ? -15.021 1.183   11.398  1.00 21.40 ? 140 GLN A C   1 
ATOM   1097 O O   . GLN A 1 166 ? -14.908 2.386   11.149  1.00 21.67 ? 140 GLN A O   1 
ATOM   1098 C CB  . GLN A 1 166 ? -15.164 1.377   13.904  1.00 24.09 ? 140 GLN A CB  1 
ATOM   1099 C CG  . GLN A 1 166 ? -16.647 1.065   14.121  1.00 31.93 ? 140 GLN A CG  1 
ATOM   1100 C CD  . GLN A 1 166 ? -17.040 1.098   15.589  1.00 34.21 ? 140 GLN A CD  1 
ATOM   1101 O OE1 . GLN A 1 166 ? -17.162 0.057   16.237  1.00 45.73 ? 140 GLN A OE1 1 
ATOM   1102 N NE2 . GLN A 1 166 ? -17.230 2.298   16.123  1.00 49.01 ? 140 GLN A NE2 1 
ATOM   1103 N N   . GLY A 1 167 ? -15.525 0.308   10.534  1.00 20.76 ? 141 GLY A N   1 
ATOM   1104 C CA  . GLY A 1 167 ? -15.803 0.761   9.189   1.00 26.76 ? 141 GLY A CA  1 
ATOM   1105 C C   . GLY A 1 167 ? -14.508 1.119   8.479   1.00 25.33 ? 141 GLY A C   1 
ATOM   1106 O O   . GLY A 1 167 ? -13.423 0.641   8.822   1.00 25.60 ? 141 GLY A O   1 
ATOM   1107 N N   . GLN A 1 168 ? -14.615 1.992   7.487   1.00 25.84 ? 142 GLN A N   1 
ATOM   1108 C CA  . GLN A 1 168 ? -13.459 2.338   6.674   1.00 27.18 ? 142 GLN A CA  1 
ATOM   1109 C C   . GLN A 1 168 ? -12.835 3.681   7.040   1.00 24.72 ? 142 GLN A C   1 
ATOM   1110 O O   . GLN A 1 168 ? -11.795 4.032   6.484   1.00 24.53 ? 142 GLN A O   1 
ATOM   1111 C CB  . GLN A 1 168 ? -13.844 2.335   5.194   1.00 32.95 ? 142 GLN A CB  1 
ATOM   1112 C CG  . GLN A 1 168 ? -14.675 1.133   4.788   1.00 35.15 ? 142 GLN A CG  1 
ATOM   1113 C CD  . GLN A 1 168 ? -14.362 0.667   3.383   1.00 45.89 ? 142 GLN A CD  1 
ATOM   1114 O OE1 . GLN A 1 168 ? -13.919 1.450   2.544   1.00 44.61 ? 142 GLN A OE1 1 
ATOM   1115 N NE2 . GLN A 1 168 ? -14.591 -0.614  3.120   1.00 55.05 ? 142 GLN A NE2 1 
ATOM   1116 N N   . ASP A 1 169 ? -13.426 4.433   7.964   1.00 22.50 ? 143 ASP A N   1 
ATOM   1117 C CA  . ASP A 1 169 ? -12.989 5.799   8.220   1.00 23.78 ? 143 ASP A CA  1 
ATOM   1118 C C   . ASP A 1 169 ? -12.433 6.037   9.615   1.00 20.98 ? 143 ASP A C   1 
ATOM   1119 O O   . ASP A 1 169 ? -11.812 7.079   9.836   1.00 25.22 ? 143 ASP A O   1 
ATOM   1120 C CB  . ASP A 1 169 ? -14.145 6.793   7.999   1.00 25.83 ? 143 ASP A CB  1 
ATOM   1121 C CG  . ASP A 1 169 ? -14.843 6.595   6.672   1.00 38.80 ? 143 ASP A CG  1 
ATOM   1122 O OD1 . ASP A 1 169 ? -14.205 6.067   5.739   1.00 38.25 ? 143 ASP A OD1 1 
ATOM   1123 O OD2 . ASP A 1 169 ? -16.030 6.971   6.561   1.00 45.96 ? 143 ASP A OD2 1 
ATOM   1124 N N   . THR A 1 170 ? -12.645 5.125   10.558  1.00 18.68 ? 144 THR A N   1 
ATOM   1125 C CA  . THR A 1 170 ? -12.371 5.383   11.966  1.00 14.10 ? 144 THR A CA  1 
ATOM   1126 C C   . THR A 1 170 ? -11.345 4.383   12.472  1.00 13.70 ? 144 THR A C   1 
ATOM   1127 O O   . THR A 1 170 ? -11.588 3.171   12.439  1.00 15.08 ? 144 THR A O   1 
ATOM   1128 C CB  . THR A 1 170 ? -13.648 5.286   12.801  1.00 18.97 ? 144 THR A CB  1 
ATOM   1129 O OG1 . THR A 1 170 ? -14.621 6.204   12.281  1.00 21.00 ? 144 THR A OG1 1 
ATOM   1130 C CG2 . THR A 1 170 ? -13.356 5.611   14.266  1.00 17.85 ? 144 THR A CG2 1 
ATOM   1131 N N   . ILE A 1 171 ? -10.220 4.893   12.960  1.00 15.11 ? 145 ILE A N   1 
ATOM   1132 C CA  . ILE A 1 171 ? -9.220  4.091   13.657  1.00 12.23 ? 145 ILE A CA  1 
ATOM   1133 C C   . ILE A 1 171 ? -9.577  4.088   15.134  1.00 13.63 ? 145 ILE A C   1 
ATOM   1134 O O   . ILE A 1 171 ? -9.497  5.123   15.799  1.00 15.28 ? 145 ILE A O   1 
ATOM   1135 C CB  . ILE A 1 171 ? -7.811  4.645   13.434  1.00 11.89 ? 145 ILE A CB  1 
ATOM   1136 C CG1 . ILE A 1 171 ? -7.431  4.533   11.956  1.00 16.22 ? 145 ILE A CG1 1 
ATOM   1137 C CG2 . ILE A 1 171 ? -6.801  3.920   14.312  1.00 14.04 ? 145 ILE A CG2 1 
ATOM   1138 C CD1 . ILE A 1 171 ? -6.110  5.193   11.641  1.00 17.07 ? 145 ILE A CD1 1 
ATOM   1139 N N   . LEU A 1 172 ? -9.959  2.922   15.647  1.00 13.00 ? 146 LEU A N   1 
ATOM   1140 C CA  . LEU A 1 172 ? -10.280 2.798   17.067  1.00 12.23 ? 146 LEU A CA  1 
ATOM   1141 C C   . LEU A 1 172 ? -9.019  2.758   17.916  1.00 18.11 ? 146 LEU A C   1 
ATOM   1142 O O   . LEU A 1 172 ? -8.965  3.386   18.980  1.00 18.36 ? 146 LEU A O   1 
ATOM   1143 C CB  . LEU A 1 172 ? -11.123 1.547   17.309  1.00 15.28 ? 146 LEU A CB  1 
ATOM   1144 C CG  . LEU A 1 172 ? -12.479 1.483   16.615  1.00 13.99 ? 146 LEU A CG  1 
ATOM   1145 C CD1 . LEU A 1 172 ? -13.116 0.116   16.830  1.00 18.85 ? 146 LEU A CD1 1 
ATOM   1146 C CD2 . LEU A 1 172 ? -13.373 2.575   17.179  1.00 16.94 ? 146 LEU A CD2 1 
ATOM   1147 N N   . ASP A 1 173 ? -8.002  2.040   17.451  1.00 14.47 ? 147 ASP A N   1 
ATOM   1148 C CA  . ASP A 1 173 ? -6.774  1.790   18.189  1.00 16.23 ? 147 ASP A CA  1 
ATOM   1149 C C   . ASP A 1 173 ? -5.706  1.434   17.167  1.00 12.71 ? 147 ASP A C   1 
ATOM   1150 O O   . ASP A 1 173 ? -6.016  0.967   16.066  1.00 13.62 ? 147 ASP A O   1 
ATOM   1151 C CB  . ASP A 1 173 ? -6.924  0.638   19.197  1.00 19.15 ? 147 ASP A CB  1 
ATOM   1152 C CG  . ASP A 1 173 ? -8.034  0.871   20.210  1.00 31.54 ? 147 ASP A CG  1 
ATOM   1153 O OD1 . ASP A 1 173 ? -7.812  1.589   21.212  1.00 28.35 ? 147 ASP A OD1 1 
ATOM   1154 O OD2 . ASP A 1 173 ? -9.149  0.361   19.974  1.00 30.09 ? 147 ASP A OD2 1 
ATOM   1155 N N   . TYR A 1 174 ? -4.453  1.677   17.524  1.00 14.69 ? 148 TYR A N   1 
ATOM   1156 C CA  . TYR A 1 174 ? -3.367  1.283   16.639  1.00 13.37 ? 148 TYR A CA  1 
ATOM   1157 C C   . TYR A 1 174 ? -2.079  1.177   17.426  1.00 15.31 ? 148 TYR A C   1 
ATOM   1158 O O   . TYR A 1 174 ? -1.943  1.732   18.525  1.00 16.72 ? 148 TYR A O   1 
ATOM   1159 C CB  . TYR A 1 174 ? -3.184  2.273   15.484  1.00 13.67 ? 148 TYR A CB  1 
ATOM   1160 C CG  . TYR A 1 174 ? -2.384  3.493   15.859  1.00 14.26 ? 148 TYR A CG  1 
ATOM   1161 C CD1 . TYR A 1 174 ? -2.974  4.529   16.565  1.00 15.26 ? 148 TYR A CD1 1 
ATOM   1162 C CD2 . TYR A 1 174 ? -1.041  3.597   15.530  1.00 16.05 ? 148 TYR A CD2 1 
ATOM   1163 C CE1 . TYR A 1 174 ? -2.247  5.647   16.934  1.00 19.54 ? 148 TYR A CE1 1 
ATOM   1164 C CE2 . TYR A 1 174 ? -0.303  4.707   15.896  1.00 18.03 ? 148 TYR A CE2 1 
ATOM   1165 C CZ  . TYR A 1 174 ? -0.915  5.728   16.594  1.00 19.31 ? 148 TYR A CZ  1 
ATOM   1166 O OH  . TYR A 1 174 ? -0.193  6.838   16.958  1.00 24.96 ? 148 TYR A OH  1 
ATOM   1167 N N   . THR A 1 175 ? -1.129  0.461   16.835  1.00 16.14 ? 149 THR A N   1 
ATOM   1168 C CA  . THR A 1 175 ? 0.257   0.509   17.261  1.00 14.99 ? 149 THR A CA  1 
ATOM   1169 C C   . THR A 1 175 ? 1.125   0.642   16.021  1.00 15.23 ? 149 THR A C   1 
ATOM   1170 O O   . THR A 1 175 ? 0.769   0.158   14.944  1.00 15.82 ? 149 THR A O   1 
ATOM   1171 C CB  . THR A 1 175 ? 0.660   -0.735  18.067  1.00 16.93 ? 149 THR A CB  1 
ATOM   1172 O OG1 . THR A 1 175 ? 0.584   -1.893  17.237  1.00 21.28 ? 149 THR A OG1 1 
ATOM   1173 C CG2 . THR A 1 175 ? -0.257  -0.914  19.282  1.00 22.06 ? 149 THR A CG2 1 
ATOM   1174 N N   . LEU A 1 176 ? 2.255   1.323   16.169  1.00 14.19 ? 150 LEU A N   1 
ATOM   1175 C CA  . LEU A 1 176 ? 3.176   1.487   15.049  1.00 14.45 ? 150 LEU A CA  1 
ATOM   1176 C C   . LEU A 1 176 ? 4.568   1.698   15.609  1.00 15.87 ? 150 LEU A C   1 
ATOM   1177 O O   . LEU A 1 176 ? 4.784   2.633   16.392  1.00 20.98 ? 150 LEU A O   1 
ATOM   1178 C CB  . LEU A 1 176 ? 2.757   2.659   14.166  1.00 15.26 ? 150 LEU A CB  1 
ATOM   1179 C CG  . LEU A 1 176 ? 3.611   2.928   12.928  1.00 15.38 ? 150 LEU A CG  1 
ATOM   1180 C CD1 . LEU A 1 176 ? 3.534   1.747   11.985  1.00 15.83 ? 150 LEU A CD1 1 
ATOM   1181 C CD2 . LEU A 1 176 ? 3.130   4.196   12.248  1.00 19.61 ? 150 LEU A CD2 1 
ATOM   1182 N N   . ARG A 1 177 ? 5.502   0.835   15.236  1.00 15.35 ? 151 ARG A N   1 
ATOM   1183 C CA  . ARG A 1 177 ? 6.866   1.001   15.711  1.00 19.08 ? 151 ARG A CA  1 
ATOM   1184 C C   . ARG A 1 177 ? 7.856   0.758   14.582  1.00 15.66 ? 151 ARG A C   1 
ATOM   1185 O O   . ARG A 1 177 ? 7.630   -0.057  13.678  1.00 14.62 ? 151 ARG A O   1 
ATOM   1186 C CB  . ARG A 1 177 ? 7.166   0.086   16.906  1.00 24.23 ? 151 ARG A CB  1 
ATOM   1187 C CG  . ARG A 1 177 ? 7.449   -1.354  16.567  1.00 22.07 ? 151 ARG A CG  1 
ATOM   1188 C CD  . ARG A 1 177 ? 8.165   -2.025  17.739  1.00 28.79 ? 151 ARG A CD  1 
ATOM   1189 N NE  . ARG A 1 177 ? 8.333   -3.463  17.543  1.00 36.16 ? 151 ARG A NE  1 
ATOM   1190 C CZ  . ARG A 1 177 ? 9.457   -4.036  17.128  1.00 36.52 ? 151 ARG A CZ  1 
ATOM   1191 N N   . GLU A 1 178 ? 8.953   1.507   14.627  1.00 15.99 ? 152 GLU A N   1 
ATOM   1192 C CA  . GLU A 1 178 ? 10.032  1.301   13.679  1.00 14.60 ? 152 GLU A CA  1 
ATOM   1193 C C   . GLU A 1 178 ? 10.798  0.037   14.023  1.00 13.48 ? 152 GLU A C   1 
ATOM   1194 O O   . GLU A 1 178 ? 10.931  -0.339  15.194  1.00 18.71 ? 152 GLU A O   1 
ATOM   1195 C CB  . GLU A 1 178 ? 10.992  2.488   13.676  1.00 15.64 ? 152 GLU A CB  1 
ATOM   1196 C CG  . GLU A 1 178 ? 10.318  3.782   13.390  1.00 21.06 ? 152 GLU A CG  1 
ATOM   1197 C CD  . GLU A 1 178 ? 11.293  4.918   13.164  1.00 24.70 ? 152 GLU A CD  1 
ATOM   1198 O OE1 . GLU A 1 178 ? 12.505  4.663   13.006  1.00 26.49 ? 152 GLU A OE1 1 
ATOM   1199 O OE2 . GLU A 1 178 ? 10.827  6.069   13.129  1.00 30.60 ? 152 GLU A OE2 1 
ATOM   1200 N N   . VAL A 1 179 ? 11.305  -0.626  12.989  1.00 12.57 ? 153 VAL A N   1 
ATOM   1201 C CA  . VAL A 1 179 ? 12.053  -1.866  13.151  1.00 13.15 ? 153 VAL A CA  1 
ATOM   1202 C C   . VAL A 1 179 ? 13.270  -1.826  12.234  1.00 15.96 ? 153 VAL A C   1 
ATOM   1203 O O   . VAL A 1 179 ? 13.316  -1.088  11.244  1.00 16.66 ? 153 VAL A O   1 
ATOM   1204 C CB  . VAL A 1 179 ? 11.209  -3.122  12.833  1.00 16.65 ? 153 VAL A CB  1 
ATOM   1205 C CG1 . VAL A 1 179 ? 10.016  -3.246  13.800  1.00 17.26 ? 153 VAL A CG1 1 
ATOM   1206 C CG2 . VAL A 1 179 ? 10.738  -3.086  11.385  1.00 16.76 ? 153 VAL A CG2 1 
ATOM   1207 N N   . ASP A 1 180 ? 14.265  -2.646  12.570  1.00 17.55 ? 154 ASP A N   1 
ATOM   1208 C CA  . ASP A 1 180 ? 15.413  -2.811  11.690  1.00 20.94 ? 154 ASP A CA  1 
ATOM   1209 C C   . ASP A 1 180 ? 15.225  -3.916  10.659  1.00 16.67 ? 154 ASP A C   1 
ATOM   1210 O O   . ASP A 1 180 ? 15.824  -3.848  9.579   1.00 21.08 ? 154 ASP A O   1 
ATOM   1211 C CB  . ASP A 1 180 ? 16.672  -3.099  12.513  1.00 19.63 ? 154 ASP A CB  1 
ATOM   1212 C CG  . ASP A 1 180 ? 17.058  -1.937  13.403  1.00 25.52 ? 154 ASP A CG  1 
ATOM   1213 O OD1 . ASP A 1 180 ? 16.980  -0.787  12.930  1.00 27.79 ? 154 ASP A OD1 1 
ATOM   1214 O OD2 . ASP A 1 180 ? 17.446  -2.177  14.564  1.00 29.87 ? 154 ASP A OD2 1 
ATOM   1215 N N   . THR A 1 181 ? 14.411  -4.930  10.965  1.00 17.95 ? 155 THR A N   1 
ATOM   1216 C CA  . THR A 1 181 ? 14.123  -6.041  10.064  1.00 16.47 ? 155 THR A CA  1 
ATOM   1217 C C   . THR A 1 181 ? 12.613  -6.136  9.911   1.00 17.25 ? 155 THR A C   1 
ATOM   1218 O O   . THR A 1 181 ? 11.900  -6.259  10.909  1.00 19.51 ? 155 THR A O   1 
ATOM   1219 C CB  . THR A 1 181 ? 14.681  -7.366  10.606  1.00 16.09 ? 155 THR A CB  1 
ATOM   1220 O OG1 . THR A 1 181 ? 16.061  -7.202  10.961  1.00 25.88 ? 155 THR A OG1 1 
ATOM   1221 C CG2 . THR A 1 181 ? 14.552  -8.466  9.575   1.00 24.97 ? 155 THR A CG2 1 
ATOM   1222 N N   . VAL A 1 182 ? 12.121  -6.065  8.677   1.00 15.25 ? 156 VAL A N   1 
ATOM   1223 C CA  . VAL A 1 182 ? 10.682  -6.183  8.453   1.00 14.68 ? 156 VAL A CA  1 
ATOM   1224 C C   . VAL A 1 182 ? 10.243  -7.611  8.715   1.00 20.97 ? 156 VAL A C   1 
ATOM   1225 O O   . VAL A 1 182 ? 9.246   -7.844  9.396   1.00 21.08 ? 156 VAL A O   1 
ATOM   1226 C CB  . VAL A 1 182 ? 10.297  -5.749  7.030   1.00 18.82 ? 156 VAL A CB  1 
ATOM   1227 C CG1 . VAL A 1 182 ? 8.809   -6.003  6.784   1.00 17.49 ? 156 VAL A CG1 1 
ATOM   1228 C CG2 . VAL A 1 182 ? 10.640  -4.285  6.822   1.00 18.31 ? 156 VAL A CG2 1 
ATOM   1229 O OXT . VAL A 1 182 ? 10.890  -8.553  8.258   1.00 21.17 ? 156 VAL A OXT 1 
HETATM 1230 S S   . SO4 B 2 .   ? 6.229   -6.001  16.600  1.00 60.18 ? 201 SO4 A S   1 
HETATM 1231 O O1  . SO4 B 2 .   ? 7.554   -6.407  16.127  1.00 47.13 ? 201 SO4 A O1  1 
HETATM 1232 O O2  . SO4 B 2 .   ? 5.767   -6.931  17.628  1.00 58.27 ? 201 SO4 A O2  1 
HETATM 1233 O O3  . SO4 B 2 .   ? 6.306   -4.652  17.155  1.00 48.52 ? 201 SO4 A O3  1 
HETATM 1234 O O4  . SO4 B 2 .   ? 5.274   -6.014  15.495  1.00 50.08 ? 201 SO4 A O4  1 
HETATM 1235 S S   . SO4 C 2 .   ? 3.495   10.098  -16.718 1.00 46.33 ? 202 SO4 A S   1 
HETATM 1236 O O1  . SO4 C 2 .   ? 4.836   9.597   -16.391 1.00 40.93 ? 202 SO4 A O1  1 
HETATM 1237 O O2  . SO4 C 2 .   ? 2.483   9.205   -16.149 1.00 43.05 ? 202 SO4 A O2  1 
HETATM 1238 O O3  . SO4 C 2 .   ? 3.298   11.440  -16.161 1.00 27.47 ? 202 SO4 A O3  1 
HETATM 1239 O O4  . SO4 C 2 .   ? 3.354   10.128  -18.174 1.00 31.62 ? 202 SO4 A O4  1 
HETATM 1240 S S   . SO4 D 2 .   ? 14.936  -5.811  1.011   1.00 50.36 ? 203 SO4 A S   1 
HETATM 1241 O O1  . SO4 D 2 .   ? 15.941  -6.870  1.089   1.00 55.58 ? 203 SO4 A O1  1 
HETATM 1242 O O2  . SO4 D 2 .   ? 14.856  -5.103  2.284   1.00 49.86 ? 203 SO4 A O2  1 
HETATM 1243 O O3  . SO4 D 2 .   ? 13.639  -6.405  0.696   1.00 37.26 ? 203 SO4 A O3  1 
HETATM 1244 O O4  . SO4 D 2 .   ? 15.312  -4.862  -0.036  1.00 53.17 ? 203 SO4 A O4  1 
HETATM 1245 O O   . HOH E 3 .   ? 5.680   7.890   -15.427 1.00 29.48 ? 301 HOH A O   1 
HETATM 1246 O O   . HOH E 3 .   ? 13.923  -4.653  4.189   1.00 29.28 ? 302 HOH A O   1 
HETATM 1247 O O   . HOH E 3 .   ? 2.938   -12.524 7.061   1.00 30.61 ? 303 HOH A O   1 
HETATM 1248 O O   . HOH E 3 .   ? 12.443  -7.558  -0.918  1.00 36.11 ? 304 HOH A O   1 
HETATM 1249 O O   . HOH E 3 .   ? -8.372  2.526   -2.004  1.00 33.88 ? 305 HOH A O   1 
HETATM 1250 O O   . HOH E 3 .   ? 5.535   13.740  -11.903 1.00 29.93 ? 306 HOH A O   1 
HETATM 1251 O O   . HOH E 3 .   ? 14.304  0.573   -5.966  1.00 31.78 ? 307 HOH A O   1 
HETATM 1252 O O   . HOH E 3 .   ? 12.169  7.930   12.458  1.00 22.33 ? 308 HOH A O   1 
HETATM 1253 O O   . HOH E 3 .   ? 12.144  -3.768  -14.296 1.00 38.62 ? 309 HOH A O   1 
HETATM 1254 O O   . HOH E 3 .   ? 14.362  3.103   12.471  1.00 30.62 ? 310 HOH A O   1 
HETATM 1255 O O   . HOH E 3 .   ? -3.479  2.098   3.235   1.00 27.18 ? 311 HOH A O   1 
HETATM 1256 O O   . HOH E 3 .   ? -17.114 -1.671  18.043  1.00 38.13 ? 312 HOH A O   1 
HETATM 1257 O O   . HOH E 3 .   ? -15.782 4.487   10.038  1.00 29.26 ? 313 HOH A O   1 
HETATM 1258 O O   . HOH E 3 .   ? 13.216  12.834  -1.122  1.00 42.71 ? 314 HOH A O   1 
HETATM 1259 O O   . HOH E 3 .   ? 16.994  -8.294  13.074  1.00 23.90 ? 315 HOH A O   1 
HETATM 1260 O O   . HOH E 3 .   ? 3.320   -14.418 -9.518  1.00 31.15 ? 316 HOH A O   1 
HETATM 1261 O O   . HOH E 3 .   ? 9.953   -13.901 -4.752  1.00 30.88 ? 317 HOH A O   1 
HETATM 1262 O O   . HOH E 3 .   ? -5.228  -9.110  17.055  1.00 32.31 ? 318 HOH A O   1 
HETATM 1263 O O   . HOH E 3 .   ? 6.146   -17.006 -6.715  1.00 28.79 ? 319 HOH A O   1 
HETATM 1264 O O   . HOH E 3 .   ? 12.879  -8.900  6.635   1.00 28.99 ? 320 HOH A O   1 
HETATM 1265 O O   . HOH E 3 .   ? -4.397  0.371   -14.342 1.00 23.72 ? 321 HOH A O   1 
HETATM 1266 O O   . HOH E 3 .   ? 10.168  -7.758  -13.042 1.00 31.62 ? 322 HOH A O   1 
HETATM 1267 O O   . HOH E 3 .   ? -0.786  -13.798 7.198   1.00 31.09 ? 323 HOH A O   1 
HETATM 1268 O O   . HOH E 3 .   ? 2.834   3.253   -5.760  1.00 14.55 ? 324 HOH A O   1 
HETATM 1269 O O   . HOH E 3 .   ? 0.078   16.408  2.157   1.00 32.43 ? 325 HOH A O   1 
HETATM 1270 O O   . HOH E 3 .   ? -4.763  4.964   1.179   1.00 14.67 ? 326 HOH A O   1 
HETATM 1271 O O   . HOH E 3 .   ? 0.145   15.604  -9.203  1.00 32.38 ? 327 HOH A O   1 
HETATM 1272 O O   . HOH E 3 .   ? -11.915 -5.279  -14.981 1.00 30.83 ? 328 HOH A O   1 
HETATM 1273 O O   . HOH E 3 .   ? 8.390   16.735  -3.973  1.00 37.17 ? 329 HOH A O   1 
HETATM 1274 O O   . HOH E 3 .   ? -3.741  7.592   -14.852 1.00 25.57 ? 330 HOH A O   1 
HETATM 1275 O O   . HOH E 3 .   ? 11.449  12.439  -8.198  1.00 30.46 ? 331 HOH A O   1 
HETATM 1276 O O   . HOH E 3 .   ? -14.234 8.830   12.173  1.00 32.13 ? 332 HOH A O   1 
HETATM 1277 O O   . HOH E 3 .   ? -5.260  -15.157 -3.140  1.00 32.93 ? 333 HOH A O   1 
HETATM 1278 O O   . HOH E 3 .   ? 16.041  9.201   6.125   1.00 39.94 ? 334 HOH A O   1 
HETATM 1279 O O   . HOH E 3 .   ? -4.084  -13.729 0.054   1.00 22.45 ? 335 HOH A O   1 
HETATM 1280 O O   . HOH E 3 .   ? -3.552  -22.988 -6.860  1.00 17.77 ? 336 HOH A O   1 
HETATM 1281 O O   . HOH E 3 .   ? -9.105  -10.660 4.221   1.00 23.25 ? 337 HOH A O   1 
HETATM 1282 O O   . HOH E 3 .   ? -6.222  -5.790  -5.470  1.00 29.57 ? 338 HOH A O   1 
HETATM 1283 O O   . HOH E 3 .   ? -5.908  -2.484  -4.537  1.00 28.25 ? 339 HOH A O   1 
HETATM 1284 O O   . HOH E 3 .   ? -7.416  4.393   -19.955 1.00 26.44 ? 340 HOH A O   1 
HETATM 1285 O O   . HOH E 3 .   ? -15.821 -2.669  10.824  1.00 28.20 ? 341 HOH A O   1 
HETATM 1286 O O   . HOH E 3 .   ? -2.538  16.506  -4.050  1.00 27.23 ? 342 HOH A O   1 
HETATM 1287 O O   . HOH E 3 .   ? 7.906   -12.133 -10.057 1.00 38.27 ? 343 HOH A O   1 
HETATM 1288 O O   . HOH E 3 .   ? -6.886  -17.534 8.508   1.00 39.12 ? 344 HOH A O   1 
HETATM 1289 O O   . HOH E 3 .   ? 1.254   12.252  7.795   1.00 34.17 ? 345 HOH A O   1 
HETATM 1290 O O   . HOH E 3 .   ? -6.293  11.850  -13.204 1.00 33.19 ? 346 HOH A O   1 
HETATM 1291 O O   . HOH E 3 .   ? -9.046  -4.228  -16.277 1.00 23.99 ? 347 HOH A O   1 
HETATM 1292 O O   . HOH E 3 .   ? 10.933  10.640  0.583   1.00 27.28 ? 348 HOH A O   1 
HETATM 1293 O O   . HOH E 3 .   ? 6.150   11.807  -15.353 1.00 23.50 ? 349 HOH A O   1 
HETATM 1294 O O   . HOH E 3 .   ? 13.924  11.027  3.059   1.00 38.81 ? 350 HOH A O   1 
HETATM 1295 O O   . HOH E 3 .   ? -4.256  9.255   5.538   1.00 18.07 ? 351 HOH A O   1 
HETATM 1296 O O   . HOH E 3 .   ? 12.050  4.121   -3.164  1.00 26.82 ? 352 HOH A O   1 
HETATM 1297 O O   . HOH E 3 .   ? -5.148  -17.052 5.402   1.00 35.18 ? 353 HOH A O   1 
HETATM 1298 O O   . HOH E 3 .   ? 13.850  1.451   10.315  1.00 21.10 ? 354 HOH A O   1 
HETATM 1299 O O   . HOH E 3 .   ? -10.381 -8.141  0.782   1.00 37.72 ? 355 HOH A O   1 
HETATM 1300 O O   . HOH E 3 .   ? 11.793  -2.101  17.153  1.00 36.95 ? 356 HOH A O   1 
HETATM 1301 O O   . HOH E 3 .   ? -7.389  4.946   20.650  1.00 30.56 ? 357 HOH A O   1 
HETATM 1302 O O   . HOH E 3 .   ? 1.652   16.845  -6.772  1.00 26.39 ? 358 HOH A O   1 
HETATM 1303 O O   . HOH E 3 .   ? 5.364   -5.187  -11.806 1.00 16.49 ? 359 HOH A O   1 
HETATM 1304 O O   . HOH E 3 .   ? -11.456 -0.921  -8.709  1.00 31.25 ? 360 HOH A O   1 
HETATM 1305 O O   . HOH E 3 .   ? 14.780  -4.112  -15.698 1.00 38.10 ? 361 HOH A O   1 
HETATM 1306 O O   . HOH E 3 .   ? -10.822 -16.842 10.153  1.00 36.85 ? 362 HOH A O   1 
HETATM 1307 O O   . HOH E 3 .   ? -1.054  -10.902 -13.624 1.00 33.60 ? 363 HOH A O   1 
HETATM 1308 O O   . HOH E 3 .   ? 7.489   -8.674  3.849   1.00 28.54 ? 364 HOH A O   1 
HETATM 1309 O O   . HOH E 3 .   ? -10.742 -7.955  10.590  1.00 14.58 ? 365 HOH A O   1 
HETATM 1310 O O   . HOH E 3 .   ? -1.977  -20.851 -7.791  1.00 26.92 ? 366 HOH A O   1 
HETATM 1311 O O   . HOH E 3 .   ? 7.266   -6.136  3.361   1.00 19.85 ? 367 HOH A O   1 
HETATM 1312 O O   . HOH E 3 .   ? -11.232 7.883   -10.808 1.00 28.01 ? 368 HOH A O   1 
HETATM 1313 O O   . HOH E 3 .   ? -10.550 -9.175  6.061   1.00 30.43 ? 369 HOH A O   1 
HETATM 1314 O O   . HOH E 3 .   ? 3.172   -2.344  15.889  1.00 26.63 ? 370 HOH A O   1 
HETATM 1315 O O   . HOH E 3 .   ? 6.860   -15.181 0.324   1.00 25.48 ? 371 HOH A O   1 
HETATM 1316 O O   . HOH E 3 .   ? -5.331  9.911   9.816   1.00 24.68 ? 372 HOH A O   1 
HETATM 1317 O O   . HOH E 3 .   ? 10.852  3.686   2.172   1.00 28.19 ? 373 HOH A O   1 
HETATM 1318 O O   . HOH E 3 .   ? -5.137  15.881  1.966   1.00 32.42 ? 374 HOH A O   1 
HETATM 1319 O O   . HOH E 3 .   ? -0.207  -9.713  -3.912  1.00 21.16 ? 375 HOH A O   1 
HETATM 1320 O O   . HOH E 3 .   ? 5.136   -11.707 -10.281 1.00 23.70 ? 376 HOH A O   1 
HETATM 1321 O O   . HOH E 3 .   ? 8.649   12.042  6.654   1.00 22.85 ? 377 HOH A O   1 
HETATM 1322 O O   . HOH E 3 .   ? -3.404  13.706  7.601   1.00 38.50 ? 378 HOH A O   1 
HETATM 1323 O O   . HOH E 3 .   ? 9.351   3.293   16.854  1.00 24.08 ? 379 HOH A O   1 
HETATM 1324 O O   . HOH E 3 .   ? 13.955  -5.888  6.441   1.00 25.29 ? 380 HOH A O   1 
HETATM 1325 O O   . HOH E 3 .   ? -4.840  1.823   -5.050  1.00 24.78 ? 381 HOH A O   1 
HETATM 1326 O O   . HOH E 3 .   ? 11.537  2.107   4.207   1.00 28.65 ? 382 HOH A O   1 
HETATM 1327 O O   . HOH E 3 .   ? -18.487 -10.671 9.119   1.00 34.25 ? 383 HOH A O   1 
HETATM 1328 O O   . HOH E 3 .   ? -4.606  -18.513 -5.423  1.00 24.04 ? 384 HOH A O   1 
HETATM 1329 O O   . HOH E 3 .   ? -1.608  3.051   0.590   1.00 13.35 ? 385 HOH A O   1 
HETATM 1330 O O   . HOH E 3 .   ? 17.292  4.361   9.195   1.00 42.54 ? 386 HOH A O   1 
HETATM 1331 O O   . HOH E 3 .   ? 11.979  9.728   -1.916  1.00 32.26 ? 387 HOH A O   1 
HETATM 1332 O O   . HOH E 3 .   ? 3.268   0.508   -18.912 1.00 32.48 ? 388 HOH A O   1 
HETATM 1333 O O   . HOH E 3 .   ? -2.880  -1.992  -15.432 1.00 28.87 ? 389 HOH A O   1 
HETATM 1334 O O   . HOH E 3 .   ? 2.496   9.534   -20.902 1.00 38.16 ? 390 HOH A O   1 
HETATM 1335 O O   . HOH E 3 .   ? 4.246   -2.882  18.242  1.00 38.28 ? 391 HOH A O   1 
HETATM 1336 O O   . HOH E 3 .   ? -6.602  -8.855  -4.665  1.00 26.87 ? 392 HOH A O   1 
HETATM 1337 O O   . HOH E 3 .   ? -6.931  2.802   -4.125  1.00 31.73 ? 393 HOH A O   1 
HETATM 1338 O O   . HOH E 3 .   ? 13.845  2.503   -15.639 1.00 39.81 ? 394 HOH A O   1 
HETATM 1339 O O   . HOH E 3 .   ? 8.626   -12.887 -0.848  1.00 25.21 ? 395 HOH A O   1 
HETATM 1340 O O   . HOH E 3 .   ? 12.213  14.566  5.849   1.00 24.29 ? 396 HOH A O   1 
HETATM 1341 O O   . HOH E 3 .   ? 2.670   -5.787  12.551  1.00 31.59 ? 397 HOH A O   1 
HETATM 1342 O O   . HOH E 3 .   ? -7.862  9.942   5.982   1.00 28.78 ? 398 HOH A O   1 
HETATM 1343 O O   . HOH E 3 .   ? -13.328 -11.188 7.271   1.00 21.74 ? 399 HOH A O   1 
HETATM 1344 O O   . HOH E 3 .   ? -3.166  5.121   -19.444 1.00 28.63 ? 400 HOH A O   1 
HETATM 1345 O O   . HOH E 3 .   ? -4.539  3.300   20.051  1.00 30.42 ? 401 HOH A O   1 
HETATM 1346 O O   . HOH E 3 .   ? -0.001  -4.684  18.206  1.00 36.76 ? 402 HOH A O   1 
HETATM 1347 O O   . HOH E 3 .   ? 13.367  7.282   -3.408  1.00 37.77 ? 403 HOH A O   1 
HETATM 1348 O O   . HOH E 3 .   ? 4.721   -12.453 9.128   1.00 33.66 ? 404 HOH A O   1 
HETATM 1349 O O   . HOH E 3 .   ? 2.245   2.737   18.871  1.00 28.06 ? 405 HOH A O   1 
HETATM 1350 O O   . HOH E 3 .   ? 1.463   -18.920 -8.166  1.00 35.77 ? 406 HOH A O   1 
HETATM 1351 O O   . HOH E 3 .   ? 9.726   -15.186 -9.815  1.00 41.67 ? 407 HOH A O   1 
HETATM 1352 O O   . HOH E 3 .   ? -4.909  -12.060 -6.264  1.00 29.82 ? 408 HOH A O   1 
HETATM 1353 O O   . HOH E 3 .   ? 12.584  4.366   -12.662 1.00 35.37 ? 409 HOH A O   1 
HETATM 1354 O O   . HOH E 3 .   ? 10.352  2.590   -19.098 1.00 39.49 ? 410 HOH A O   1 
HETATM 1355 O O   . HOH E 3 .   ? -3.482  -4.148  0.372   1.00 35.47 ? 411 HOH A O   1 
HETATM 1356 O O   . HOH E 3 .   ? 5.116   3.022   -21.957 1.00 36.18 ? 412 HOH A O   1 
HETATM 1357 O O   . HOH E 3 .   ? -17.496 3.066   6.814   1.00 32.17 ? 413 HOH A O   1 
HETATM 1358 O O   . HOH E 3 .   ? -17.108 6.868   14.133  1.00 34.39 ? 414 HOH A O   1 
HETATM 1359 O O   . HOH E 3 .   ? 7.616   -9.973  11.093  1.00 38.16 ? 415 HOH A O   1 
HETATM 1360 O O   . HOH E 3 .   ? -10.913 -14.507 -2.596  1.00 39.97 ? 416 HOH A O   1 
HETATM 1361 O O   . HOH E 3 .   ? -2.280  9.259   17.391  1.00 37.15 ? 417 HOH A O   1 
HETATM 1362 O O   . HOH E 3 .   ? -14.317 1.959   -15.672 1.00 34.53 ? 418 HOH A O   1 
HETATM 1363 O O   . HOH E 3 .   ? 8.040   -4.729  20.501  1.00 39.14 ? 419 HOH A O   1 
HETATM 1364 O O   . HOH E 3 .   ? -4.873  9.309   -16.189 1.00 31.32 ? 420 HOH A O   1 
HETATM 1365 O O   . HOH E 3 .   ? 14.567  0.638   14.618  1.00 37.12 ? 421 HOH A O   1 
HETATM 1366 O O   . HOH E 3 .   ? 6.907   -9.235  7.528   1.00 33.57 ? 422 HOH A O   1 
HETATM 1367 O O   . HOH E 3 .   ? 9.128   -9.947  5.806   1.00 36.13 ? 423 HOH A O   1 
HETATM 1368 O O   . HOH E 3 .   ? 0.670   -11.499 10.839  1.00 42.59 ? 424 HOH A O   1 
HETATM 1369 O O   . HOH E 3 .   ? -11.939 -0.392  21.720  0.50 33.77 ? 425 HOH A O   1 
HETATM 1370 O O   . HOH E 3 .   ? 12.617  -6.280  -13.506 1.00 38.47 ? 426 HOH A O   1 
HETATM 1371 O O   . HOH E 3 .   ? -3.349  11.191  16.502  1.00 42.57 ? 427 HOH A O   1 
HETATM 1372 O O   . HOH E 3 .   ? -6.653  7.266   -19.761 1.00 36.79 ? 428 HOH A O   1 
HETATM 1373 O O   . HOH E 3 .   ? 2.802   16.170  -9.575  1.00 36.09 ? 429 HOH A O   1 
HETATM 1374 O O   . HOH E 3 .   ? -14.775 8.860   -1.084  1.00 52.34 ? 430 HOH A O   1 
HETATM 1375 O O   . HOH E 3 .   ? -3.237  17.615  -0.743  1.00 40.35 ? 431 HOH A O   1 
HETATM 1376 O O   . HOH E 3 .   ? -3.171  16.559  3.462   1.00 36.36 ? 432 HOH A O   1 
HETATM 1377 O O   . HOH E 3 .   ? 10.826  -13.809 -2.302  1.00 38.96 ? 433 HOH A O   1 
HETATM 1378 O O   . HOH E 3 .   ? -10.032 -12.902 3.902   1.00 35.08 ? 434 HOH A O   1 
HETATM 1379 O O   . HOH E 3 .   ? 3.974   12.484  5.428   1.00 32.27 ? 435 HOH A O   1 
HETATM 1380 O O   . HOH E 3 .   ? -16.512 8.838   10.084  1.00 37.90 ? 436 HOH A O   1 
HETATM 1381 O O   . HOH E 3 .   ? -1.121  17.124  -6.618  1.00 31.53 ? 437 HOH A O   1 
HETATM 1382 O O   . HOH E 3 .   ? -13.114 -16.629 8.823   1.00 32.47 ? 438 HOH A O   1 
HETATM 1383 O O   . HOH E 3 .   ? 16.495  1.748   8.795   1.00 41.70 ? 439 HOH A O   1 
HETATM 1384 O O   . HOH E 3 .   ? 9.891   13.421  4.767   1.00 30.79 ? 440 HOH A O   1 
HETATM 1385 O O   . HOH E 3 .   ? -2.153  19.399  -7.788  1.00 43.68 ? 441 HOH A O   1 
HETATM 1386 O O   . HOH E 3 .   ? 8.616   -10.528 1.061   1.00 29.59 ? 442 HOH A O   1 
HETATM 1387 O O   . HOH E 3 .   ? 14.351  13.130  5.078   1.00 35.97 ? 443 HOH A O   1 
HETATM 1388 O O   . HOH E 3 .   ? -1.303  11.438  12.211  1.00 44.55 ? 444 HOH A O   1 
HETATM 1389 O O   . HOH E 3 .   ? -11.122 -2.984  2.507   1.00 40.82 ? 445 HOH A O   1 
HETATM 1390 O O   . HOH E 3 .   ? -6.531  -14.053 -5.259  1.00 37.24 ? 446 HOH A O   1 
HETATM 1391 O O   . HOH E 3 .   ? 4.368   -16.844 -9.250  1.00 35.07 ? 447 HOH A O   1 
HETATM 1392 O O   . HOH E 3 .   ? -7.063  -0.481  4.467   1.00 39.94 ? 448 HOH A O   1 
HETATM 1393 O O   . HOH E 3 .   ? -4.129  0.632   1.593   1.00 33.15 ? 449 HOH A O   1 
HETATM 1394 O O   . HOH E 3 .   ? 3.887   22.926  -7.958  1.00 47.34 ? 450 HOH A O   1 
HETATM 1395 O O   . HOH E 3 .   ? -18.251 -0.670  6.780   1.00 43.73 ? 451 HOH A O   1 
HETATM 1396 O O   . HOH E 3 .   ? 9.722   13.689  2.253   1.00 33.76 ? 452 HOH A O   1 
HETATM 1397 O O   . HOH E 3 .   ? 7.389   6.476   -23.768 0.50 37.31 ? 453 HOH A O   1 
HETATM 1398 O O   . HOH E 3 .   ? 12.740  5.069   -0.572  1.00 39.56 ? 454 HOH A O   1 
HETATM 1399 O O   . HOH E 3 .   ? -1.570  -9.696  14.425  1.00 38.78 ? 455 HOH A O   1 
HETATM 1400 O O   . HOH E 3 .   ? 1.753   -13.171 -13.386 1.00 40.36 ? 456 HOH A O   1 
HETATM 1401 O O   . HOH E 3 .   ? -16.560 10.381  2.655   1.00 47.84 ? 457 HOH A O   1 
HETATM 1402 O O   . HOH E 3 .   ? 14.738  3.426   0.259   1.00 45.06 ? 458 HOH A O   1 
# 
